data_3ZZ5
# 
_entry.id   3ZZ5 
# 
_audit_conform.dict_name       mmcif_pdbx.dic 
_audit_conform.dict_version    5.397 
_audit_conform.dict_location   http://mmcif.pdb.org/dictionaries/ascii/mmcif_pdbx.dic 
# 
loop_
_database_2.database_id 
_database_2.database_code 
_database_2.pdbx_database_accession 
_database_2.pdbx_DOI 
PDB   3ZZ5         pdb_00003zz5 10.2210/pdb3zz5/pdb 
PDBE  EBI-49400    ?            ?                   
WWPDB D_1290049400 ?            ?                   
# 
loop_
_pdbx_audit_revision_history.ordinal 
_pdbx_audit_revision_history.data_content_type 
_pdbx_audit_revision_history.major_revision 
_pdbx_audit_revision_history.minor_revision 
_pdbx_audit_revision_history.revision_date 
1 'Structure model' 1 0 2012-09-19 
2 'Structure model' 1 1 2019-05-08 
3 'Structure model' 1 2 2024-05-01 
4 'Structure model' 1 3 2024-10-23 
# 
_pdbx_audit_revision_details.ordinal             1 
_pdbx_audit_revision_details.revision_ordinal    1 
_pdbx_audit_revision_details.data_content_type   'Structure model' 
_pdbx_audit_revision_details.provider            repository 
_pdbx_audit_revision_details.type                'Initial release' 
_pdbx_audit_revision_details.description         ? 
_pdbx_audit_revision_details.details             ? 
# 
loop_
_pdbx_audit_revision_group.ordinal 
_pdbx_audit_revision_group.revision_ordinal 
_pdbx_audit_revision_group.data_content_type 
_pdbx_audit_revision_group.group 
1  2 'Structure model' 'Data collection'          
2  2 'Structure model' 'Derived calculations'     
3  2 'Structure model' 'Experimental preparation' 
4  2 'Structure model' Other                      
5  3 'Structure model' 'Data collection'          
6  3 'Structure model' 'Database references'      
7  3 'Structure model' 'Derived calculations'     
8  3 'Structure model' Other                      
9  3 'Structure model' 'Refinement description'   
10 4 'Structure model' 'Structure summary'        
# 
loop_
_pdbx_audit_revision_category.ordinal 
_pdbx_audit_revision_category.revision_ordinal 
_pdbx_audit_revision_category.data_content_type 
_pdbx_audit_revision_category.category 
1  2 'Structure model' exptl_crystal_grow            
2  2 'Structure model' pdbx_database_proc            
3  2 'Structure model' pdbx_database_status          
4  2 'Structure model' struct_conn                   
5  3 'Structure model' chem_comp_atom                
6  3 'Structure model' chem_comp_bond                
7  3 'Structure model' database_2                    
8  3 'Structure model' pdbx_database_status          
9  3 'Structure model' pdbx_initial_refinement_model 
10 3 'Structure model' struct_site                   
11 4 'Structure model' pdbx_entry_details            
12 4 'Structure model' pdbx_modification_feature     
# 
loop_
_pdbx_audit_revision_item.ordinal 
_pdbx_audit_revision_item.revision_ordinal 
_pdbx_audit_revision_item.data_content_type 
_pdbx_audit_revision_item.item 
1 2 'Structure model' '_exptl_crystal_grow.method'                  
2 2 'Structure model' '_pdbx_database_status.recvd_author_approval' 
3 2 'Structure model' '_struct_conn.pdbx_leaving_atom_flag'         
4 3 'Structure model' '_database_2.pdbx_DOI'                        
5 3 'Structure model' '_database_2.pdbx_database_accession'         
6 3 'Structure model' '_pdbx_database_status.status_code_sf'        
7 3 'Structure model' '_struct_site.pdbx_auth_asym_id'              
8 3 'Structure model' '_struct_site.pdbx_auth_comp_id'              
9 3 'Structure model' '_struct_site.pdbx_auth_seq_id'               
# 
_database_PDB_caveat.id     1 
_database_PDB_caveat.text   'G74 A 1181 HAS WRONG CHIRALITY AT ATOM C61' 
# 
_pdbx_database_status.status_code                     REL 
_pdbx_database_status.entry_id                        3ZZ5 
_pdbx_database_status.deposit_site                    PDBE 
_pdbx_database_status.process_site                    PDBE 
_pdbx_database_status.SG_entry                        . 
_pdbx_database_status.recvd_initial_deposition_date   2011-08-31 
_pdbx_database_status.pdb_format_compatible           Y 
_pdbx_database_status.status_code_sf                  REL 
_pdbx_database_status.status_code_mr                  ? 
_pdbx_database_status.status_code_cs                  ? 
_pdbx_database_status.methods_development_category    ? 
_pdbx_database_status.status_code_nmr_data            ? 
# 
loop_
_pdbx_database_related.db_name 
_pdbx_database_related.db_id 
_pdbx_database_related.content_type 
_pdbx_database_related.details 
PDB 3ZYE unspecified 'CRYSTAL STRUCTURE OF 3C PROTEASE MUTANT (T68A) OF COXSACKIEVIRUS B3' 
PDB 3ZYD unspecified 'CRYSTAL STRUCTURE OF 3C PROTEASE OF COXSACKIEVIRUS B3' 
PDB 3ZZB unspecified 
'CRYSTAL STRUCTURE OF 3C PROTEASE OF COXSACKIEVIRUS B3 COMPLEXED WITH ALPHA, BETA-UNSATURATED ETHYL ESTER INHIBITOR 85' 
PDB 3ZZ6 unspecified 'CRYSTAL STRUCTURE OF 3C PROTEASE OF COXSACKIEVIRUS B3 COMPLEXED WITH MICHAEL RECEPTOR INHIBITOR 75' 
PDB 3ZZC unspecified 
;CRYSTAL STRUCTURE OF 3C PROTEASE MUTANT (T68A AND N126Y) OF COXSACKIEVIRUS B3 COMPLEXED WITH ALPHA, BETA- UNSATURATED ETHYL ESTER INHIBITOR 83
;
PDB 3ZZD unspecified 
;CRYSTAL STRUCTURE OF 3C PROTEASE MUTANT (T68A AND N126Y) OF COXSACKIEVIRUS B3 COMPLEXED WITH ALPHA, BETA- UNSATURATED ETHYL ESTER INHIBITOR 85
;
PDB 3ZZ8 unspecified 
'CRYSTAL STRUCTURE OF 3C PROTEASE OF COXSACKIEVIRUS B3 COMPLEXED WITH ALPHA, BETA-UNSATURATED ETHYL ESTER INHIBITOR 82' 
PDB 3ZZ7 unspecified 
'CRYSTAL STRUCTURE OF 3C PROTEASE OF COXSACKIEVIRUS B3 COMPLEXED WITH ALPHA, BETA-UNSATURATED ETHYL ESTER INHIBITOR 81' 
PDB 3ZZ9 unspecified 
'CRYSTAL STRUCTURE OF 3C PROTEASE OF COXSACKIEVIRUS B3 COMPLEXED WITH ALPHA, BETA-UNSATURATED ETHYL ESTER INHIBITOR 83' 
PDB 3ZZ3 unspecified 'CRYSTAL STRUCTURE OF 3C PROTEASE MUTANT (N126Y) OF COXSACKIEVIRUS B3' 
PDB 3ZZ4 unspecified 'CRYSTAL STRUCTURE OF 3C PROTEASE MUTANT (T68A AND N126Y) OF COXSACKIEVIRUS B3' 
PDB 3ZZA unspecified 
'CRYSTAL STRUCTURE OF 3C PROTEASE OF COXSACKIEVIRUS B3 COMPLEXED WITH ALPHA, BETA-UNSATURATED ETHYL ESTER INHIBITOR 84' 
# 
loop_
_audit_author.name 
_audit_author.pdbx_ordinal 
'Tan, J.'        1 
'Anand, K.'      2 
'Mesters, J.R.'  3 
'Hilgenfeld, R.' 4 
# 
_citation.id                        primary 
_citation.title                     
;Peptidic Alpha, Beta-Unsaturated Ethyl Esters as Inhibitors of the 3C Protease of Coxsackie Virus B3: Crystal Structures, Antiviral Activities, and Resistance Mutations
;
_citation.journal_abbrev            'To be Published' 
_citation.journal_volume            ? 
_citation.page_first                ? 
_citation.page_last                 ? 
_citation.year                      ? 
_citation.journal_id_ASTM           ? 
_citation.country                   ? 
_citation.journal_id_ISSN           ? 
_citation.journal_id_CSD            0353 
_citation.book_publisher            ? 
_citation.pdbx_database_id_PubMed   ? 
_citation.pdbx_database_id_DOI      ? 
# 
loop_
_citation_author.citation_id 
_citation_author.name 
_citation_author.ordinal 
_citation_author.identifier_ORCID 
primary 'Tan, J.'        1 ? 
primary 'Anand, K.'      2 ? 
primary 'Mesters, J.R.'  3 ? 
primary 'Hilgenfeld, R.' 4 ? 
# 
loop_
_entity.id 
_entity.type 
_entity.src_method 
_entity.pdbx_description 
_entity.formula_weight 
_entity.pdbx_number_of_molecules 
_entity.pdbx_ec 
_entity.pdbx_mutation 
_entity.pdbx_fragment 
_entity.details 
1 polymer     man '3C PROTEINASE'                                                                     20429.488 1  3.4.22.28 ? ? ? 
2 non-polymer syn 'ETHYL (4R)-4-[(TERT-BUTOXYCARBONYL)AMINO]-5-[(3S)-2-OXOPYRROLIDIN-3-YL]PENTANOATE' 328.404   1  ?         ? ? ? 
3 water       nat water                                                                               18.015    22 ?         ? ? ? 
# 
_entity_name_com.entity_id   1 
_entity_name_com.name        'POLYPROTEIN 3BCD' 
# 
_entity_poly.entity_id                      1 
_entity_poly.type                           'polypeptide(L)' 
_entity_poly.nstd_linkage                   no 
_entity_poly.nstd_monomer                   no 
_entity_poly.pdbx_seq_one_letter_code       
;MGPAFEFAVAMMKRNSSTVKTEYGEFTMLGIYDRWAVLPRHAKPGPTILMNDQEVGVLDAKELVDKDGTNLELTLLKLNR
NEKFRDIRGFLAKEEVEVNEAVLAINTSKFPNMYIPVGQVTEYGFLNLGGTPTKRMLMYNFPTRAGQCGGVLMSTGKVLG
IHVGGNGHQGFSAALLKHYFNDEQ
;
_entity_poly.pdbx_seq_one_letter_code_can   
;MGPAFEFAVAMMKRNSSTVKTEYGEFTMLGIYDRWAVLPRHAKPGPTILMNDQEVGVLDAKELVDKDGTNLELTLLKLNR
NEKFRDIRGFLAKEEVEVNEAVLAINTSKFPNMYIPVGQVTEYGFLNLGGTPTKRMLMYNFPTRAGQCGGVLMSTGKVLG
IHVGGNGHQGFSAALLKHYFNDEQ
;
_entity_poly.pdbx_strand_id                 A 
_entity_poly.pdbx_target_identifier         ? 
# 
loop_
_pdbx_entity_nonpoly.entity_id 
_pdbx_entity_nonpoly.name 
_pdbx_entity_nonpoly.comp_id 
2 'ETHYL (4R)-4-[(TERT-BUTOXYCARBONYL)AMINO]-5-[(3S)-2-OXOPYRROLIDIN-3-YL]PENTANOATE' G74 
3 water                                                                               HOH 
# 
loop_
_entity_poly_seq.entity_id 
_entity_poly_seq.num 
_entity_poly_seq.mon_id 
_entity_poly_seq.hetero 
1 1   MET n 
1 2   GLY n 
1 3   PRO n 
1 4   ALA n 
1 5   PHE n 
1 6   GLU n 
1 7   PHE n 
1 8   ALA n 
1 9   VAL n 
1 10  ALA n 
1 11  MET n 
1 12  MET n 
1 13  LYS n 
1 14  ARG n 
1 15  ASN n 
1 16  SER n 
1 17  SER n 
1 18  THR n 
1 19  VAL n 
1 20  LYS n 
1 21  THR n 
1 22  GLU n 
1 23  TYR n 
1 24  GLY n 
1 25  GLU n 
1 26  PHE n 
1 27  THR n 
1 28  MET n 
1 29  LEU n 
1 30  GLY n 
1 31  ILE n 
1 32  TYR n 
1 33  ASP n 
1 34  ARG n 
1 35  TRP n 
1 36  ALA n 
1 37  VAL n 
1 38  LEU n 
1 39  PRO n 
1 40  ARG n 
1 41  HIS n 
1 42  ALA n 
1 43  LYS n 
1 44  PRO n 
1 45  GLY n 
1 46  PRO n 
1 47  THR n 
1 48  ILE n 
1 49  LEU n 
1 50  MET n 
1 51  ASN n 
1 52  ASP n 
1 53  GLN n 
1 54  GLU n 
1 55  VAL n 
1 56  GLY n 
1 57  VAL n 
1 58  LEU n 
1 59  ASP n 
1 60  ALA n 
1 61  LYS n 
1 62  GLU n 
1 63  LEU n 
1 64  VAL n 
1 65  ASP n 
1 66  LYS n 
1 67  ASP n 
1 68  GLY n 
1 69  THR n 
1 70  ASN n 
1 71  LEU n 
1 72  GLU n 
1 73  LEU n 
1 74  THR n 
1 75  LEU n 
1 76  LEU n 
1 77  LYS n 
1 78  LEU n 
1 79  ASN n 
1 80  ARG n 
1 81  ASN n 
1 82  GLU n 
1 83  LYS n 
1 84  PHE n 
1 85  ARG n 
1 86  ASP n 
1 87  ILE n 
1 88  ARG n 
1 89  GLY n 
1 90  PHE n 
1 91  LEU n 
1 92  ALA n 
1 93  LYS n 
1 94  GLU n 
1 95  GLU n 
1 96  VAL n 
1 97  GLU n 
1 98  VAL n 
1 99  ASN n 
1 100 GLU n 
1 101 ALA n 
1 102 VAL n 
1 103 LEU n 
1 104 ALA n 
1 105 ILE n 
1 106 ASN n 
1 107 THR n 
1 108 SER n 
1 109 LYS n 
1 110 PHE n 
1 111 PRO n 
1 112 ASN n 
1 113 MET n 
1 114 TYR n 
1 115 ILE n 
1 116 PRO n 
1 117 VAL n 
1 118 GLY n 
1 119 GLN n 
1 120 VAL n 
1 121 THR n 
1 122 GLU n 
1 123 TYR n 
1 124 GLY n 
1 125 PHE n 
1 126 LEU n 
1 127 ASN n 
1 128 LEU n 
1 129 GLY n 
1 130 GLY n 
1 131 THR n 
1 132 PRO n 
1 133 THR n 
1 134 LYS n 
1 135 ARG n 
1 136 MET n 
1 137 LEU n 
1 138 MET n 
1 139 TYR n 
1 140 ASN n 
1 141 PHE n 
1 142 PRO n 
1 143 THR n 
1 144 ARG n 
1 145 ALA n 
1 146 GLY n 
1 147 GLN n 
1 148 CYS n 
1 149 GLY n 
1 150 GLY n 
1 151 VAL n 
1 152 LEU n 
1 153 MET n 
1 154 SER n 
1 155 THR n 
1 156 GLY n 
1 157 LYS n 
1 158 VAL n 
1 159 LEU n 
1 160 GLY n 
1 161 ILE n 
1 162 HIS n 
1 163 VAL n 
1 164 GLY n 
1 165 GLY n 
1 166 ASN n 
1 167 GLY n 
1 168 HIS n 
1 169 GLN n 
1 170 GLY n 
1 171 PHE n 
1 172 SER n 
1 173 ALA n 
1 174 ALA n 
1 175 LEU n 
1 176 LEU n 
1 177 LYS n 
1 178 HIS n 
1 179 TYR n 
1 180 PHE n 
1 181 ASN n 
1 182 ASP n 
1 183 GLU n 
1 184 GLN n 
# 
_entity_src_gen.entity_id                          1 
_entity_src_gen.pdbx_src_id                        1 
_entity_src_gen.pdbx_alt_source_flag               sample 
_entity_src_gen.pdbx_seq_type                      ? 
_entity_src_gen.pdbx_beg_seq_num                   ? 
_entity_src_gen.pdbx_end_seq_num                   ? 
_entity_src_gen.gene_src_common_name               ? 
_entity_src_gen.gene_src_genus                     ? 
_entity_src_gen.pdbx_gene_src_gene                 ? 
_entity_src_gen.gene_src_species                   ? 
_entity_src_gen.gene_src_strain                    B3 
_entity_src_gen.gene_src_tissue                    ? 
_entity_src_gen.gene_src_tissue_fraction           ? 
_entity_src_gen.gene_src_details                   ? 
_entity_src_gen.pdbx_gene_src_fragment             ? 
_entity_src_gen.pdbx_gene_src_scientific_name      'HUMAN COXSACKIEVIRUS' 
_entity_src_gen.pdbx_gene_src_ncbi_taxonomy_id     12072 
_entity_src_gen.pdbx_gene_src_variant              ? 
_entity_src_gen.pdbx_gene_src_cell_line            ? 
_entity_src_gen.pdbx_gene_src_atcc                 ? 
_entity_src_gen.pdbx_gene_src_organ                ? 
_entity_src_gen.pdbx_gene_src_organelle            ? 
_entity_src_gen.pdbx_gene_src_cell                 ? 
_entity_src_gen.pdbx_gene_src_cellular_location    ? 
_entity_src_gen.host_org_common_name               ? 
_entity_src_gen.pdbx_host_org_scientific_name      'ESCHERICHIA COLI' 
_entity_src_gen.pdbx_host_org_ncbi_taxonomy_id     469008 
_entity_src_gen.host_org_genus                     ? 
_entity_src_gen.pdbx_host_org_gene                 ? 
_entity_src_gen.pdbx_host_org_organ                ? 
_entity_src_gen.host_org_species                   ? 
_entity_src_gen.pdbx_host_org_tissue               ? 
_entity_src_gen.pdbx_host_org_tissue_fraction      ? 
_entity_src_gen.pdbx_host_org_strain               'BL21(DE3)GOLD' 
_entity_src_gen.pdbx_host_org_variant              ? 
_entity_src_gen.pdbx_host_org_cell_line            ? 
_entity_src_gen.pdbx_host_org_atcc                 ? 
_entity_src_gen.pdbx_host_org_culture_collection   ? 
_entity_src_gen.pdbx_host_org_cell                 ? 
_entity_src_gen.pdbx_host_org_organelle            ? 
_entity_src_gen.pdbx_host_org_cellular_location    ? 
_entity_src_gen.pdbx_host_org_vector_type          PLASMID 
_entity_src_gen.pdbx_host_org_vector               PET23A 
_entity_src_gen.host_org_details                   ? 
_entity_src_gen.expression_system_id               ? 
_entity_src_gen.plasmid_name                       PET23A-COX 
_entity_src_gen.plasmid_details                    ? 
_entity_src_gen.pdbx_description                   ? 
# 
loop_
_chem_comp.id 
_chem_comp.type 
_chem_comp.mon_nstd_flag 
_chem_comp.name 
_chem_comp.pdbx_synonyms 
_chem_comp.formula 
_chem_comp.formula_weight 
ALA 'L-peptide linking' y ALANINE                                                                             ? 'C3 H7 N O2'     
89.093  
ARG 'L-peptide linking' y ARGININE                                                                            ? 'C6 H15 N4 O2 1' 
175.209 
ASN 'L-peptide linking' y ASPARAGINE                                                                          ? 'C4 H8 N2 O3'    
132.118 
ASP 'L-peptide linking' y 'ASPARTIC ACID'                                                                     ? 'C4 H7 N O4'     
133.103 
CYS 'L-peptide linking' y CYSTEINE                                                                            ? 'C3 H7 N O2 S'   
121.158 
G74 non-polymer         . 'ETHYL (4R)-4-[(TERT-BUTOXYCARBONYL)AMINO]-5-[(3S)-2-OXOPYRROLIDIN-3-YL]PENTANOATE' ? 'C16 H28 N2 O5'  
328.404 
GLN 'L-peptide linking' y GLUTAMINE                                                                           ? 'C5 H10 N2 O3'   
146.144 
GLU 'L-peptide linking' y 'GLUTAMIC ACID'                                                                     ? 'C5 H9 N O4'     
147.129 
GLY 'peptide linking'   y GLYCINE                                                                             ? 'C2 H5 N O2'     
75.067  
HIS 'L-peptide linking' y HISTIDINE                                                                           ? 'C6 H10 N3 O2 1' 
156.162 
HOH non-polymer         . WATER                                                                               ? 'H2 O'           
18.015  
ILE 'L-peptide linking' y ISOLEUCINE                                                                          ? 'C6 H13 N O2'    
131.173 
LEU 'L-peptide linking' y LEUCINE                                                                             ? 'C6 H13 N O2'    
131.173 
LYS 'L-peptide linking' y LYSINE                                                                              ? 'C6 H15 N2 O2 1' 
147.195 
MET 'L-peptide linking' y METHIONINE                                                                          ? 'C5 H11 N O2 S'  
149.211 
PHE 'L-peptide linking' y PHENYLALANINE                                                                       ? 'C9 H11 N O2'    
165.189 
PRO 'L-peptide linking' y PROLINE                                                                             ? 'C5 H9 N O2'     
115.130 
SER 'L-peptide linking' y SERINE                                                                              ? 'C3 H7 N O3'     
105.093 
THR 'L-peptide linking' y THREONINE                                                                           ? 'C4 H9 N O3'     
119.119 
TRP 'L-peptide linking' y TRYPTOPHAN                                                                          ? 'C11 H12 N2 O2'  
204.225 
TYR 'L-peptide linking' y TYROSINE                                                                            ? 'C9 H11 N O3'    
181.189 
VAL 'L-peptide linking' y VALINE                                                                              ? 'C5 H11 N O2'    
117.146 
# 
loop_
_pdbx_poly_seq_scheme.asym_id 
_pdbx_poly_seq_scheme.entity_id 
_pdbx_poly_seq_scheme.seq_id 
_pdbx_poly_seq_scheme.mon_id 
_pdbx_poly_seq_scheme.ndb_seq_num 
_pdbx_poly_seq_scheme.pdb_seq_num 
_pdbx_poly_seq_scheme.auth_seq_num 
_pdbx_poly_seq_scheme.pdb_mon_id 
_pdbx_poly_seq_scheme.auth_mon_id 
_pdbx_poly_seq_scheme.pdb_strand_id 
_pdbx_poly_seq_scheme.pdb_ins_code 
_pdbx_poly_seq_scheme.hetero 
A 1 1   MET 1   0   0   MET MET A . n 
A 1 2   GLY 2   1   1   GLY GLY A . n 
A 1 3   PRO 3   2   2   PRO PRO A . n 
A 1 4   ALA 4   3   3   ALA ALA A . n 
A 1 5   PHE 5   4   4   PHE PHE A . n 
A 1 6   GLU 6   5   5   GLU GLU A . n 
A 1 7   PHE 7   6   6   PHE PHE A . n 
A 1 8   ALA 8   7   7   ALA ALA A . n 
A 1 9   VAL 9   8   8   VAL VAL A . n 
A 1 10  ALA 10  9   9   ALA ALA A . n 
A 1 11  MET 11  10  10  MET MET A . n 
A 1 12  MET 12  11  11  MET MET A . n 
A 1 13  LYS 13  12  12  LYS LYS A . n 
A 1 14  ARG 14  13  13  ARG ARG A . n 
A 1 15  ASN 15  14  14  ASN ASN A . n 
A 1 16  SER 16  15  15  SER SER A . n 
A 1 17  SER 17  16  16  SER SER A . n 
A 1 18  THR 18  17  17  THR THR A . n 
A 1 19  VAL 19  18  18  VAL VAL A . n 
A 1 20  LYS 20  19  19  LYS LYS A . n 
A 1 21  THR 21  20  20  THR THR A . n 
A 1 22  GLU 22  21  21  GLU GLU A . n 
A 1 23  TYR 23  22  22  TYR TYR A . n 
A 1 24  GLY 24  23  23  GLY GLY A . n 
A 1 25  GLU 25  24  24  GLU GLU A . n 
A 1 26  PHE 26  25  25  PHE PHE A . n 
A 1 27  THR 27  26  26  THR THR A . n 
A 1 28  MET 28  27  27  MET MET A . n 
A 1 29  LEU 29  28  28  LEU LEU A . n 
A 1 30  GLY 30  29  29  GLY GLY A . n 
A 1 31  ILE 31  30  30  ILE ILE A . n 
A 1 32  TYR 32  31  31  TYR TYR A . n 
A 1 33  ASP 33  32  32  ASP ASP A . n 
A 1 34  ARG 34  33  33  ARG ARG A . n 
A 1 35  TRP 35  34  34  TRP TRP A . n 
A 1 36  ALA 36  35  35  ALA ALA A . n 
A 1 37  VAL 37  36  36  VAL VAL A . n 
A 1 38  LEU 38  37  37  LEU LEU A . n 
A 1 39  PRO 39  38  38  PRO PRO A . n 
A 1 40  ARG 40  39  39  ARG ARG A . n 
A 1 41  HIS 41  40  40  HIS HIS A . n 
A 1 42  ALA 42  41  41  ALA ALA A . n 
A 1 43  LYS 43  42  42  LYS LYS A . n 
A 1 44  PRO 44  43  43  PRO PRO A . n 
A 1 45  GLY 45  44  44  GLY GLY A . n 
A 1 46  PRO 46  45  45  PRO PRO A . n 
A 1 47  THR 47  46  46  THR THR A . n 
A 1 48  ILE 48  47  47  ILE ILE A . n 
A 1 49  LEU 49  48  48  LEU LEU A . n 
A 1 50  MET 50  49  49  MET MET A . n 
A 1 51  ASN 51  50  50  ASN ASN A . n 
A 1 52  ASP 52  51  51  ASP ASP A . n 
A 1 53  GLN 53  52  52  GLN GLN A . n 
A 1 54  GLU 54  53  53  GLU GLU A . n 
A 1 55  VAL 55  54  54  VAL VAL A . n 
A 1 56  GLY 56  55  55  GLY GLY A . n 
A 1 57  VAL 57  56  56  VAL VAL A . n 
A 1 58  LEU 58  57  57  LEU LEU A . n 
A 1 59  ASP 59  58  58  ASP ASP A . n 
A 1 60  ALA 60  59  59  ALA ALA A . n 
A 1 61  LYS 61  60  60  LYS LYS A . n 
A 1 62  GLU 62  61  61  GLU GLU A . n 
A 1 63  LEU 63  62  62  LEU LEU A . n 
A 1 64  VAL 64  63  63  VAL VAL A . n 
A 1 65  ASP 65  64  64  ASP ASP A . n 
A 1 66  LYS 66  65  65  LYS LYS A . n 
A 1 67  ASP 67  66  66  ASP ASP A . n 
A 1 68  GLY 68  67  67  GLY GLY A . n 
A 1 69  THR 69  68  68  THR THR A . n 
A 1 70  ASN 70  69  69  ASN ASN A . n 
A 1 71  LEU 71  70  70  LEU LEU A . n 
A 1 72  GLU 72  71  71  GLU GLU A . n 
A 1 73  LEU 73  72  72  LEU LEU A . n 
A 1 74  THR 74  73  73  THR THR A . n 
A 1 75  LEU 75  74  74  LEU LEU A . n 
A 1 76  LEU 76  75  75  LEU LEU A . n 
A 1 77  LYS 77  76  76  LYS LYS A . n 
A 1 78  LEU 78  77  77  LEU LEU A . n 
A 1 79  ASN 79  78  78  ASN ASN A . n 
A 1 80  ARG 80  79  79  ARG ARG A . n 
A 1 81  ASN 81  80  80  ASN ASN A . n 
A 1 82  GLU 82  81  81  GLU GLU A . n 
A 1 83  LYS 83  82  82  LYS LYS A . n 
A 1 84  PHE 84  83  83  PHE PHE A . n 
A 1 85  ARG 85  84  84  ARG ARG A . n 
A 1 86  ASP 86  85  85  ASP ASP A . n 
A 1 87  ILE 87  86  86  ILE ILE A . n 
A 1 88  ARG 88  87  87  ARG ARG A . n 
A 1 89  GLY 89  88  88  GLY GLY A . n 
A 1 90  PHE 90  89  89  PHE PHE A . n 
A 1 91  LEU 91  90  90  LEU LEU A . n 
A 1 92  ALA 92  91  91  ALA ALA A . n 
A 1 93  LYS 93  92  92  LYS LYS A . n 
A 1 94  GLU 94  93  93  GLU GLU A . n 
A 1 95  GLU 95  94  94  GLU GLU A . n 
A 1 96  VAL 96  95  95  VAL VAL A . n 
A 1 97  GLU 97  96  96  GLU GLU A . n 
A 1 98  VAL 98  97  97  VAL VAL A . n 
A 1 99  ASN 99  98  98  ASN ASN A . n 
A 1 100 GLU 100 99  99  GLU GLU A . n 
A 1 101 ALA 101 100 100 ALA ALA A . n 
A 1 102 VAL 102 101 101 VAL VAL A . n 
A 1 103 LEU 103 102 102 LEU LEU A . n 
A 1 104 ALA 104 103 103 ALA ALA A . n 
A 1 105 ILE 105 104 104 ILE ILE A . n 
A 1 106 ASN 106 105 105 ASN ASN A . n 
A 1 107 THR 107 106 106 THR THR A . n 
A 1 108 SER 108 107 107 SER SER A . n 
A 1 109 LYS 109 108 108 LYS LYS A . n 
A 1 110 PHE 110 109 109 PHE PHE A . n 
A 1 111 PRO 111 110 110 PRO PRO A . n 
A 1 112 ASN 112 111 111 ASN ASN A . n 
A 1 113 MET 113 112 112 MET MET A . n 
A 1 114 TYR 114 113 113 TYR TYR A . n 
A 1 115 ILE 115 114 114 ILE ILE A . n 
A 1 116 PRO 116 115 115 PRO PRO A . n 
A 1 117 VAL 117 116 116 VAL VAL A . n 
A 1 118 GLY 118 117 117 GLY GLY A . n 
A 1 119 GLN 119 118 118 GLN GLN A . n 
A 1 120 VAL 120 119 119 VAL VAL A . n 
A 1 121 THR 121 120 120 THR THR A . n 
A 1 122 GLU 122 121 121 GLU GLU A . n 
A 1 123 TYR 123 122 122 TYR TYR A . n 
A 1 124 GLY 124 123 123 GLY GLY A . n 
A 1 125 PHE 125 124 124 PHE PHE A . n 
A 1 126 LEU 126 125 125 LEU LEU A . n 
A 1 127 ASN 127 126 126 ASN ASN A . n 
A 1 128 LEU 128 127 127 LEU LEU A . n 
A 1 129 GLY 129 128 128 GLY GLY A . n 
A 1 130 GLY 130 129 129 GLY GLY A . n 
A 1 131 THR 131 130 130 THR THR A . n 
A 1 132 PRO 132 131 131 PRO PRO A . n 
A 1 133 THR 133 132 132 THR THR A . n 
A 1 134 LYS 134 133 133 LYS LYS A . n 
A 1 135 ARG 135 134 134 ARG ARG A . n 
A 1 136 MET 136 135 135 MET MET A . n 
A 1 137 LEU 137 136 136 LEU LEU A . n 
A 1 138 MET 138 137 137 MET MET A . n 
A 1 139 TYR 139 138 138 TYR TYR A . n 
A 1 140 ASN 140 139 139 ASN ASN A . n 
A 1 141 PHE 141 140 140 PHE PHE A . n 
A 1 142 PRO 142 141 141 PRO PRO A . n 
A 1 143 THR 143 142 142 THR THR A . n 
A 1 144 ARG 144 143 143 ARG ARG A . n 
A 1 145 ALA 145 144 144 ALA ALA A . n 
A 1 146 GLY 146 145 145 GLY GLY A . n 
A 1 147 GLN 147 146 146 GLN GLN A . n 
A 1 148 CYS 148 147 147 CYS CYS A . n 
A 1 149 GLY 149 148 148 GLY GLY A . n 
A 1 150 GLY 150 149 149 GLY GLY A . n 
A 1 151 VAL 151 150 150 VAL VAL A . n 
A 1 152 LEU 152 151 151 LEU LEU A . n 
A 1 153 MET 153 152 152 MET MET A . n 
A 1 154 SER 154 153 153 SER SER A . n 
A 1 155 THR 155 154 154 THR THR A . n 
A 1 156 GLY 156 155 155 GLY GLY A . n 
A 1 157 LYS 157 156 156 LYS LYS A . n 
A 1 158 VAL 158 157 157 VAL VAL A . n 
A 1 159 LEU 159 158 158 LEU LEU A . n 
A 1 160 GLY 160 159 159 GLY GLY A . n 
A 1 161 ILE 161 160 160 ILE ILE A . n 
A 1 162 HIS 162 161 161 HIS HIS A . n 
A 1 163 VAL 163 162 162 VAL VAL A . n 
A 1 164 GLY 164 163 163 GLY GLY A . n 
A 1 165 GLY 165 164 164 GLY GLY A . n 
A 1 166 ASN 166 165 165 ASN ASN A . n 
A 1 167 GLY 167 166 166 GLY GLY A . n 
A 1 168 HIS 168 167 167 HIS HIS A . n 
A 1 169 GLN 169 168 168 GLN GLN A . n 
A 1 170 GLY 170 169 169 GLY GLY A . n 
A 1 171 PHE 171 170 170 PHE PHE A . n 
A 1 172 SER 172 171 171 SER SER A . n 
A 1 173 ALA 173 172 172 ALA ALA A . n 
A 1 174 ALA 174 173 173 ALA ALA A . n 
A 1 175 LEU 175 174 174 LEU LEU A . n 
A 1 176 LEU 176 175 175 LEU LEU A . n 
A 1 177 LYS 177 176 176 LYS LYS A . n 
A 1 178 HIS 178 177 177 HIS HIS A . n 
A 1 179 TYR 179 178 178 TYR TYR A . n 
A 1 180 PHE 180 179 179 PHE PHE A . n 
A 1 181 ASN 181 180 180 ASN ASN A . n 
A 1 182 ASP 182 181 ?   ?   ?   A . n 
A 1 183 GLU 183 182 ?   ?   ?   A . n 
A 1 184 GLN 184 183 ?   ?   ?   A . n 
# 
loop_
_pdbx_nonpoly_scheme.asym_id 
_pdbx_nonpoly_scheme.entity_id 
_pdbx_nonpoly_scheme.mon_id 
_pdbx_nonpoly_scheme.ndb_seq_num 
_pdbx_nonpoly_scheme.pdb_seq_num 
_pdbx_nonpoly_scheme.auth_seq_num 
_pdbx_nonpoly_scheme.pdb_mon_id 
_pdbx_nonpoly_scheme.auth_mon_id 
_pdbx_nonpoly_scheme.pdb_strand_id 
_pdbx_nonpoly_scheme.pdb_ins_code 
B 2 G74 1  1181 1181 G74 G74 A . 
C 3 HOH 1  2001 2001 HOH HOH A . 
C 3 HOH 2  2002 2002 HOH HOH A . 
C 3 HOH 3  2003 2003 HOH HOH A . 
C 3 HOH 4  2004 2004 HOH HOH A . 
C 3 HOH 5  2005 2005 HOH HOH A . 
C 3 HOH 6  2006 2006 HOH HOH A . 
C 3 HOH 7  2007 2007 HOH HOH A . 
C 3 HOH 8  2008 2008 HOH HOH A . 
C 3 HOH 9  2009 2009 HOH HOH A . 
C 3 HOH 10 2010 2010 HOH HOH A . 
C 3 HOH 11 2011 2011 HOH HOH A . 
C 3 HOH 12 2012 2012 HOH HOH A . 
C 3 HOH 13 2013 2013 HOH HOH A . 
C 3 HOH 14 2014 2014 HOH HOH A . 
C 3 HOH 15 2015 2015 HOH HOH A . 
C 3 HOH 16 2016 2016 HOH HOH A . 
C 3 HOH 17 2017 2017 HOH HOH A . 
C 3 HOH 18 2018 2018 HOH HOH A . 
C 3 HOH 19 2019 2019 HOH HOH A . 
C 3 HOH 20 2020 2020 HOH HOH A . 
C 3 HOH 21 2021 2021 HOH HOH A . 
C 3 HOH 22 2022 2022 HOH HOH A . 
# 
loop_
_software.name 
_software.classification 
_software.version 
_software.citation_id 
_software.pdbx_ordinal 
REFMAC  refinement       5.5.0110 ? 1 
iMOSFLM 'data reduction' .        ? 2 
SCALA   'data scaling'   .        ? 3 
MOLREP  phasing          .        ? 4 
# 
_cell.entry_id           3ZZ5 
_cell.length_a           76.880 
_cell.length_b           63.960 
_cell.length_c           39.550 
_cell.angle_alpha        90.00 
_cell.angle_beta         115.95 
_cell.angle_gamma        90.00 
_cell.Z_PDB              4 
_cell.pdbx_unique_axis   ? 
# 
_symmetry.entry_id                         3ZZ5 
_symmetry.space_group_name_H-M             'C 1 2 1' 
_symmetry.pdbx_full_space_group_name_H-M   ? 
_symmetry.cell_setting                     ? 
_symmetry.Int_Tables_number                5 
# 
_exptl.entry_id          3ZZ5 
_exptl.method            'X-RAY DIFFRACTION' 
_exptl.crystals_number   1 
# 
_exptl_crystal.id                    1 
_exptl_crystal.density_meas          ? 
_exptl_crystal.density_Matthews      2.08 
_exptl_crystal.density_percent_sol   40.95 
_exptl_crystal.description           NONE 
# 
_exptl_crystal_grow.crystal_id      1 
_exptl_crystal_grow.method          'VAPOR DIFFUSION, SITTING DROP' 
_exptl_crystal_grow.temp            ? 
_exptl_crystal_grow.temp_details    ? 
_exptl_crystal_grow.pH              8.5 
_exptl_crystal_grow.pdbx_pH_range   ? 
_exptl_crystal_grow.pdbx_details    '100 MM TRIS-HCL PH 8.5, 0.2 M MAGNESIUM CHLORIDE, AND 22% PEG 4000; SITTING DROP' 
# 
_diffrn.id                     1 
_diffrn.ambient_temp           100 
_diffrn.ambient_temp_details   ? 
_diffrn.crystal_id             1 
# 
_diffrn_detector.diffrn_id              1 
_diffrn_detector.detector               CCD 
_diffrn_detector.type                   'MARMOSAIC 225 mm CCD' 
_diffrn_detector.pdbx_collection_date   ? 
_diffrn_detector.details                MIRRORS 
# 
_diffrn_radiation.diffrn_id                        1 
_diffrn_radiation.wavelength_id                    1 
_diffrn_radiation.pdbx_monochromatic_or_laue_m_l   M 
_diffrn_radiation.monochromator                    ? 
_diffrn_radiation.pdbx_diffrn_protocol             'SINGLE WAVELENGTH' 
_diffrn_radiation.pdbx_scattering_type             x-ray 
# 
_diffrn_radiation_wavelength.id           1 
_diffrn_radiation_wavelength.wavelength   0.9184 
_diffrn_radiation_wavelength.wt           1.0 
# 
_diffrn_source.diffrn_id                   1 
_diffrn_source.source                      SYNCHROTRON 
_diffrn_source.type                        'BESSY BEAMLINE 14.1' 
_diffrn_source.pdbx_synchrotron_site       BESSY 
_diffrn_source.pdbx_synchrotron_beamline   14.1 
_diffrn_source.pdbx_wavelength             0.9184 
_diffrn_source.pdbx_wavelength_list        ? 
# 
_reflns.pdbx_diffrn_id               1 
_reflns.pdbx_ordinal                 1 
_reflns.entry_id                     3ZZ5 
_reflns.observed_criterion_sigma_I   2.0 
_reflns.observed_criterion_sigma_F   ? 
_reflns.d_resolution_low             35.56 
_reflns.d_resolution_high            2.20 
_reflns.number_obs                   8045 
_reflns.number_all                   ? 
_reflns.percent_possible_obs         91.7 
_reflns.pdbx_Rmerge_I_obs            0.06 
_reflns.pdbx_Rsym_value              ? 
_reflns.pdbx_netI_over_sigmaI        9.00 
_reflns.B_iso_Wilson_estimate        ? 
_reflns.pdbx_redundancy              2.6 
# 
_reflns_shell.pdbx_diffrn_id         1 
_reflns_shell.pdbx_ordinal           1 
_reflns_shell.d_res_high             2.20 
_reflns_shell.d_res_low              2.32 
_reflns_shell.percent_possible_all   91.5 
_reflns_shell.Rmerge_I_obs           0.47 
_reflns_shell.pdbx_Rsym_value        ? 
_reflns_shell.meanI_over_sigI_obs    2.30 
_reflns_shell.pdbx_redundancy        2.6 
# 
_refine.pdbx_refine_id                           'X-RAY DIFFRACTION' 
_refine.entry_id                                 3ZZ5 
_refine.pdbx_diffrn_id                           1 
_refine.pdbx_TLS_residual_ADP_flag               ? 
_refine.ls_number_reflns_obs                     7654 
_refine.ls_number_reflns_all                     ? 
_refine.pdbx_ls_sigma_I                          ? 
_refine.pdbx_ls_sigma_F                          . 
_refine.pdbx_data_cutoff_high_absF               ? 
_refine.pdbx_data_cutoff_low_absF                ? 
_refine.pdbx_data_cutoff_high_rms_absF           ? 
_refine.ls_d_res_low                             46.95 
_refine.ls_d_res_high                            2.20 
_refine.ls_percent_reflns_obs                    91.17 
_refine.ls_R_factor_obs                          0.21566 
_refine.ls_R_factor_all                          ? 
_refine.ls_R_factor_R_work                       0.21170 
_refine.ls_R_factor_R_free                       0.30626 
_refine.ls_R_factor_R_free_error                 ? 
_refine.ls_R_factor_R_free_error_details         ? 
_refine.ls_percent_reflns_R_free                 4.9 
_refine.ls_number_reflns_R_free                  391 
_refine.ls_number_parameters                     ? 
_refine.ls_number_restraints                     ? 
_refine.occupancy_min                            ? 
_refine.occupancy_max                            ? 
_refine.correlation_coeff_Fo_to_Fc               0.949 
_refine.correlation_coeff_Fo_to_Fc_free          0.895 
_refine.B_iso_mean                               41.598 
_refine.aniso_B[1][1]                            0.16 
_refine.aniso_B[2][2]                            -0.53 
_refine.aniso_B[3][3]                            2.07 
_refine.aniso_B[1][2]                            0.00 
_refine.aniso_B[1][3]                            1.95 
_refine.aniso_B[2][3]                            0.00 
_refine.solvent_model_details                    MASK 
_refine.solvent_model_param_ksol                 ? 
_refine.solvent_model_param_bsol                 ? 
_refine.pdbx_solvent_vdw_probe_radii             1.40 
_refine.pdbx_solvent_ion_probe_radii             0.80 
_refine.pdbx_solvent_shrinkage_radii             0.80 
_refine.pdbx_ls_cross_valid_method               THROUGHOUT 
_refine.details                                  'HYDROGENS HAVE BEEN ADDED IN THE RIDING POSITIONS.' 
_refine.pdbx_starting_model                      'CRYSTAL STRUCTURE OF COXSACKIEVIURS B3 3C PROTEASE' 
_refine.pdbx_method_to_determine_struct          'MOLECULAR REPLACEMENT' 
_refine.pdbx_isotropic_thermal_model             ? 
_refine.pdbx_stereochemistry_target_values       'MAXIMUM LIKELIHOOD' 
_refine.pdbx_stereochem_target_val_spec_case     ? 
_refine.pdbx_R_Free_selection_details            RANDOM 
_refine.pdbx_overall_ESU_R                       0.433 
_refine.pdbx_overall_ESU_R_Free                  0.308 
_refine.overall_SU_ML                            0.215 
_refine.pdbx_overall_phase_error                 ? 
_refine.overall_SU_B                             8.588 
_refine.overall_SU_R_Cruickshank_DPI             ? 
_refine.pdbx_overall_SU_R_free_Cruickshank_DPI   ? 
_refine.pdbx_overall_SU_R_Blow_DPI               ? 
_refine.pdbx_overall_SU_R_free_Blow_DPI          ? 
# 
_refine_hist.pdbx_refine_id                   'X-RAY DIFFRACTION' 
_refine_hist.cycle_id                         LAST 
_refine_hist.pdbx_number_atoms_protein        1406 
_refine_hist.pdbx_number_atoms_nucleic_acid   0 
_refine_hist.pdbx_number_atoms_ligand         23 
_refine_hist.number_atoms_solvent             22 
_refine_hist.number_atoms_total               1451 
_refine_hist.d_res_high                       2.20 
_refine_hist.d_res_low                        46.95 
# 
loop_
_refine_ls_restr.type 
_refine_ls_restr.dev_ideal 
_refine_ls_restr.dev_ideal_target 
_refine_ls_restr.weight 
_refine_ls_restr.number 
_refine_ls_restr.pdbx_refine_id 
_refine_ls_restr.pdbx_restraint_function 
r_bond_refined_d             0.018  0.022  ? 1459 'X-RAY DIFFRACTION' ? 
r_bond_other_d               ?      ?      ? ?    'X-RAY DIFFRACTION' ? 
r_angle_refined_deg          1.823  1.984  ? 1966 'X-RAY DIFFRACTION' ? 
r_angle_other_deg            ?      ?      ? ?    'X-RAY DIFFRACTION' ? 
r_dihedral_angle_1_deg       7.482  5.000  ? 180  'X-RAY DIFFRACTION' ? 
r_dihedral_angle_2_deg       39.447 24.127 ? 63   'X-RAY DIFFRACTION' ? 
r_dihedral_angle_3_deg       20.854 15.000 ? 252  'X-RAY DIFFRACTION' ? 
r_dihedral_angle_4_deg       22.807 15.000 ? 8    'X-RAY DIFFRACTION' ? 
r_chiral_restr               0.112  0.200  ? 215  'X-RAY DIFFRACTION' ? 
r_gen_planes_refined         0.008  0.021  ? 1093 'X-RAY DIFFRACTION' ? 
r_gen_planes_other           ?      ?      ? ?    'X-RAY DIFFRACTION' ? 
r_nbd_refined                ?      ?      ? ?    'X-RAY DIFFRACTION' ? 
r_nbd_other                  ?      ?      ? ?    'X-RAY DIFFRACTION' ? 
r_nbtor_refined              ?      ?      ? ?    'X-RAY DIFFRACTION' ? 
r_nbtor_other                ?      ?      ? ?    'X-RAY DIFFRACTION' ? 
r_xyhbond_nbd_refined        ?      ?      ? ?    'X-RAY DIFFRACTION' ? 
r_xyhbond_nbd_other          ?      ?      ? ?    'X-RAY DIFFRACTION' ? 
r_metal_ion_refined          ?      ?      ? ?    'X-RAY DIFFRACTION' ? 
r_metal_ion_other            ?      ?      ? ?    'X-RAY DIFFRACTION' ? 
r_symmetry_vdw_refined       ?      ?      ? ?    'X-RAY DIFFRACTION' ? 
r_symmetry_vdw_other         ?      ?      ? ?    'X-RAY DIFFRACTION' ? 
r_symmetry_hbond_refined     ?      ?      ? ?    'X-RAY DIFFRACTION' ? 
r_symmetry_hbond_other       ?      ?      ? ?    'X-RAY DIFFRACTION' ? 
r_symmetry_metal_ion_refined ?      ?      ? ?    'X-RAY DIFFRACTION' ? 
r_symmetry_metal_ion_other   ?      ?      ? ?    'X-RAY DIFFRACTION' ? 
r_mcbond_it                  1.036  1.500  ? 892  'X-RAY DIFFRACTION' ? 
r_mcbond_other               ?      ?      ? ?    'X-RAY DIFFRACTION' ? 
r_mcangle_it                 1.894  2.000  ? 1429 'X-RAY DIFFRACTION' ? 
r_mcangle_other              ?      ?      ? ?    'X-RAY DIFFRACTION' ? 
r_scbond_it                  2.656  3.000  ? 567  'X-RAY DIFFRACTION' ? 
r_scbond_other               ?      ?      ? ?    'X-RAY DIFFRACTION' ? 
r_scangle_it                 3.988  4.500  ? 537  'X-RAY DIFFRACTION' ? 
r_scangle_other              ?      ?      ? ?    'X-RAY DIFFRACTION' ? 
r_long_range_B_refined       ?      ?      ? ?    'X-RAY DIFFRACTION' ? 
r_long_range_B_other         ?      ?      ? ?    'X-RAY DIFFRACTION' ? 
r_rigid_bond_restr           ?      ?      ? ?    'X-RAY DIFFRACTION' ? 
r_sphericity_free            ?      ?      ? ?    'X-RAY DIFFRACTION' ? 
r_sphericity_bonded          ?      ?      ? ?    'X-RAY DIFFRACTION' ? 
# 
_refine_ls_shell.pdbx_refine_id                   'X-RAY DIFFRACTION' 
_refine_ls_shell.pdbx_total_number_of_bins_used   20 
_refine_ls_shell.d_res_high                       2.200 
_refine_ls_shell.d_res_low                        2.257 
_refine_ls_shell.number_reflns_R_work             547 
_refine_ls_shell.R_factor_R_work                  0.261 
_refine_ls_shell.percent_reflns_obs               91.52 
_refine_ls_shell.R_factor_R_free                  0.397 
_refine_ls_shell.R_factor_R_free_error            ? 
_refine_ls_shell.percent_reflns_R_free            ? 
_refine_ls_shell.number_reflns_R_free             36 
_refine_ls_shell.number_reflns_all                ? 
_refine_ls_shell.R_factor_all                     ? 
# 
_struct.entry_id                  3ZZ5 
_struct.title                     
'Crystal structure of 3C protease of coxsackievirus B3 complexed with alpha, beta-unsaturated ethyl ester inhibitor 74' 
_struct.pdbx_model_details        ? 
_struct.pdbx_CASP_flag            ? 
_struct.pdbx_model_type_details   ? 
# 
_struct_keywords.entry_id        3ZZ5 
_struct_keywords.pdbx_keywords   HYDROLASE 
_struct_keywords.text            'HYDROLASE, PICORNAVIRIDAE' 
# 
loop_
_struct_asym.id 
_struct_asym.pdbx_blank_PDB_chainid_flag 
_struct_asym.pdbx_modified 
_struct_asym.entity_id 
_struct_asym.details 
A N N 1 ? 
B N N 2 ? 
C N N 3 ? 
# 
_struct_ref.id                         1 
_struct_ref.db_name                    UNP 
_struct_ref.db_code                    Q90092_9ENTO 
_struct_ref.entity_id                  1 
_struct_ref.pdbx_seq_one_letter_code   ? 
_struct_ref.pdbx_align_begin           ? 
_struct_ref.pdbx_db_accession          Q90092 
_struct_ref.pdbx_db_isoform            ? 
# 
_struct_ref_seq.align_id                      1 
_struct_ref_seq.ref_id                        1 
_struct_ref_seq.pdbx_PDB_id_code              3ZZ5 
_struct_ref_seq.pdbx_strand_id                A 
_struct_ref_seq.seq_align_beg                 2 
_struct_ref_seq.pdbx_seq_align_beg_ins_code   ? 
_struct_ref_seq.seq_align_end                 184 
_struct_ref_seq.pdbx_seq_align_end_ins_code   ? 
_struct_ref_seq.pdbx_db_accession             Q90092 
_struct_ref_seq.db_align_beg                  14 
_struct_ref_seq.pdbx_db_align_beg_ins_code    ? 
_struct_ref_seq.db_align_end                  196 
_struct_ref_seq.pdbx_db_align_end_ins_code    ? 
_struct_ref_seq.pdbx_auth_seq_align_beg       1 
_struct_ref_seq.pdbx_auth_seq_align_end       183 
# 
_struct_ref_seq_dif.align_id                     1 
_struct_ref_seq_dif.pdbx_pdb_id_code             3ZZ5 
_struct_ref_seq_dif.mon_id                       MET 
_struct_ref_seq_dif.pdbx_pdb_strand_id           A 
_struct_ref_seq_dif.seq_num                      1 
_struct_ref_seq_dif.pdbx_pdb_ins_code            ? 
_struct_ref_seq_dif.pdbx_seq_db_name             UNP 
_struct_ref_seq_dif.pdbx_seq_db_accession_code   Q90092 
_struct_ref_seq_dif.db_mon_id                    ? 
_struct_ref_seq_dif.pdbx_seq_db_seq_num          ? 
_struct_ref_seq_dif.details                      'expression tag' 
_struct_ref_seq_dif.pdbx_auth_seq_num            0 
_struct_ref_seq_dif.pdbx_ordinal                 1 
# 
_pdbx_struct_assembly.id                   1 
_pdbx_struct_assembly.details              author_and_software_defined_assembly 
_pdbx_struct_assembly.method_details       PISA 
_pdbx_struct_assembly.oligomeric_details   dimeric 
_pdbx_struct_assembly.oligomeric_count     2 
# 
loop_
_pdbx_struct_assembly_prop.biol_id 
_pdbx_struct_assembly_prop.type 
_pdbx_struct_assembly_prop.value 
_pdbx_struct_assembly_prop.details 
1 'ABSA (A^2)' 1790  ? 
1 MORE         -13.7 ? 
1 'SSA (A^2)'  15280 ? 
# 
_pdbx_struct_assembly_gen.assembly_id       1 
_pdbx_struct_assembly_gen.oper_expression   1,2 
_pdbx_struct_assembly_gen.asym_id_list      A,B,C 
# 
loop_
_pdbx_struct_oper_list.id 
_pdbx_struct_oper_list.type 
_pdbx_struct_oper_list.name 
_pdbx_struct_oper_list.symmetry_operation 
_pdbx_struct_oper_list.matrix[1][1] 
_pdbx_struct_oper_list.matrix[1][2] 
_pdbx_struct_oper_list.matrix[1][3] 
_pdbx_struct_oper_list.vector[1] 
_pdbx_struct_oper_list.matrix[2][1] 
_pdbx_struct_oper_list.matrix[2][2] 
_pdbx_struct_oper_list.matrix[2][3] 
_pdbx_struct_oper_list.vector[2] 
_pdbx_struct_oper_list.matrix[3][1] 
_pdbx_struct_oper_list.matrix[3][2] 
_pdbx_struct_oper_list.matrix[3][3] 
_pdbx_struct_oper_list.vector[3] 
1 'identity operation'         1_555 x,y,z       1.0000000000  0.0000000000  0.0000000000  0.0000000000 0.0000000000  1.0000000000  0.0000000000 0.0000000000   0.0000000000  0.0000000000 1.0000000000 0.0000000000 
2 'crystal symmetry operation' 2_454 -x-1,y,-z-1 -0.2253299023 -0.0048292962 -0.9742705543 1.1679500633 -0.0048292962 -0.9999698942 0.0060736061 -31.8219024696 -0.9742705543 0.0060736061 0.2252997965 1.0864060052 
# 
_struct_biol.id   1 
# 
loop_
_struct_conf.conf_type_id 
_struct_conf.id 
_struct_conf.pdbx_PDB_helix_id 
_struct_conf.beg_label_comp_id 
_struct_conf.beg_label_asym_id 
_struct_conf.beg_label_seq_id 
_struct_conf.pdbx_beg_PDB_ins_code 
_struct_conf.end_label_comp_id 
_struct_conf.end_label_asym_id 
_struct_conf.end_label_seq_id 
_struct_conf.pdbx_end_PDB_ins_code 
_struct_conf.beg_auth_comp_id 
_struct_conf.beg_auth_asym_id 
_struct_conf.beg_auth_seq_id 
_struct_conf.end_auth_comp_id 
_struct_conf.end_auth_asym_id 
_struct_conf.end_auth_seq_id 
_struct_conf.pdbx_PDB_helix_class 
_struct_conf.details 
_struct_conf.pdbx_PDB_helix_length 
HELX_P HELX_P1 1 MET A 1   ? ASN A 15  ? MET A 0   ASN A 14  1 ? 15 
HELX_P HELX_P2 2 HIS A 41  ? LYS A 43  ? HIS A 40  LYS A 42  5 ? 3  
HELX_P HELX_P3 3 ILE A 87  ? LEU A 91  ? ILE A 86  LEU A 90  5 ? 5  
HELX_P HELX_P4 4 LEU A 176 ? PHE A 180 ? LEU A 175 PHE A 179 5 ? 5  
# 
_struct_conf_type.id          HELX_P 
_struct_conf_type.criteria    ? 
_struct_conf_type.reference   ? 
# 
_struct_conn.id                            covale1 
_struct_conn.conn_type_id                  covale 
_struct_conn.pdbx_leaving_atom_flag        none 
_struct_conn.pdbx_PDB_id                   ? 
_struct_conn.ptnr1_label_asym_id           A 
_struct_conn.ptnr1_label_comp_id           CYS 
_struct_conn.ptnr1_label_seq_id            148 
_struct_conn.ptnr1_label_atom_id           SG 
_struct_conn.pdbx_ptnr1_label_alt_id       ? 
_struct_conn.pdbx_ptnr1_PDB_ins_code       ? 
_struct_conn.pdbx_ptnr1_standard_comp_id   ? 
_struct_conn.ptnr1_symmetry                1_555 
_struct_conn.ptnr2_label_asym_id           B 
_struct_conn.ptnr2_label_comp_id           G74 
_struct_conn.ptnr2_label_seq_id            . 
_struct_conn.ptnr2_label_atom_id           C63 
_struct_conn.pdbx_ptnr2_label_alt_id       ? 
_struct_conn.pdbx_ptnr2_PDB_ins_code       ? 
_struct_conn.ptnr1_auth_asym_id            A 
_struct_conn.ptnr1_auth_comp_id            CYS 
_struct_conn.ptnr1_auth_seq_id             147 
_struct_conn.ptnr2_auth_asym_id            A 
_struct_conn.ptnr2_auth_comp_id            G74 
_struct_conn.ptnr2_auth_seq_id             1181 
_struct_conn.ptnr2_symmetry                1_555 
_struct_conn.pdbx_ptnr3_label_atom_id      ? 
_struct_conn.pdbx_ptnr3_label_seq_id       ? 
_struct_conn.pdbx_ptnr3_label_comp_id      ? 
_struct_conn.pdbx_ptnr3_label_asym_id      ? 
_struct_conn.pdbx_ptnr3_label_alt_id       ? 
_struct_conn.pdbx_ptnr3_PDB_ins_code       ? 
_struct_conn.details                       ? 
_struct_conn.pdbx_dist_value               1.823 
_struct_conn.pdbx_value_order              ? 
_struct_conn.pdbx_role                     ? 
# 
_struct_conn_type.id          covale 
_struct_conn_type.criteria    ? 
_struct_conn_type.reference   ? 
# 
_pdbx_modification_feature.ordinal                            1 
_pdbx_modification_feature.label_comp_id                      G74 
_pdbx_modification_feature.label_asym_id                      B 
_pdbx_modification_feature.label_seq_id                       . 
_pdbx_modification_feature.label_alt_id                       ? 
_pdbx_modification_feature.modified_residue_label_comp_id     CYS 
_pdbx_modification_feature.modified_residue_label_asym_id     A 
_pdbx_modification_feature.modified_residue_label_seq_id      148 
_pdbx_modification_feature.modified_residue_label_alt_id      ? 
_pdbx_modification_feature.auth_comp_id                       G74 
_pdbx_modification_feature.auth_asym_id                       A 
_pdbx_modification_feature.auth_seq_id                        1181 
_pdbx_modification_feature.PDB_ins_code                       ? 
_pdbx_modification_feature.symmetry                           1_555 
_pdbx_modification_feature.modified_residue_auth_comp_id      CYS 
_pdbx_modification_feature.modified_residue_auth_asym_id      A 
_pdbx_modification_feature.modified_residue_auth_seq_id       147 
_pdbx_modification_feature.modified_residue_PDB_ins_code      ? 
_pdbx_modification_feature.modified_residue_symmetry          1_555 
_pdbx_modification_feature.comp_id_linking_atom               C63 
_pdbx_modification_feature.modified_residue_id_linking_atom   SG 
_pdbx_modification_feature.modified_residue_id                CYS 
_pdbx_modification_feature.ref_pcm_id                         1 
_pdbx_modification_feature.ref_comp_id                        G74 
_pdbx_modification_feature.type                               None 
_pdbx_modification_feature.category                           'Covalent chemical modification' 
# 
loop_
_struct_sheet.id 
_struct_sheet.type 
_struct_sheet.number_strands 
_struct_sheet.details 
AA ? 7 ? 
AB ? 7 ? 
# 
loop_
_struct_sheet_order.sheet_id 
_struct_sheet_order.range_id_1 
_struct_sheet_order.range_id_2 
_struct_sheet_order.offset 
_struct_sheet_order.sense 
AA 1 2 ? anti-parallel 
AA 2 3 ? anti-parallel 
AA 3 4 ? anti-parallel 
AA 4 5 ? anti-parallel 
AA 5 6 ? anti-parallel 
AA 6 7 ? anti-parallel 
AB 1 2 ? anti-parallel 
AB 2 3 ? anti-parallel 
AB 3 4 ? anti-parallel 
AB 4 5 ? anti-parallel 
AB 5 6 ? anti-parallel 
AB 6 7 ? anti-parallel 
# 
loop_
_struct_sheet_range.sheet_id 
_struct_sheet_range.id 
_struct_sheet_range.beg_label_comp_id 
_struct_sheet_range.beg_label_asym_id 
_struct_sheet_range.beg_label_seq_id 
_struct_sheet_range.pdbx_beg_PDB_ins_code 
_struct_sheet_range.end_label_comp_id 
_struct_sheet_range.end_label_asym_id 
_struct_sheet_range.end_label_seq_id 
_struct_sheet_range.pdbx_end_PDB_ins_code 
_struct_sheet_range.beg_auth_comp_id 
_struct_sheet_range.beg_auth_asym_id 
_struct_sheet_range.beg_auth_seq_id 
_struct_sheet_range.end_auth_comp_id 
_struct_sheet_range.end_auth_asym_id 
_struct_sheet_range.end_auth_seq_id 
AA 1 SER A 16  ? THR A 21  ? SER A 15  THR A 20  
AA 2 GLY A 24  ? TYR A 32  ? GLY A 23  TYR A 31  
AA 3 TRP A 35  ? PRO A 39  ? TRP A 34  PRO A 38  
AA 4 ASN A 70  ? ASN A 79  ? ASN A 69  ASN A 78  
AA 5 GLN A 53  ? VAL A 64  ? GLN A 52  VAL A 63  
AA 6 THR A 47  ? MET A 50  ? THR A 46  MET A 49  
AA 7 SER A 16  ? THR A 21  ? SER A 15  THR A 20  
AB 1 VAL A 98  ? ILE A 105 ? VAL A 97  ILE A 104 
AB 2 MET A 113 ? ASN A 127 ? MET A 112 ASN A 126 
AB 3 PRO A 132 ? ASN A 140 ? PRO A 131 ASN A 139 
AB 4 GLN A 169 ? ALA A 174 ? GLN A 168 ALA A 173 
AB 5 LYS A 157 ? ASN A 166 ? LYS A 156 ASN A 165 
AB 6 VAL A 151 ? SER A 154 ? VAL A 150 SER A 153 
AB 7 VAL A 98  ? ILE A 105 ? VAL A 97  ILE A 104 
# 
loop_
_pdbx_struct_sheet_hbond.sheet_id 
_pdbx_struct_sheet_hbond.range_id_1 
_pdbx_struct_sheet_hbond.range_id_2 
_pdbx_struct_sheet_hbond.range_1_label_atom_id 
_pdbx_struct_sheet_hbond.range_1_label_comp_id 
_pdbx_struct_sheet_hbond.range_1_label_asym_id 
_pdbx_struct_sheet_hbond.range_1_label_seq_id 
_pdbx_struct_sheet_hbond.range_1_PDB_ins_code 
_pdbx_struct_sheet_hbond.range_1_auth_atom_id 
_pdbx_struct_sheet_hbond.range_1_auth_comp_id 
_pdbx_struct_sheet_hbond.range_1_auth_asym_id 
_pdbx_struct_sheet_hbond.range_1_auth_seq_id 
_pdbx_struct_sheet_hbond.range_2_label_atom_id 
_pdbx_struct_sheet_hbond.range_2_label_comp_id 
_pdbx_struct_sheet_hbond.range_2_label_asym_id 
_pdbx_struct_sheet_hbond.range_2_label_seq_id 
_pdbx_struct_sheet_hbond.range_2_PDB_ins_code 
_pdbx_struct_sheet_hbond.range_2_auth_atom_id 
_pdbx_struct_sheet_hbond.range_2_auth_comp_id 
_pdbx_struct_sheet_hbond.range_2_auth_asym_id 
_pdbx_struct_sheet_hbond.range_2_auth_seq_id 
AA 1 2 N THR A 21  ? N THR A 20  O GLY A 24  ? O GLY A 23  
AA 2 3 N ILE A 31  ? N ILE A 30  O TRP A 35  ? O TRP A 34  
AA 3 4 N LEU A 38  ? N LEU A 37  O THR A 74  ? O THR A 73  
AA 4 5 N ASN A 79  ? N ASN A 78  O GLY A 56  ? O GLY A 55  
AA 5 6 N VAL A 55  ? N VAL A 54  O ILE A 48  ? O ILE A 47  
AA 6 7 N LEU A 49  ? N LEU A 48  O LYS A 20  ? O LYS A 19  
AB 1 2 N ILE A 105 ? N ILE A 104 O MET A 113 ? O MET A 112 
AB 2 3 N LEU A 126 ? N LEU A 125 O THR A 133 ? O THR A 132 
AB 3 4 N TYR A 139 ? N TYR A 138 O GLY A 170 ? O GLY A 169 
AB 4 5 N ALA A 173 ? N ALA A 172 O ILE A 161 ? O ILE A 160 
AB 5 6 N LEU A 159 ? N LEU A 158 O LEU A 152 ? O LEU A 151 
AB 6 7 N MET A 153 ? N MET A 152 O VAL A 102 ? O VAL A 101 
# 
_struct_site.id                   AC1 
_struct_site.pdbx_evidence_code   Software 
_struct_site.pdbx_auth_asym_id    A 
_struct_site.pdbx_auth_comp_id    G74 
_struct_site.pdbx_auth_seq_id     1181 
_struct_site.pdbx_auth_ins_code   ? 
_struct_site.pdbx_num_residues    13 
_struct_site.details              'BINDING SITE FOR RESIDUE G74 A 1181' 
# 
loop_
_struct_site_gen.id 
_struct_site_gen.site_id 
_struct_site_gen.pdbx_num_res 
_struct_site_gen.label_comp_id 
_struct_site_gen.label_asym_id 
_struct_site_gen.label_seq_id 
_struct_site_gen.pdbx_auth_ins_code 
_struct_site_gen.auth_comp_id 
_struct_site_gen.auth_asym_id 
_struct_site_gen.auth_seq_id 
_struct_site_gen.label_atom_id 
_struct_site_gen.label_alt_id 
_struct_site_gen.symmetry 
_struct_site_gen.details 
1  AC1 13 GLU A 25  ? GLU A 24  . ? 1_555 ? 
2  AC1 13 PHE A 26  ? PHE A 25  . ? 1_555 ? 
3  AC1 13 HIS A 41  ? HIS A 40  . ? 1_555 ? 
4  AC1 13 LEU A 128 ? LEU A 127 . ? 1_555 ? 
5  AC1 13 THR A 143 ? THR A 142 . ? 1_555 ? 
6  AC1 13 ARG A 144 ? ARG A 143 . ? 1_555 ? 
7  AC1 13 ALA A 145 ? ALA A 144 . ? 1_555 ? 
8  AC1 13 GLY A 146 ? GLY A 145 . ? 1_555 ? 
9  AC1 13 GLN A 147 ? GLN A 146 . ? 1_555 ? 
10 AC1 13 CYS A 148 ? CYS A 147 . ? 1_555 ? 
11 AC1 13 HIS A 162 ? HIS A 161 . ? 1_555 ? 
12 AC1 13 VAL A 163 ? VAL A 162 . ? 1_555 ? 
13 AC1 13 GLY A 165 ? GLY A 164 . ? 1_555 ? 
# 
_pdbx_entry_details.entry_id                   3ZZ5 
_pdbx_entry_details.compound_details           ? 
_pdbx_entry_details.source_details             ? 
_pdbx_entry_details.nonpolymer_details         ? 
_pdbx_entry_details.sequence_details           ? 
_pdbx_entry_details.has_ligand_of_interest     ? 
_pdbx_entry_details.has_protein_modification   Y 
# 
loop_
_pdbx_validate_torsion.id 
_pdbx_validate_torsion.PDB_model_num 
_pdbx_validate_torsion.auth_comp_id 
_pdbx_validate_torsion.auth_asym_id 
_pdbx_validate_torsion.auth_seq_id 
_pdbx_validate_torsion.PDB_ins_code 
_pdbx_validate_torsion.label_alt_id 
_pdbx_validate_torsion.phi 
_pdbx_validate_torsion.psi 
1  1 ASP A 32  ? ? 66.56   -131.16 
2  1 HIS A 40  ? ? -58.33  8.86    
3  1 LYS A 42  ? ? 11.75   74.89   
4  1 ASN A 50  ? ? 37.09   49.20   
5  1 GLU A 71  ? ? 82.31   41.52   
6  1 ASN A 78  ? ? -65.64  73.75   
7  1 GLU A 94  ? ? -38.16  106.78  
8  1 ASN A 105 ? ? -154.79 78.05   
9  1 ASN A 111 ? ? 22.52   61.73   
10 1 PRO A 141 ? ? -58.46  62.47   
# 
_pdbx_validate_peptide_omega.id               1 
_pdbx_validate_peptide_omega.PDB_model_num    1 
_pdbx_validate_peptide_omega.auth_comp_id_1   PHE 
_pdbx_validate_peptide_omega.auth_asym_id_1   A 
_pdbx_validate_peptide_omega.auth_seq_id_1    179 
_pdbx_validate_peptide_omega.PDB_ins_code_1   ? 
_pdbx_validate_peptide_omega.label_alt_id_1   ? 
_pdbx_validate_peptide_omega.auth_comp_id_2   ASN 
_pdbx_validate_peptide_omega.auth_asym_id_2   A 
_pdbx_validate_peptide_omega.auth_seq_id_2    180 
_pdbx_validate_peptide_omega.PDB_ins_code_2   ? 
_pdbx_validate_peptide_omega.label_alt_id_2   ? 
_pdbx_validate_peptide_omega.omega            -147.20 
# 
_pdbx_validate_chiral.id              1 
_pdbx_validate_chiral.PDB_model_num   1 
_pdbx_validate_chiral.auth_atom_id    C61 
_pdbx_validate_chiral.label_alt_id    ? 
_pdbx_validate_chiral.auth_asym_id    A 
_pdbx_validate_chiral.auth_comp_id    G74 
_pdbx_validate_chiral.auth_seq_id     1181 
_pdbx_validate_chiral.PDB_ins_code    ? 
_pdbx_validate_chiral.details         'WRONG HAND' 
_pdbx_validate_chiral.omega           . 
# 
_pdbx_database_remark.id     700 
_pdbx_database_remark.text   
;
SHEET
DETERMINATION METHOD: DSSP
THE SHEETS PRESENTED AS "AA" IN EACH CHAIN ON SHEET RECORDS
BELOW IS ACTUALLY AN  6-STRANDED BARREL THIS IS REPRESENTED BY
A  7-STRANDED SHEET IN WHICH THE FIRST AND LAST STRANDS
ARE IDENTICAL.

THE SHEETS PRESENTED AS "AB" IN EACH CHAIN ON SHEET RECORDS
BELOW IS ACTUALLY AN  6-STRANDED BARREL THIS IS REPRESENTED BY
A  7-STRANDED SHEET IN WHICH THE FIRST AND LAST STRANDS
ARE IDENTICAL.
;
# 
loop_
_pdbx_unobs_or_zero_occ_residues.id 
_pdbx_unobs_or_zero_occ_residues.PDB_model_num 
_pdbx_unobs_or_zero_occ_residues.polymer_flag 
_pdbx_unobs_or_zero_occ_residues.occupancy_flag 
_pdbx_unobs_or_zero_occ_residues.auth_asym_id 
_pdbx_unobs_or_zero_occ_residues.auth_comp_id 
_pdbx_unobs_or_zero_occ_residues.auth_seq_id 
_pdbx_unobs_or_zero_occ_residues.PDB_ins_code 
_pdbx_unobs_or_zero_occ_residues.label_asym_id 
_pdbx_unobs_or_zero_occ_residues.label_comp_id 
_pdbx_unobs_or_zero_occ_residues.label_seq_id 
1 1 Y 1 A ASP 181 ? A ASP 182 
2 1 Y 1 A GLU 182 ? A GLU 183 
3 1 Y 1 A GLN 183 ? A GLN 184 
# 
loop_
_chem_comp_atom.comp_id 
_chem_comp_atom.atom_id 
_chem_comp_atom.type_symbol 
_chem_comp_atom.pdbx_aromatic_flag 
_chem_comp_atom.pdbx_stereo_config 
_chem_comp_atom.pdbx_ordinal 
ALA N    N N N 1   
ALA CA   C N S 2   
ALA C    C N N 3   
ALA O    O N N 4   
ALA CB   C N N 5   
ALA OXT  O N N 6   
ALA H    H N N 7   
ALA H2   H N N 8   
ALA HA   H N N 9   
ALA HB1  H N N 10  
ALA HB2  H N N 11  
ALA HB3  H N N 12  
ALA HXT  H N N 13  
ARG N    N N N 14  
ARG CA   C N S 15  
ARG C    C N N 16  
ARG O    O N N 17  
ARG CB   C N N 18  
ARG CG   C N N 19  
ARG CD   C N N 20  
ARG NE   N N N 21  
ARG CZ   C N N 22  
ARG NH1  N N N 23  
ARG NH2  N N N 24  
ARG OXT  O N N 25  
ARG H    H N N 26  
ARG H2   H N N 27  
ARG HA   H N N 28  
ARG HB2  H N N 29  
ARG HB3  H N N 30  
ARG HG2  H N N 31  
ARG HG3  H N N 32  
ARG HD2  H N N 33  
ARG HD3  H N N 34  
ARG HE   H N N 35  
ARG HH11 H N N 36  
ARG HH12 H N N 37  
ARG HH21 H N N 38  
ARG HH22 H N N 39  
ARG HXT  H N N 40  
ASN N    N N N 41  
ASN CA   C N S 42  
ASN C    C N N 43  
ASN O    O N N 44  
ASN CB   C N N 45  
ASN CG   C N N 46  
ASN OD1  O N N 47  
ASN ND2  N N N 48  
ASN OXT  O N N 49  
ASN H    H N N 50  
ASN H2   H N N 51  
ASN HA   H N N 52  
ASN HB2  H N N 53  
ASN HB3  H N N 54  
ASN HD21 H N N 55  
ASN HD22 H N N 56  
ASN HXT  H N N 57  
ASP N    N N N 58  
ASP CA   C N S 59  
ASP C    C N N 60  
ASP O    O N N 61  
ASP CB   C N N 62  
ASP CG   C N N 63  
ASP OD1  O N N 64  
ASP OD2  O N N 65  
ASP OXT  O N N 66  
ASP H    H N N 67  
ASP H2   H N N 68  
ASP HA   H N N 69  
ASP HB2  H N N 70  
ASP HB3  H N N 71  
ASP HD2  H N N 72  
ASP HXT  H N N 73  
CYS N    N N N 74  
CYS CA   C N R 75  
CYS C    C N N 76  
CYS O    O N N 77  
CYS CB   C N N 78  
CYS SG   S N N 79  
CYS OXT  O N N 80  
CYS H    H N N 81  
CYS H2   H N N 82  
CYS HA   H N N 83  
CYS HB2  H N N 84  
CYS HB3  H N N 85  
CYS HG   H N N 86  
CYS HXT  H N N 87  
G74 O88  O N N 88  
G74 C84  C N N 89  
G74 O86  O N N 90  
G74 C3   C N N 91  
G74 C5   C N N 92  
G74 C82  C N N 93  
G74 C63  C N N 94  
G74 C57  C N R 95  
G74 C59  C N N 96  
G74 C61  C N S 97  
G74 C73  C N N 98  
G74 C71  C N N 99  
G74 N69  N N N 100 
G74 C65  C N N 101 
G74 O66  O N N 102 
G74 N49  N N N 103 
G74 C39  C N N 104 
G74 O47  O N N 105 
G74 O37  O N N 106 
G74 C1   C N N 107 
G74 C2   C N N 108 
G74 C4   C N N 109 
G74 C6   C N N 110 
G74 H821 H N N 111 
G74 H822 H N N 112 
G74 H31C H N N 113 
G74 H32C H N N 114 
G74 H51C H N N 115 
G74 H52C H N N 116 
G74 H53C H N N 117 
G74 H631 H N N 118 
G74 H632 H N N 119 
G74 H57  H N N 120 
G74 H591 H N N 121 
G74 H592 H N N 122 
G74 H49  H N N 123 
G74 H61  H N N 124 
G74 H731 H N N 125 
G74 H732 H N N 126 
G74 H711 H N N 127 
G74 H712 H N N 128 
G74 H69  H N N 129 
G74 H21C H N N 130 
G74 H22C H N N 131 
G74 H23C H N N 132 
G74 H41C H N N 133 
G74 H42C H N N 134 
G74 H43C H N N 135 
G74 H61C H N N 136 
G74 H62C H N N 137 
G74 H63C H N N 138 
GLN N    N N N 139 
GLN CA   C N S 140 
GLN C    C N N 141 
GLN O    O N N 142 
GLN CB   C N N 143 
GLN CG   C N N 144 
GLN CD   C N N 145 
GLN OE1  O N N 146 
GLN NE2  N N N 147 
GLN OXT  O N N 148 
GLN H    H N N 149 
GLN H2   H N N 150 
GLN HA   H N N 151 
GLN HB2  H N N 152 
GLN HB3  H N N 153 
GLN HG2  H N N 154 
GLN HG3  H N N 155 
GLN HE21 H N N 156 
GLN HE22 H N N 157 
GLN HXT  H N N 158 
GLU N    N N N 159 
GLU CA   C N S 160 
GLU C    C N N 161 
GLU O    O N N 162 
GLU CB   C N N 163 
GLU CG   C N N 164 
GLU CD   C N N 165 
GLU OE1  O N N 166 
GLU OE2  O N N 167 
GLU OXT  O N N 168 
GLU H    H N N 169 
GLU H2   H N N 170 
GLU HA   H N N 171 
GLU HB2  H N N 172 
GLU HB3  H N N 173 
GLU HG2  H N N 174 
GLU HG3  H N N 175 
GLU HE2  H N N 176 
GLU HXT  H N N 177 
GLY N    N N N 178 
GLY CA   C N N 179 
GLY C    C N N 180 
GLY O    O N N 181 
GLY OXT  O N N 182 
GLY H    H N N 183 
GLY H2   H N N 184 
GLY HA2  H N N 185 
GLY HA3  H N N 186 
GLY HXT  H N N 187 
HIS N    N N N 188 
HIS CA   C N S 189 
HIS C    C N N 190 
HIS O    O N N 191 
HIS CB   C N N 192 
HIS CG   C Y N 193 
HIS ND1  N Y N 194 
HIS CD2  C Y N 195 
HIS CE1  C Y N 196 
HIS NE2  N Y N 197 
HIS OXT  O N N 198 
HIS H    H N N 199 
HIS H2   H N N 200 
HIS HA   H N N 201 
HIS HB2  H N N 202 
HIS HB3  H N N 203 
HIS HD1  H N N 204 
HIS HD2  H N N 205 
HIS HE1  H N N 206 
HIS HE2  H N N 207 
HIS HXT  H N N 208 
HOH O    O N N 209 
HOH H1   H N N 210 
HOH H2   H N N 211 
ILE N    N N N 212 
ILE CA   C N S 213 
ILE C    C N N 214 
ILE O    O N N 215 
ILE CB   C N S 216 
ILE CG1  C N N 217 
ILE CG2  C N N 218 
ILE CD1  C N N 219 
ILE OXT  O N N 220 
ILE H    H N N 221 
ILE H2   H N N 222 
ILE HA   H N N 223 
ILE HB   H N N 224 
ILE HG12 H N N 225 
ILE HG13 H N N 226 
ILE HG21 H N N 227 
ILE HG22 H N N 228 
ILE HG23 H N N 229 
ILE HD11 H N N 230 
ILE HD12 H N N 231 
ILE HD13 H N N 232 
ILE HXT  H N N 233 
LEU N    N N N 234 
LEU CA   C N S 235 
LEU C    C N N 236 
LEU O    O N N 237 
LEU CB   C N N 238 
LEU CG   C N N 239 
LEU CD1  C N N 240 
LEU CD2  C N N 241 
LEU OXT  O N N 242 
LEU H    H N N 243 
LEU H2   H N N 244 
LEU HA   H N N 245 
LEU HB2  H N N 246 
LEU HB3  H N N 247 
LEU HG   H N N 248 
LEU HD11 H N N 249 
LEU HD12 H N N 250 
LEU HD13 H N N 251 
LEU HD21 H N N 252 
LEU HD22 H N N 253 
LEU HD23 H N N 254 
LEU HXT  H N N 255 
LYS N    N N N 256 
LYS CA   C N S 257 
LYS C    C N N 258 
LYS O    O N N 259 
LYS CB   C N N 260 
LYS CG   C N N 261 
LYS CD   C N N 262 
LYS CE   C N N 263 
LYS NZ   N N N 264 
LYS OXT  O N N 265 
LYS H    H N N 266 
LYS H2   H N N 267 
LYS HA   H N N 268 
LYS HB2  H N N 269 
LYS HB3  H N N 270 
LYS HG2  H N N 271 
LYS HG3  H N N 272 
LYS HD2  H N N 273 
LYS HD3  H N N 274 
LYS HE2  H N N 275 
LYS HE3  H N N 276 
LYS HZ1  H N N 277 
LYS HZ2  H N N 278 
LYS HZ3  H N N 279 
LYS HXT  H N N 280 
MET N    N N N 281 
MET CA   C N S 282 
MET C    C N N 283 
MET O    O N N 284 
MET CB   C N N 285 
MET CG   C N N 286 
MET SD   S N N 287 
MET CE   C N N 288 
MET OXT  O N N 289 
MET H    H N N 290 
MET H2   H N N 291 
MET HA   H N N 292 
MET HB2  H N N 293 
MET HB3  H N N 294 
MET HG2  H N N 295 
MET HG3  H N N 296 
MET HE1  H N N 297 
MET HE2  H N N 298 
MET HE3  H N N 299 
MET HXT  H N N 300 
PHE N    N N N 301 
PHE CA   C N S 302 
PHE C    C N N 303 
PHE O    O N N 304 
PHE CB   C N N 305 
PHE CG   C Y N 306 
PHE CD1  C Y N 307 
PHE CD2  C Y N 308 
PHE CE1  C Y N 309 
PHE CE2  C Y N 310 
PHE CZ   C Y N 311 
PHE OXT  O N N 312 
PHE H    H N N 313 
PHE H2   H N N 314 
PHE HA   H N N 315 
PHE HB2  H N N 316 
PHE HB3  H N N 317 
PHE HD1  H N N 318 
PHE HD2  H N N 319 
PHE HE1  H N N 320 
PHE HE2  H N N 321 
PHE HZ   H N N 322 
PHE HXT  H N N 323 
PRO N    N N N 324 
PRO CA   C N S 325 
PRO C    C N N 326 
PRO O    O N N 327 
PRO CB   C N N 328 
PRO CG   C N N 329 
PRO CD   C N N 330 
PRO OXT  O N N 331 
PRO H    H N N 332 
PRO HA   H N N 333 
PRO HB2  H N N 334 
PRO HB3  H N N 335 
PRO HG2  H N N 336 
PRO HG3  H N N 337 
PRO HD2  H N N 338 
PRO HD3  H N N 339 
PRO HXT  H N N 340 
SER N    N N N 341 
SER CA   C N S 342 
SER C    C N N 343 
SER O    O N N 344 
SER CB   C N N 345 
SER OG   O N N 346 
SER OXT  O N N 347 
SER H    H N N 348 
SER H2   H N N 349 
SER HA   H N N 350 
SER HB2  H N N 351 
SER HB3  H N N 352 
SER HG   H N N 353 
SER HXT  H N N 354 
THR N    N N N 355 
THR CA   C N S 356 
THR C    C N N 357 
THR O    O N N 358 
THR CB   C N R 359 
THR OG1  O N N 360 
THR CG2  C N N 361 
THR OXT  O N N 362 
THR H    H N N 363 
THR H2   H N N 364 
THR HA   H N N 365 
THR HB   H N N 366 
THR HG1  H N N 367 
THR HG21 H N N 368 
THR HG22 H N N 369 
THR HG23 H N N 370 
THR HXT  H N N 371 
TRP N    N N N 372 
TRP CA   C N S 373 
TRP C    C N N 374 
TRP O    O N N 375 
TRP CB   C N N 376 
TRP CG   C Y N 377 
TRP CD1  C Y N 378 
TRP CD2  C Y N 379 
TRP NE1  N Y N 380 
TRP CE2  C Y N 381 
TRP CE3  C Y N 382 
TRP CZ2  C Y N 383 
TRP CZ3  C Y N 384 
TRP CH2  C Y N 385 
TRP OXT  O N N 386 
TRP H    H N N 387 
TRP H2   H N N 388 
TRP HA   H N N 389 
TRP HB2  H N N 390 
TRP HB3  H N N 391 
TRP HD1  H N N 392 
TRP HE1  H N N 393 
TRP HE3  H N N 394 
TRP HZ2  H N N 395 
TRP HZ3  H N N 396 
TRP HH2  H N N 397 
TRP HXT  H N N 398 
TYR N    N N N 399 
TYR CA   C N S 400 
TYR C    C N N 401 
TYR O    O N N 402 
TYR CB   C N N 403 
TYR CG   C Y N 404 
TYR CD1  C Y N 405 
TYR CD2  C Y N 406 
TYR CE1  C Y N 407 
TYR CE2  C Y N 408 
TYR CZ   C Y N 409 
TYR OH   O N N 410 
TYR OXT  O N N 411 
TYR H    H N N 412 
TYR H2   H N N 413 
TYR HA   H N N 414 
TYR HB2  H N N 415 
TYR HB3  H N N 416 
TYR HD1  H N N 417 
TYR HD2  H N N 418 
TYR HE1  H N N 419 
TYR HE2  H N N 420 
TYR HH   H N N 421 
TYR HXT  H N N 422 
VAL N    N N N 423 
VAL CA   C N S 424 
VAL C    C N N 425 
VAL O    O N N 426 
VAL CB   C N N 427 
VAL CG1  C N N 428 
VAL CG2  C N N 429 
VAL OXT  O N N 430 
VAL H    H N N 431 
VAL H2   H N N 432 
VAL HA   H N N 433 
VAL HB   H N N 434 
VAL HG11 H N N 435 
VAL HG12 H N N 436 
VAL HG13 H N N 437 
VAL HG21 H N N 438 
VAL HG22 H N N 439 
VAL HG23 H N N 440 
VAL HXT  H N N 441 
# 
loop_
_chem_comp_bond.comp_id 
_chem_comp_bond.atom_id_1 
_chem_comp_bond.atom_id_2 
_chem_comp_bond.value_order 
_chem_comp_bond.pdbx_aromatic_flag 
_chem_comp_bond.pdbx_stereo_config 
_chem_comp_bond.pdbx_ordinal 
ALA N   CA   sing N N 1   
ALA N   H    sing N N 2   
ALA N   H2   sing N N 3   
ALA CA  C    sing N N 4   
ALA CA  CB   sing N N 5   
ALA CA  HA   sing N N 6   
ALA C   O    doub N N 7   
ALA C   OXT  sing N N 8   
ALA CB  HB1  sing N N 9   
ALA CB  HB2  sing N N 10  
ALA CB  HB3  sing N N 11  
ALA OXT HXT  sing N N 12  
ARG N   CA   sing N N 13  
ARG N   H    sing N N 14  
ARG N   H2   sing N N 15  
ARG CA  C    sing N N 16  
ARG CA  CB   sing N N 17  
ARG CA  HA   sing N N 18  
ARG C   O    doub N N 19  
ARG C   OXT  sing N N 20  
ARG CB  CG   sing N N 21  
ARG CB  HB2  sing N N 22  
ARG CB  HB3  sing N N 23  
ARG CG  CD   sing N N 24  
ARG CG  HG2  sing N N 25  
ARG CG  HG3  sing N N 26  
ARG CD  NE   sing N N 27  
ARG CD  HD2  sing N N 28  
ARG CD  HD3  sing N N 29  
ARG NE  CZ   sing N N 30  
ARG NE  HE   sing N N 31  
ARG CZ  NH1  sing N N 32  
ARG CZ  NH2  doub N N 33  
ARG NH1 HH11 sing N N 34  
ARG NH1 HH12 sing N N 35  
ARG NH2 HH21 sing N N 36  
ARG NH2 HH22 sing N N 37  
ARG OXT HXT  sing N N 38  
ASN N   CA   sing N N 39  
ASN N   H    sing N N 40  
ASN N   H2   sing N N 41  
ASN CA  C    sing N N 42  
ASN CA  CB   sing N N 43  
ASN CA  HA   sing N N 44  
ASN C   O    doub N N 45  
ASN C   OXT  sing N N 46  
ASN CB  CG   sing N N 47  
ASN CB  HB2  sing N N 48  
ASN CB  HB3  sing N N 49  
ASN CG  OD1  doub N N 50  
ASN CG  ND2  sing N N 51  
ASN ND2 HD21 sing N N 52  
ASN ND2 HD22 sing N N 53  
ASN OXT HXT  sing N N 54  
ASP N   CA   sing N N 55  
ASP N   H    sing N N 56  
ASP N   H2   sing N N 57  
ASP CA  C    sing N N 58  
ASP CA  CB   sing N N 59  
ASP CA  HA   sing N N 60  
ASP C   O    doub N N 61  
ASP C   OXT  sing N N 62  
ASP CB  CG   sing N N 63  
ASP CB  HB2  sing N N 64  
ASP CB  HB3  sing N N 65  
ASP CG  OD1  doub N N 66  
ASP CG  OD2  sing N N 67  
ASP OD2 HD2  sing N N 68  
ASP OXT HXT  sing N N 69  
CYS N   CA   sing N N 70  
CYS N   H    sing N N 71  
CYS N   H2   sing N N 72  
CYS CA  C    sing N N 73  
CYS CA  CB   sing N N 74  
CYS CA  HA   sing N N 75  
CYS C   O    doub N N 76  
CYS C   OXT  sing N N 77  
CYS CB  SG   sing N N 78  
CYS CB  HB2  sing N N 79  
CYS CB  HB3  sing N N 80  
CYS SG  HG   sing N N 81  
CYS OXT HXT  sing N N 82  
G74 O88 C84  doub N N 83  
G74 C84 O86  sing N N 84  
G74 C84 C82  sing N N 85  
G74 O86 C3   sing N N 86  
G74 C3  C5   sing N N 87  
G74 C82 C63  sing N N 88  
G74 C63 C57  sing N N 89  
G74 C57 C59  sing N N 90  
G74 C57 N49  sing N N 91  
G74 C59 C61  sing N N 92  
G74 C61 C73  sing N N 93  
G74 C61 C65  sing N N 94  
G74 C73 C71  sing N N 95  
G74 C71 N69  sing N N 96  
G74 N69 C65  sing N N 97  
G74 C65 O66  doub N N 98  
G74 N49 C39  sing N N 99  
G74 C39 O47  doub N N 100 
G74 C39 O37  sing N N 101 
G74 O37 C1   sing N N 102 
G74 C1  C2   sing N N 103 
G74 C1  C4   sing N N 104 
G74 C1  C6   sing N N 105 
G74 C82 H821 sing N N 106 
G74 C82 H822 sing N N 107 
G74 C3  H31C sing N N 108 
G74 C3  H32C sing N N 109 
G74 C5  H51C sing N N 110 
G74 C5  H52C sing N N 111 
G74 C5  H53C sing N N 112 
G74 C63 H631 sing N N 113 
G74 C63 H632 sing N N 114 
G74 C57 H57  sing N N 115 
G74 C59 H591 sing N N 116 
G74 C59 H592 sing N N 117 
G74 N49 H49  sing N N 118 
G74 C61 H61  sing N N 119 
G74 C73 H731 sing N N 120 
G74 C73 H732 sing N N 121 
G74 C71 H711 sing N N 122 
G74 C71 H712 sing N N 123 
G74 N69 H69  sing N N 124 
G74 C2  H21C sing N N 125 
G74 C2  H22C sing N N 126 
G74 C2  H23C sing N N 127 
G74 C4  H41C sing N N 128 
G74 C4  H42C sing N N 129 
G74 C4  H43C sing N N 130 
G74 C6  H61C sing N N 131 
G74 C6  H62C sing N N 132 
G74 C6  H63C sing N N 133 
GLN N   CA   sing N N 134 
GLN N   H    sing N N 135 
GLN N   H2   sing N N 136 
GLN CA  C    sing N N 137 
GLN CA  CB   sing N N 138 
GLN CA  HA   sing N N 139 
GLN C   O    doub N N 140 
GLN C   OXT  sing N N 141 
GLN CB  CG   sing N N 142 
GLN CB  HB2  sing N N 143 
GLN CB  HB3  sing N N 144 
GLN CG  CD   sing N N 145 
GLN CG  HG2  sing N N 146 
GLN CG  HG3  sing N N 147 
GLN CD  OE1  doub N N 148 
GLN CD  NE2  sing N N 149 
GLN NE2 HE21 sing N N 150 
GLN NE2 HE22 sing N N 151 
GLN OXT HXT  sing N N 152 
GLU N   CA   sing N N 153 
GLU N   H    sing N N 154 
GLU N   H2   sing N N 155 
GLU CA  C    sing N N 156 
GLU CA  CB   sing N N 157 
GLU CA  HA   sing N N 158 
GLU C   O    doub N N 159 
GLU C   OXT  sing N N 160 
GLU CB  CG   sing N N 161 
GLU CB  HB2  sing N N 162 
GLU CB  HB3  sing N N 163 
GLU CG  CD   sing N N 164 
GLU CG  HG2  sing N N 165 
GLU CG  HG3  sing N N 166 
GLU CD  OE1  doub N N 167 
GLU CD  OE2  sing N N 168 
GLU OE2 HE2  sing N N 169 
GLU OXT HXT  sing N N 170 
GLY N   CA   sing N N 171 
GLY N   H    sing N N 172 
GLY N   H2   sing N N 173 
GLY CA  C    sing N N 174 
GLY CA  HA2  sing N N 175 
GLY CA  HA3  sing N N 176 
GLY C   O    doub N N 177 
GLY C   OXT  sing N N 178 
GLY OXT HXT  sing N N 179 
HIS N   CA   sing N N 180 
HIS N   H    sing N N 181 
HIS N   H2   sing N N 182 
HIS CA  C    sing N N 183 
HIS CA  CB   sing N N 184 
HIS CA  HA   sing N N 185 
HIS C   O    doub N N 186 
HIS C   OXT  sing N N 187 
HIS CB  CG   sing N N 188 
HIS CB  HB2  sing N N 189 
HIS CB  HB3  sing N N 190 
HIS CG  ND1  sing Y N 191 
HIS CG  CD2  doub Y N 192 
HIS ND1 CE1  doub Y N 193 
HIS ND1 HD1  sing N N 194 
HIS CD2 NE2  sing Y N 195 
HIS CD2 HD2  sing N N 196 
HIS CE1 NE2  sing Y N 197 
HIS CE1 HE1  sing N N 198 
HIS NE2 HE2  sing N N 199 
HIS OXT HXT  sing N N 200 
HOH O   H1   sing N N 201 
HOH O   H2   sing N N 202 
ILE N   CA   sing N N 203 
ILE N   H    sing N N 204 
ILE N   H2   sing N N 205 
ILE CA  C    sing N N 206 
ILE CA  CB   sing N N 207 
ILE CA  HA   sing N N 208 
ILE C   O    doub N N 209 
ILE C   OXT  sing N N 210 
ILE CB  CG1  sing N N 211 
ILE CB  CG2  sing N N 212 
ILE CB  HB   sing N N 213 
ILE CG1 CD1  sing N N 214 
ILE CG1 HG12 sing N N 215 
ILE CG1 HG13 sing N N 216 
ILE CG2 HG21 sing N N 217 
ILE CG2 HG22 sing N N 218 
ILE CG2 HG23 sing N N 219 
ILE CD1 HD11 sing N N 220 
ILE CD1 HD12 sing N N 221 
ILE CD1 HD13 sing N N 222 
ILE OXT HXT  sing N N 223 
LEU N   CA   sing N N 224 
LEU N   H    sing N N 225 
LEU N   H2   sing N N 226 
LEU CA  C    sing N N 227 
LEU CA  CB   sing N N 228 
LEU CA  HA   sing N N 229 
LEU C   O    doub N N 230 
LEU C   OXT  sing N N 231 
LEU CB  CG   sing N N 232 
LEU CB  HB2  sing N N 233 
LEU CB  HB3  sing N N 234 
LEU CG  CD1  sing N N 235 
LEU CG  CD2  sing N N 236 
LEU CG  HG   sing N N 237 
LEU CD1 HD11 sing N N 238 
LEU CD1 HD12 sing N N 239 
LEU CD1 HD13 sing N N 240 
LEU CD2 HD21 sing N N 241 
LEU CD2 HD22 sing N N 242 
LEU CD2 HD23 sing N N 243 
LEU OXT HXT  sing N N 244 
LYS N   CA   sing N N 245 
LYS N   H    sing N N 246 
LYS N   H2   sing N N 247 
LYS CA  C    sing N N 248 
LYS CA  CB   sing N N 249 
LYS CA  HA   sing N N 250 
LYS C   O    doub N N 251 
LYS C   OXT  sing N N 252 
LYS CB  CG   sing N N 253 
LYS CB  HB2  sing N N 254 
LYS CB  HB3  sing N N 255 
LYS CG  CD   sing N N 256 
LYS CG  HG2  sing N N 257 
LYS CG  HG3  sing N N 258 
LYS CD  CE   sing N N 259 
LYS CD  HD2  sing N N 260 
LYS CD  HD3  sing N N 261 
LYS CE  NZ   sing N N 262 
LYS CE  HE2  sing N N 263 
LYS CE  HE3  sing N N 264 
LYS NZ  HZ1  sing N N 265 
LYS NZ  HZ2  sing N N 266 
LYS NZ  HZ3  sing N N 267 
LYS OXT HXT  sing N N 268 
MET N   CA   sing N N 269 
MET N   H    sing N N 270 
MET N   H2   sing N N 271 
MET CA  C    sing N N 272 
MET CA  CB   sing N N 273 
MET CA  HA   sing N N 274 
MET C   O    doub N N 275 
MET C   OXT  sing N N 276 
MET CB  CG   sing N N 277 
MET CB  HB2  sing N N 278 
MET CB  HB3  sing N N 279 
MET CG  SD   sing N N 280 
MET CG  HG2  sing N N 281 
MET CG  HG3  sing N N 282 
MET SD  CE   sing N N 283 
MET CE  HE1  sing N N 284 
MET CE  HE2  sing N N 285 
MET CE  HE3  sing N N 286 
MET OXT HXT  sing N N 287 
PHE N   CA   sing N N 288 
PHE N   H    sing N N 289 
PHE N   H2   sing N N 290 
PHE CA  C    sing N N 291 
PHE CA  CB   sing N N 292 
PHE CA  HA   sing N N 293 
PHE C   O    doub N N 294 
PHE C   OXT  sing N N 295 
PHE CB  CG   sing N N 296 
PHE CB  HB2  sing N N 297 
PHE CB  HB3  sing N N 298 
PHE CG  CD1  doub Y N 299 
PHE CG  CD2  sing Y N 300 
PHE CD1 CE1  sing Y N 301 
PHE CD1 HD1  sing N N 302 
PHE CD2 CE2  doub Y N 303 
PHE CD2 HD2  sing N N 304 
PHE CE1 CZ   doub Y N 305 
PHE CE1 HE1  sing N N 306 
PHE CE2 CZ   sing Y N 307 
PHE CE2 HE2  sing N N 308 
PHE CZ  HZ   sing N N 309 
PHE OXT HXT  sing N N 310 
PRO N   CA   sing N N 311 
PRO N   CD   sing N N 312 
PRO N   H    sing N N 313 
PRO CA  C    sing N N 314 
PRO CA  CB   sing N N 315 
PRO CA  HA   sing N N 316 
PRO C   O    doub N N 317 
PRO C   OXT  sing N N 318 
PRO CB  CG   sing N N 319 
PRO CB  HB2  sing N N 320 
PRO CB  HB3  sing N N 321 
PRO CG  CD   sing N N 322 
PRO CG  HG2  sing N N 323 
PRO CG  HG3  sing N N 324 
PRO CD  HD2  sing N N 325 
PRO CD  HD3  sing N N 326 
PRO OXT HXT  sing N N 327 
SER N   CA   sing N N 328 
SER N   H    sing N N 329 
SER N   H2   sing N N 330 
SER CA  C    sing N N 331 
SER CA  CB   sing N N 332 
SER CA  HA   sing N N 333 
SER C   O    doub N N 334 
SER C   OXT  sing N N 335 
SER CB  OG   sing N N 336 
SER CB  HB2  sing N N 337 
SER CB  HB3  sing N N 338 
SER OG  HG   sing N N 339 
SER OXT HXT  sing N N 340 
THR N   CA   sing N N 341 
THR N   H    sing N N 342 
THR N   H2   sing N N 343 
THR CA  C    sing N N 344 
THR CA  CB   sing N N 345 
THR CA  HA   sing N N 346 
THR C   O    doub N N 347 
THR C   OXT  sing N N 348 
THR CB  OG1  sing N N 349 
THR CB  CG2  sing N N 350 
THR CB  HB   sing N N 351 
THR OG1 HG1  sing N N 352 
THR CG2 HG21 sing N N 353 
THR CG2 HG22 sing N N 354 
THR CG2 HG23 sing N N 355 
THR OXT HXT  sing N N 356 
TRP N   CA   sing N N 357 
TRP N   H    sing N N 358 
TRP N   H2   sing N N 359 
TRP CA  C    sing N N 360 
TRP CA  CB   sing N N 361 
TRP CA  HA   sing N N 362 
TRP C   O    doub N N 363 
TRP C   OXT  sing N N 364 
TRP CB  CG   sing N N 365 
TRP CB  HB2  sing N N 366 
TRP CB  HB3  sing N N 367 
TRP CG  CD1  doub Y N 368 
TRP CG  CD2  sing Y N 369 
TRP CD1 NE1  sing Y N 370 
TRP CD1 HD1  sing N N 371 
TRP CD2 CE2  doub Y N 372 
TRP CD2 CE3  sing Y N 373 
TRP NE1 CE2  sing Y N 374 
TRP NE1 HE1  sing N N 375 
TRP CE2 CZ2  sing Y N 376 
TRP CE3 CZ3  doub Y N 377 
TRP CE3 HE3  sing N N 378 
TRP CZ2 CH2  doub Y N 379 
TRP CZ2 HZ2  sing N N 380 
TRP CZ3 CH2  sing Y N 381 
TRP CZ3 HZ3  sing N N 382 
TRP CH2 HH2  sing N N 383 
TRP OXT HXT  sing N N 384 
TYR N   CA   sing N N 385 
TYR N   H    sing N N 386 
TYR N   H2   sing N N 387 
TYR CA  C    sing N N 388 
TYR CA  CB   sing N N 389 
TYR CA  HA   sing N N 390 
TYR C   O    doub N N 391 
TYR C   OXT  sing N N 392 
TYR CB  CG   sing N N 393 
TYR CB  HB2  sing N N 394 
TYR CB  HB3  sing N N 395 
TYR CG  CD1  doub Y N 396 
TYR CG  CD2  sing Y N 397 
TYR CD1 CE1  sing Y N 398 
TYR CD1 HD1  sing N N 399 
TYR CD2 CE2  doub Y N 400 
TYR CD2 HD2  sing N N 401 
TYR CE1 CZ   doub Y N 402 
TYR CE1 HE1  sing N N 403 
TYR CE2 CZ   sing Y N 404 
TYR CE2 HE2  sing N N 405 
TYR CZ  OH   sing N N 406 
TYR OH  HH   sing N N 407 
TYR OXT HXT  sing N N 408 
VAL N   CA   sing N N 409 
VAL N   H    sing N N 410 
VAL N   H2   sing N N 411 
VAL CA  C    sing N N 412 
VAL CA  CB   sing N N 413 
VAL CA  HA   sing N N 414 
VAL C   O    doub N N 415 
VAL C   OXT  sing N N 416 
VAL CB  CG1  sing N N 417 
VAL CB  CG2  sing N N 418 
VAL CB  HB   sing N N 419 
VAL CG1 HG11 sing N N 420 
VAL CG1 HG12 sing N N 421 
VAL CG1 HG13 sing N N 422 
VAL CG2 HG21 sing N N 423 
VAL CG2 HG22 sing N N 424 
VAL CG2 HG23 sing N N 425 
VAL OXT HXT  sing N N 426 
# 
_pdbx_initial_refinement_model.accession_code   ? 
_pdbx_initial_refinement_model.id               1 
_pdbx_initial_refinement_model.entity_id_list   ? 
_pdbx_initial_refinement_model.type             'experimental model' 
_pdbx_initial_refinement_model.source_name      Other 
_pdbx_initial_refinement_model.details          'CRYSTAL STRUCTURE OF COXSACKIEVIURS B3 3C PROTEASE' 
# 
_atom_sites.entry_id                    3ZZ5 
_atom_sites.fract_transf_matrix[1][1]   0.00408775 
_atom_sites.fract_transf_matrix[1][2]   0.01350583 
_atom_sites.fract_transf_matrix[1][3]   0.00318334 
_atom_sites.fract_transf_matrix[2][1]   -0.00973064 
_atom_sites.fract_transf_matrix[2][2]   0.00006066 
_atom_sites.fract_transf_matrix[2][3]   0.01223782 
_atom_sites.fract_transf_matrix[3][1]   0.02193356 
_atom_sites.fract_transf_matrix[3][2]   0.00243314 
_atom_sites.fract_transf_matrix[3][3]   0.01742794 
_atom_sites.fract_transf_vector[1]      -0.289217 
_atom_sites.fract_transf_vector[2]      0.003310 
_atom_sites.fract_transf_vector[3]      -0.483570 
# 
loop_
_atom_type.symbol 
C 
N 
O 
S 
# 
loop_
_atom_site.group_PDB 
_atom_site.id 
_atom_site.type_symbol 
_atom_site.label_atom_id 
_atom_site.label_alt_id 
_atom_site.label_comp_id 
_atom_site.label_asym_id 
_atom_site.label_entity_id 
_atom_site.label_seq_id 
_atom_site.pdbx_PDB_ins_code 
_atom_site.Cartn_x 
_atom_site.Cartn_y 
_atom_site.Cartn_z 
_atom_site.occupancy 
_atom_site.B_iso_or_equiv 
_atom_site.pdbx_formal_charge 
_atom_site.auth_seq_id 
_atom_site.auth_comp_id 
_atom_site.auth_asym_id 
_atom_site.auth_atom_id 
_atom_site.pdbx_PDB_model_num 
ATOM   1    N N   . MET A 1 1   ? 5.206   -14.643 -14.292 1.00 42.23 ? 0    MET A N   1 
ATOM   2    C CA  . MET A 1 1   ? 5.068   -13.907 -12.999 1.00 42.06 ? 0    MET A CA  1 
ATOM   3    C C   . MET A 1 1   ? 6.335   -14.042 -12.151 1.00 40.85 ? 0    MET A C   1 
ATOM   4    O O   . MET A 1 1   ? 6.539   -13.289 -11.212 1.00 41.76 ? 0    MET A O   1 
ATOM   5    C CB  . MET A 1 1   ? 3.875   -14.439 -12.206 1.00 43.58 ? 0    MET A CB  1 
ATOM   6    C CG  . MET A 1 1   ? 2.604   -14.791 -12.999 1.00 47.10 ? 0    MET A CG  1 
ATOM   7    S SD  . MET A 1 1   ? 1.862   -16.375 -12.396 1.00 53.55 ? 0    MET A SD  1 
ATOM   8    C CE  . MET A 1 1   ? 0.549   -16.675 -13.612 1.00 50.34 ? 0    MET A CE  1 
ATOM   9    N N   . GLY A 1 2   ? 7.189   -15.011 -12.479 1.00 39.61 ? 1    GLY A N   1 
ATOM   10   C CA  . GLY A 1 2   ? 8.396   -15.256 -11.718 1.00 37.25 ? 1    GLY A CA  1 
ATOM   11   C C   . GLY A 1 2   ? 9.165   -13.976 -11.441 1.00 37.02 ? 1    GLY A C   1 
ATOM   12   O O   . GLY A 1 2   ? 9.454   -13.659 -10.268 1.00 37.03 ? 1    GLY A O   1 
ATOM   13   N N   . PRO A 1 3   ? 9.487   -13.215 -12.513 1.00 35.90 ? 2    PRO A N   1 
ATOM   14   C CA  . PRO A 1 3   ? 10.207  -11.937 -12.342 1.00 35.44 ? 2    PRO A CA  1 
ATOM   15   C C   . PRO A 1 3   ? 9.469   -11.013 -11.364 1.00 34.28 ? 2    PRO A C   1 
ATOM   16   O O   . PRO A 1 3   ? 10.088  -10.431 -10.486 1.00 34.71 ? 2    PRO A O   1 
ATOM   17   C CB  . PRO A 1 3   ? 10.195  -11.330 -13.758 1.00 35.35 ? 2    PRO A CB  1 
ATOM   18   C CG  . PRO A 1 3   ? 10.036  -12.501 -14.689 1.00 35.05 ? 2    PRO A CG  1 
ATOM   19   C CD  . PRO A 1 3   ? 9.161   -13.485 -13.933 1.00 35.81 ? 2    PRO A CD  1 
ATOM   20   N N   . ALA A 1 4   ? 8.145   -10.928 -11.487 1.00 33.92 ? 3    ALA A N   1 
ATOM   21   C CA  . ALA A 1 4   ? 7.334   -10.139 -10.539 1.00 32.33 ? 3    ALA A CA  1 
ATOM   22   C C   . ALA A 1 4   ? 7.471   -10.652 -9.071  1.00 31.28 ? 3    ALA A C   1 
ATOM   23   O O   . ALA A 1 4   ? 7.770   -9.869  -8.157  1.00 29.87 ? 3    ALA A O   1 
ATOM   24   C CB  . ALA A 1 4   ? 5.877   -10.052 -11.019 1.00 32.61 ? 3    ALA A CB  1 
ATOM   25   N N   . PHE A 1 5   ? 7.398   -11.968 -8.869  1.00 30.20 ? 4    PHE A N   1 
ATOM   26   C CA  . PHE A 1 5   ? 7.643   -12.540 -7.527  1.00 29.86 ? 4    PHE A CA  1 
ATOM   27   C C   . PHE A 1 5   ? 9.001   -12.174 -7.022  1.00 29.27 ? 4    PHE A C   1 
ATOM   28   O O   . PHE A 1 5   ? 9.181   -11.731 -5.867  1.00 29.67 ? 4    PHE A O   1 
ATOM   29   C CB  . PHE A 1 5   ? 7.501   -14.068 -7.590  1.00 30.55 ? 4    PHE A CB  1 
ATOM   30   C CG  . PHE A 1 5   ? 7.569   -14.789 -6.247  1.00 32.68 ? 4    PHE A CG  1 
ATOM   31   C CD1 . PHE A 1 5   ? 6.544   -14.657 -5.287  1.00 37.18 ? 4    PHE A CD1 1 
ATOM   32   C CD2 . PHE A 1 5   ? 8.605   -15.701 -5.986  1.00 36.66 ? 4    PHE A CD2 1 
ATOM   33   C CE1 . PHE A 1 5   ? 6.571   -15.400 -4.073  1.00 34.91 ? 4    PHE A CE1 1 
ATOM   34   C CE2 . PHE A 1 5   ? 8.643   -16.431 -4.770  1.00 35.55 ? 4    PHE A CE2 1 
ATOM   35   C CZ  . PHE A 1 5   ? 7.632   -16.280 -3.821  1.00 34.58 ? 4    PHE A CZ  1 
ATOM   36   N N   . GLU A 1 6   ? 9.985   -12.317 -7.904  1.00 29.08 ? 5    GLU A N   1 
ATOM   37   C CA  . GLU A 1 6   ? 11.370  -11.962 -7.540  1.00 28.86 ? 5    GLU A CA  1 
ATOM   38   C C   . GLU A 1 6   ? 11.505  -10.491 -7.192  1.00 26.79 ? 5    GLU A C   1 
ATOM   39   O O   . GLU A 1 6   ? 12.033  -10.146 -6.137  1.00 26.56 ? 5    GLU A O   1 
ATOM   40   C CB  . GLU A 1 6   ? 12.335  -12.364 -8.650  1.00 29.97 ? 5    GLU A CB  1 
ATOM   41   C CG  . GLU A 1 6   ? 13.349  -13.365 -8.195  1.00 36.08 ? 5    GLU A CG  1 
ATOM   42   C CD  . GLU A 1 6   ? 13.897  -14.173 -9.348  1.00 41.70 ? 5    GLU A CD  1 
ATOM   43   O OE1 . GLU A 1 6   ? 14.148  -13.575 -10.404 1.00 42.97 ? 5    GLU A OE1 1 
ATOM   44   O OE2 . GLU A 1 6   ? 14.069  -15.406 -9.192  1.00 46.53 ? 5    GLU A OE2 1 
ATOM   45   N N   . PHE A 1 7   ? 11.039  -9.610  -8.063  1.00 25.95 ? 6    PHE A N   1 
ATOM   46   C CA  . PHE A 1 7   ? 10.976  -8.195  -7.667  1.00 26.81 ? 6    PHE A CA  1 
ATOM   47   C C   . PHE A 1 7   ? 10.161  -8.013  -6.324  1.00 25.55 ? 6    PHE A C   1 
ATOM   48   O O   . PHE A 1 7   ? 10.643  -7.427  -5.346  1.00 26.78 ? 6    PHE A O   1 
ATOM   49   C CB  . PHE A 1 7   ? 10.429  -7.358  -8.811  1.00 26.48 ? 6    PHE A CB  1 
ATOM   50   C CG  . PHE A 1 7   ? 10.407  -5.888  -8.510  1.00 31.38 ? 6    PHE A CG  1 
ATOM   51   C CD1 . PHE A 1 7   ? 11.572  -5.139  -8.540  1.00 32.99 ? 6    PHE A CD1 1 
ATOM   52   C CD2 . PHE A 1 7   ? 9.210   -5.242  -8.180  1.00 32.55 ? 6    PHE A CD2 1 
ATOM   53   C CE1 . PHE A 1 7   ? 11.536  -3.766  -8.248  1.00 32.23 ? 6    PHE A CE1 1 
ATOM   54   C CE2 . PHE A 1 7   ? 9.176   -3.882  -7.930  1.00 26.49 ? 6    PHE A CE2 1 
ATOM   55   C CZ  . PHE A 1 7   ? 10.295  -3.156  -7.963  1.00 30.84 ? 6    PHE A CZ  1 
ATOM   56   N N   . ALA A 1 8   ? 8.990   -8.615  -6.221  1.00 25.35 ? 7    ALA A N   1 
ATOM   57   C CA  . ALA A 1 8   ? 8.183   -8.514  -4.965  1.00 26.29 ? 7    ALA A CA  1 
ATOM   58   C C   . ALA A 1 8   ? 8.961   -8.878  -3.695  1.00 25.81 ? 7    ALA A C   1 
ATOM   59   O O   . ALA A 1 8   ? 8.977   -8.125  -2.722  1.00 26.36 ? 7    ALA A O   1 
ATOM   60   C CB  . ALA A 1 8   ? 6.954   -9.395  -5.077  1.00 25.49 ? 7    ALA A CB  1 
ATOM   61   N N   . VAL A 1 9   ? 9.647   -10.015 -3.723  1.00 26.61 ? 8    VAL A N   1 
ATOM   62   C CA  . VAL A 1 9   ? 10.318  -10.527 -2.523  1.00 26.86 ? 8    VAL A CA  1 
ATOM   63   C C   . VAL A 1 9   ? 11.433  -9.599  -2.049  1.00 27.37 ? 8    VAL A C   1 
ATOM   64   O O   . VAL A 1 9   ? 11.592  -9.316  -0.844  1.00 26.63 ? 8    VAL A O   1 
ATOM   65   C CB  . VAL A 1 9   ? 10.920  -11.907 -2.783  1.00 26.29 ? 8    VAL A CB  1 
ATOM   66   C CG1 . VAL A 1 9   ? 11.687  -12.360 -1.559  1.00 28.78 ? 8    VAL A CG1 1 
ATOM   67   C CG2 . VAL A 1 9   ? 9.863   -12.912 -3.128  1.00 25.19 ? 8    VAL A CG2 1 
ATOM   68   N N   . ALA A 1 10  ? 12.229  -9.159  -3.036  1.00 28.05 ? 9    ALA A N   1 
ATOM   69   C CA  . ALA A 1 10  ? 13.286  -8.173  -2.815  1.00 26.76 ? 9    ALA A CA  1 
ATOM   70   C C   . ALA A 1 10  ? 12.715  -6.819  -2.342  1.00 25.86 ? 9    ALA A C   1 
ATOM   71   O O   . ALA A 1 10  ? 13.214  -6.204  -1.383  1.00 25.71 ? 9    ALA A O   1 
ATOM   72   C CB  . ALA A 1 10  ? 14.065  -8.006  -4.084  1.00 27.25 ? 9    ALA A CB  1 
ATOM   73   N N   . MET A 1 11  ? 11.667  -6.341  -2.996  1.00 25.81 ? 10   MET A N   1 
ATOM   74   C CA  . MET A 1 11  ? 11.041  -5.077  -2.485  1.00 25.13 ? 10   MET A CA  1 
ATOM   75   C C   . MET A 1 11  ? 10.606  -5.250  -1.060  1.00 26.19 ? 10   MET A C   1 
ATOM   76   O O   . MET A 1 11  ? 10.967  -4.437  -0.207  1.00 25.71 ? 10   MET A O   1 
ATOM   77   C CB  . MET A 1 11  ? 9.854   -4.631  -3.323  1.00 24.81 ? 10   MET A CB  1 
ATOM   78   C CG  . MET A 1 11  ? 9.253   -3.270  -2.945  1.00 22.55 ? 10   MET A CG  1 
ATOM   79   S SD  . MET A 1 11  ? 10.398  -1.893  -2.898  1.00 27.04 ? 10   MET A SD  1 
ATOM   80   C CE  . MET A 1 11  ? 10.520  -1.409  -4.616  1.00 18.73 ? 10   MET A CE  1 
ATOM   81   N N   . MET A 1 12  ? 9.811   -6.302  -0.795  1.00 26.54 ? 11   MET A N   1 
ATOM   82   C CA  . MET A 1 12  ? 9.263   -6.476  0.556   1.00 27.03 ? 11   MET A CA  1 
ATOM   83   C C   . MET A 1 12  ? 10.370  -6.541  1.583   1.00 28.54 ? 11   MET A C   1 
ATOM   84   O O   . MET A 1 12  ? 10.345  -5.803  2.585   1.00 29.40 ? 11   MET A O   1 
ATOM   85   C CB  . MET A 1 12  ? 8.325   -7.678  0.657   1.00 26.24 ? 11   MET A CB  1 
ATOM   86   C CG  . MET A 1 12  ? 7.019   -7.498  -0.192  1.00 24.36 ? 11   MET A CG  1 
ATOM   87   S SD  . MET A 1 12  ? 6.168   -5.918  0.202   1.00 25.22 ? 11   MET A SD  1 
ATOM   88   C CE  . MET A 1 12  ? 5.406   -6.424  1.768   1.00 18.70 ? 11   MET A CE  1 
ATOM   89   N N   . LYS A 1 13  ? 11.357  -7.376  1.306   1.00 30.12 ? 12   LYS A N   1 
ATOM   90   C CA  . LYS A 1 13  ? 12.504  -7.537  2.164   1.00 33.42 ? 12   LYS A CA  1 
ATOM   91   C C   . LYS A 1 13  ? 13.205  -6.216  2.432   1.00 33.87 ? 12   LYS A C   1 
ATOM   92   O O   . LYS A 1 13  ? 13.591  -5.930  3.563   1.00 35.26 ? 12   LYS A O   1 
ATOM   93   C CB  . LYS A 1 13  ? 13.443  -8.532  1.497   1.00 35.49 ? 12   LYS A CB  1 
ATOM   94   C CG  . LYS A 1 13  ? 14.670  -8.914  2.289   1.00 39.39 ? 12   LYS A CG  1 
ATOM   95   C CD  . LYS A 1 13  ? 15.408  -10.048 1.523   1.00 47.08 ? 12   LYS A CD  1 
ATOM   96   C CE  . LYS A 1 13  ? 16.554  -10.651 2.373   1.00 50.51 ? 12   LYS A CE  1 
ATOM   97   N NZ  . LYS A 1 13  ? 16.825  -9.832  3.635   1.00 52.69 ? 12   LYS A NZ  1 
ATOM   98   N N   . ARG A 1 14  ? 13.321  -5.372  1.412   1.00 35.36 ? 13   ARG A N   1 
ATOM   99   C CA  . ARG A 1 14  ? 13.953  -4.065  1.583   1.00 35.18 ? 13   ARG A CA  1 
ATOM   100  C C   . ARG A 1 14  ? 13.085  -2.987  2.211   1.00 34.69 ? 13   ARG A C   1 
ATOM   101  O O   . ARG A 1 14  ? 13.569  -2.238  3.043   1.00 34.57 ? 13   ARG A O   1 
ATOM   102  C CB  . ARG A 1 14  ? 14.483  -3.568  0.246   1.00 36.23 ? 13   ARG A CB  1 
ATOM   103  C CG  . ARG A 1 14  ? 15.486  -2.428  0.340   1.00 39.46 ? 13   ARG A CG  1 
ATOM   104  C CD  . ARG A 1 14  ? 16.907  -2.985  0.664   1.00 45.05 ? 13   ARG A CD  1 
ATOM   105  N NE  . ARG A 1 14  ? 17.833  -1.939  1.103   1.00 50.22 ? 13   ARG A NE  1 
ATOM   106  C CZ  . ARG A 1 14  ? 18.781  -1.373  0.345   1.00 54.73 ? 13   ARG A CZ  1 
ATOM   107  N NH1 . ARG A 1 14  ? 18.973  -1.738  -0.934  1.00 54.24 ? 13   ARG A NH1 1 
ATOM   108  N NH2 . ARG A 1 14  ? 19.551  -0.424  0.881   1.00 56.82 ? 13   ARG A NH2 1 
ATOM   109  N N   . ASN A 1 15  ? 11.821  -2.846  1.824   1.00 33.57 ? 14   ASN A N   1 
ATOM   110  C CA  . ASN A 1 15  ? 11.125  -1.592  2.214   1.00 32.62 ? 14   ASN A CA  1 
ATOM   111  C C   . ASN A 1 15  ? 9.874   -1.730  3.123   1.00 32.53 ? 14   ASN A C   1 
ATOM   112  O O   . ASN A 1 15  ? 9.263   -0.726  3.533   1.00 30.91 ? 14   ASN A O   1 
ATOM   113  C CB  . ASN A 1 15  ? 10.744  -0.808  0.959   1.00 32.85 ? 14   ASN A CB  1 
ATOM   114  C CG  . ASN A 1 15  ? 11.791  0.213   0.557   1.00 32.72 ? 14   ASN A CG  1 
ATOM   115  O OD1 . ASN A 1 15  ? 11.843  1.324   1.075   1.00 32.81 ? 14   ASN A OD1 1 
ATOM   116  N ND2 . ASN A 1 15  ? 12.586  -0.143  -0.390  1.00 26.24 ? 14   ASN A ND2 1 
ATOM   117  N N   . SER A 1 16  ? 9.499   -2.968  3.423   1.00 31.60 ? 15   SER A N   1 
ATOM   118  C CA  . SER A 1 16  ? 8.229   -3.236  4.037   1.00 31.67 ? 15   SER A CA  1 
ATOM   119  C C   . SER A 1 16  ? 8.417   -3.602  5.517   1.00 32.74 ? 15   SER A C   1 
ATOM   120  O O   . SER A 1 16  ? 9.516   -3.985  5.956   1.00 32.47 ? 15   SER A O   1 
ATOM   121  C CB  . SER A 1 16  ? 7.512   -4.336  3.262   1.00 31.50 ? 15   SER A CB  1 
ATOM   122  O OG  . SER A 1 16  ? 7.755   -5.622  3.829   1.00 30.84 ? 15   SER A OG  1 
ATOM   123  N N   . SER A 1 17  ? 7.340   -3.438  6.284   1.00 33.46 ? 16   SER A N   1 
ATOM   124  C CA  . SER A 1 17  ? 7.310   -3.775  7.708   1.00 34.10 ? 16   SER A CA  1 
ATOM   125  C C   . SER A 1 17  ? 5.869   -3.997  8.136   1.00 33.76 ? 16   SER A C   1 
ATOM   126  O O   . SER A 1 17  ? 4.938   -3.625  7.449   1.00 33.68 ? 16   SER A O   1 
ATOM   127  C CB  . SER A 1 17  ? 7.915   -2.662  8.548   1.00 34.50 ? 16   SER A CB  1 
ATOM   128  O OG  . SER A 1 17  ? 7.251   -1.442  8.266   1.00 36.12 ? 16   SER A OG  1 
ATOM   129  N N   . THR A 1 18  ? 5.710   -4.657  9.272   1.00 34.60 ? 17   THR A N   1 
ATOM   130  C CA  . THR A 1 18  ? 4.421   -4.895  9.860   1.00 34.19 ? 17   THR A CA  1 
ATOM   131  C C   . THR A 1 18  ? 4.138   -3.811  10.841  1.00 34.76 ? 17   THR A C   1 
ATOM   132  O O   . THR A 1 18  ? 4.955   -3.524  11.704  1.00 35.14 ? 17   THR A O   1 
ATOM   133  C CB  . THR A 1 18  ? 4.446   -6.184  10.616  1.00 34.18 ? 17   THR A CB  1 
ATOM   134  O OG1 . THR A 1 18  ? 4.860   -7.222  9.720   1.00 33.45 ? 17   THR A OG1 1 
ATOM   135  C CG2 . THR A 1 18  ? 3.057   -6.461  11.143  1.00 33.88 ? 17   THR A CG2 1 
ATOM   136  N N   . VAL A 1 19  ? 2.964   -3.207  10.724  1.00 35.34 ? 18   VAL A N   1 
ATOM   137  C CA  . VAL A 1 19  ? 2.605   -2.071  11.563  1.00 35.32 ? 18   VAL A CA  1 
ATOM   138  C C   . VAL A 1 19  ? 1.307   -2.358  12.331  1.00 35.04 ? 18   VAL A C   1 
ATOM   139  O O   . VAL A 1 19  ? 0.333   -2.857  11.762  1.00 33.96 ? 18   VAL A O   1 
ATOM   140  C CB  . VAL A 1 19  ? 2.450   -0.826  10.696  1.00 35.46 ? 18   VAL A CB  1 
ATOM   141  C CG1 . VAL A 1 19  ? 1.655   0.288   11.425  1.00 36.66 ? 18   VAL A CG1 1 
ATOM   142  C CG2 . VAL A 1 19  ? 3.839   -0.337  10.274  1.00 36.86 ? 18   VAL A CG2 1 
ATOM   143  N N   . LYS A 1 20  ? 1.295   -2.045  13.619  1.00 34.76 ? 19   LYS A N   1 
ATOM   144  C CA  . LYS A 1 20  ? 0.068   -2.187  14.389  1.00 35.94 ? 19   LYS A CA  1 
ATOM   145  C C   . LYS A 1 20  ? -0.410  -0.790  14.842  1.00 35.56 ? 19   LYS A C   1 
ATOM   146  O O   . LYS A 1 20  ? 0.404   0.032   15.300  1.00 36.42 ? 19   LYS A O   1 
ATOM   147  C CB  . LYS A 1 20  ? 0.290   -3.179  15.551  1.00 35.83 ? 19   LYS A CB  1 
ATOM   148  C CG  . LYS A 1 20  ? -0.935  -3.900  15.972  1.00 39.02 ? 19   LYS A CG  1 
ATOM   149  C CD  . LYS A 1 20  ? -0.626  -5.111  16.915  1.00 44.90 ? 19   LYS A CD  1 
ATOM   150  C CE  . LYS A 1 20  ? -1.802  -5.356  17.956  1.00 45.78 ? 19   LYS A CE  1 
ATOM   151  N NZ  . LYS A 1 20  ? -1.621  -4.795  19.389  1.00 47.99 ? 19   LYS A NZ  1 
ATOM   152  N N   . THR A 1 21  ? -1.695  -0.509  14.600  1.00 34.97 ? 20   THR A N   1 
ATOM   153  C CA  . THR A 1 21  ? -2.373  0.711   15.068  1.00 34.82 ? 20   THR A CA  1 
ATOM   154  C C   . THR A 1 21  ? -3.521  0.235   15.913  1.00 35.07 ? 20   THR A C   1 
ATOM   155  O O   . THR A 1 21  ? -3.753  -0.979  16.067  1.00 34.10 ? 20   THR A O   1 
ATOM   156  C CB  . THR A 1 21  ? -3.071  1.568   13.959  1.00 34.75 ? 20   THR A CB  1 
ATOM   157  O OG1 . THR A 1 21  ? -4.057  0.784   13.272  1.00 35.40 ? 20   THR A OG1 1 
ATOM   158  C CG2 . THR A 1 21  ? -2.105  2.183   12.995  1.00 32.72 ? 20   THR A CG2 1 
ATOM   159  N N   . GLU A 1 22  ? -4.292  1.194   16.400  1.00 34.77 ? 21   GLU A N   1 
ATOM   160  C CA  . GLU A 1 22  ? -5.424  0.851   17.235  1.00 34.94 ? 21   GLU A CA  1 
ATOM   161  C C   . GLU A 1 22  ? -6.491  0.256   16.346  1.00 34.18 ? 21   GLU A C   1 
ATOM   162  O O   . GLU A 1 22  ? -7.444  -0.358  16.836  1.00 35.30 ? 21   GLU A O   1 
ATOM   163  C CB  . GLU A 1 22  ? -5.904  2.088   17.999  1.00 36.74 ? 21   GLU A CB  1 
ATOM   164  C CG  . GLU A 1 22  ? -4.735  2.821   18.779  1.00 38.04 ? 21   GLU A CG  1 
ATOM   165  C CD  . GLU A 1 22  ? -4.090  3.947   17.977  1.00 46.64 ? 21   GLU A CD  1 
ATOM   166  O OE1 . GLU A 1 22  ? -4.455  4.102   16.767  1.00 52.40 ? 21   GLU A OE1 1 
ATOM   167  O OE2 . GLU A 1 22  ? -3.237  4.697   18.544  1.00 48.38 ? 21   GLU A OE2 1 
ATOM   168  N N   . TYR A 1 23  ? -6.315  0.390   15.021  1.00 32.54 ? 22   TYR A N   1 
ATOM   169  C CA  . TYR A 1 23  ? -7.294  -0.145  14.055  1.00 30.29 ? 22   TYR A CA  1 
ATOM   170  C C   . TYR A 1 23  ? -6.957  -1.492  13.446  1.00 29.33 ? 22   TYR A C   1 
ATOM   171  O O   . TYR A 1 23  ? -7.733  -2.062  12.656  1.00 29.01 ? 22   TYR A O   1 
ATOM   172  C CB  . TYR A 1 23  ? -7.677  0.916   13.014  1.00 29.84 ? 22   TYR A CB  1 
ATOM   173  C CG  . TYR A 1 23  ? -8.655  1.928   13.642  1.00 29.00 ? 22   TYR A CG  1 
ATOM   174  C CD1 . TYR A 1 23  ? -8.209  2.923   14.525  1.00 29.76 ? 22   TYR A CD1 1 
ATOM   175  C CD2 . TYR A 1 23  ? -9.998  1.852   13.394  1.00 27.83 ? 22   TYR A CD2 1 
ATOM   176  C CE1 . TYR A 1 23  ? -9.102  3.833   15.119  1.00 31.27 ? 22   TYR A CE1 1 
ATOM   177  C CE2 . TYR A 1 23  ? -10.897 2.756   13.966  1.00 30.19 ? 22   TYR A CE2 1 
ATOM   178  C CZ  . TYR A 1 23  ? -10.442 3.738   14.832  1.00 29.44 ? 22   TYR A CZ  1 
ATOM   179  O OH  . TYR A 1 23  ? -11.353 4.606   15.416  1.00 30.56 ? 22   TYR A OH  1 
ATOM   180  N N   . GLY A 1 24  ? -5.804  -2.012  13.817  1.00 28.04 ? 23   GLY A N   1 
ATOM   181  C CA  . GLY A 1 24  ? -5.431  -3.339  13.354  1.00 28.18 ? 23   GLY A CA  1 
ATOM   182  C C   . GLY A 1 24  ? -3.970  -3.453  12.975  1.00 27.62 ? 23   GLY A C   1 
ATOM   183  O O   . GLY A 1 24  ? -3.154  -2.601  13.289  1.00 25.60 ? 23   GLY A O   1 
ATOM   184  N N   . GLU A 1 25  ? -3.657  -4.542  12.288  1.00 28.39 ? 24   GLU A N   1 
ATOM   185  C CA  . GLU A 1 25  ? -2.289  -4.822  11.889  1.00 28.29 ? 24   GLU A CA  1 
ATOM   186  C C   . GLU A 1 25  ? -2.191  -4.681  10.373  1.00 27.45 ? 24   GLU A C   1 
ATOM   187  O O   . GLU A 1 25  ? -3.022  -5.202  9.670   1.00 27.65 ? 24   GLU A O   1 
ATOM   188  C CB  . GLU A 1 25  ? -1.916  -6.243  12.333  1.00 28.26 ? 24   GLU A CB  1 
ATOM   189  C CG  . GLU A 1 25  ? -0.471  -6.558  12.063  1.00 33.35 ? 24   GLU A CG  1 
ATOM   190  C CD  . GLU A 1 25  ? -0.109  -7.978  12.370  1.00 38.42 ? 24   GLU A CD  1 
ATOM   191  O OE1 . GLU A 1 25  ? -0.818  -8.892  11.929  1.00 42.63 ? 24   GLU A OE1 1 
ATOM   192  O OE2 . GLU A 1 25  ? 0.907   -8.192  13.045  1.00 40.77 ? 24   GLU A OE2 1 
ATOM   193  N N   . PHE A 1 26  ? -1.169  -3.986  9.886   1.00 27.20 ? 25   PHE A N   1 
ATOM   194  C CA  . PHE A 1 26  ? -1.059  -3.625  8.479   1.00 26.65 ? 25   PHE A CA  1 
ATOM   195  C C   . PHE A 1 26  ? 0.311   -3.904  7.920   1.00 27.12 ? 25   PHE A C   1 
ATOM   196  O O   . PHE A 1 26  ? 1.313   -3.830  8.628   1.00 27.10 ? 25   PHE A O   1 
ATOM   197  C CB  . PHE A 1 26  ? -1.365  -2.140  8.272   1.00 27.02 ? 25   PHE A CB  1 
ATOM   198  C CG  . PHE A 1 26  ? -2.807  -1.802  8.559   1.00 28.86 ? 25   PHE A CG  1 
ATOM   199  C CD1 . PHE A 1 26  ? -3.792  -2.073  7.640   1.00 25.88 ? 25   PHE A CD1 1 
ATOM   200  C CD2 . PHE A 1 26  ? -3.176  -1.348  9.799   1.00 26.98 ? 25   PHE A CD2 1 
ATOM   201  C CE1 . PHE A 1 26  ? -5.070  -1.836  7.911   1.00 26.94 ? 25   PHE A CE1 1 
ATOM   202  C CE2 . PHE A 1 26  ? -4.477  -1.123  10.054  1.00 29.86 ? 25   PHE A CE2 1 
ATOM   203  C CZ  . PHE A 1 26  ? -5.418  -1.354  9.103   1.00 28.14 ? 25   PHE A CZ  1 
ATOM   204  N N   . THR A 1 27  ? 0.367   -4.199  6.626   1.00 25.99 ? 26   THR A N   1 
ATOM   205  C CA  . THR A 1 27  ? 1.643   -4.063  5.910   1.00 25.70 ? 26   THR A CA  1 
ATOM   206  C C   . THR A 1 27  ? 1.964   -2.570  5.698   1.00 27.34 ? 26   THR A C   1 
ATOM   207  O O   . THR A 1 27  ? 1.073   -1.753  5.395   1.00 28.40 ? 26   THR A O   1 
ATOM   208  C CB  . THR A 1 27  ? 1.593   -4.782  4.566   1.00 23.71 ? 26   THR A CB  1 
ATOM   209  O OG1 . THR A 1 27  ? 1.210   -6.135  4.799   1.00 21.96 ? 26   THR A OG1 1 
ATOM   210  C CG2 . THR A 1 27  ? 2.898   -4.772  3.952   1.00 22.66 ? 26   THR A CG2 1 
ATOM   211  N N   . MET A 1 28  ? 3.235   -2.210  5.829   1.00 27.59 ? 27   MET A N   1 
ATOM   212  C CA  . MET A 1 28  ? 3.611   -0.809  5.593   1.00 29.22 ? 27   MET A CA  1 
ATOM   213  C C   . MET A 1 28  ? 4.819   -0.744  4.643   1.00 29.28 ? 27   MET A C   1 
ATOM   214  O O   . MET A 1 28  ? 5.791   -1.469  4.836   1.00 30.92 ? 27   MET A O   1 
ATOM   215  C CB  . MET A 1 28  ? 3.891   -0.055  6.923   1.00 28.02 ? 27   MET A CB  1 
ATOM   216  C CG  . MET A 1 28  ? 4.018   1.470   6.740   1.00 30.32 ? 27   MET A CG  1 
ATOM   217  S SD  . MET A 1 28  ? 4.513   2.420   8.185   1.00 32.17 ? 27   MET A SD  1 
ATOM   218  C CE  . MET A 1 28  ? 6.207   1.905   8.391   1.00 29.34 ? 27   MET A CE  1 
ATOM   219  N N   . LEU A 1 29  ? 4.727   0.120   3.639   1.00 28.94 ? 28   LEU A N   1 
ATOM   220  C CA  . LEU A 1 29  ? 5.799   0.360   2.672   1.00 28.71 ? 28   LEU A CA  1 
ATOM   221  C C   . LEU A 1 29  ? 6.507   1.710   2.932   1.00 28.93 ? 28   LEU A C   1 
ATOM   222  O O   . LEU A 1 29  ? 5.898   2.777   2.854   1.00 28.54 ? 28   LEU A O   1 
ATOM   223  C CB  . LEU A 1 29  ? 5.263   0.223   1.230   1.00 27.16 ? 28   LEU A CB  1 
ATOM   224  C CG  . LEU A 1 29  ? 6.228   0.218   0.025   1.00 24.65 ? 28   LEU A CG  1 
ATOM   225  C CD1 . LEU A 1 29  ? 7.230   -0.919  0.052   1.00 19.99 ? 28   LEU A CD1 1 
ATOM   226  C CD2 . LEU A 1 29  ? 5.483   0.245   -1.290  1.00 21.78 ? 28   LEU A CD2 1 
ATOM   227  N N   . GLY A 1 30  ? 7.768   1.611   3.342   1.00 29.76 ? 29   GLY A N   1 
ATOM   228  C CA  . GLY A 1 30  ? 8.694   2.735   3.405   1.00 31.07 ? 29   GLY A CA  1 
ATOM   229  C C   . GLY A 1 30  ? 9.035   3.213   2.019   1.00 32.68 ? 29   GLY A C   1 
ATOM   230  O O   . GLY A 1 30  ? 9.407   2.413   1.185   1.00 33.89 ? 29   GLY A O   1 
ATOM   231  N N   . ILE A 1 31  ? 8.877   4.503   1.757   1.00 34.24 ? 30   ILE A N   1 
ATOM   232  C CA  . ILE A 1 31  ? 9.032   5.069   0.409   1.00 35.80 ? 30   ILE A CA  1 
ATOM   233  C C   . ILE A 1 31  ? 10.391  5.748   0.125   1.00 37.55 ? 30   ILE A C   1 
ATOM   234  O O   . ILE A 1 31  ? 11.087  5.416   -0.843  1.00 36.84 ? 30   ILE A O   1 
ATOM   235  C CB  . ILE A 1 31  ? 7.917   6.095   0.120   1.00 35.91 ? 30   ILE A CB  1 
ATOM   236  C CG1 . ILE A 1 31  ? 6.522   5.470   0.273   1.00 35.06 ? 30   ILE A CG1 1 
ATOM   237  C CG2 . ILE A 1 31  ? 8.127   6.748   -1.246  1.00 35.60 ? 30   ILE A CG2 1 
ATOM   238  C CD1 . ILE A 1 31  ? 6.315   4.211   -0.557  1.00 35.73 ? 30   ILE A CD1 1 
ATOM   239  N N   . TYR A 1 32  ? 10.725  6.753   0.930   1.00 39.70 ? 31   TYR A N   1 
ATOM   240  C CA  . TYR A 1 32  ? 12.052  7.360   0.906   1.00 42.38 ? 31   TYR A CA  1 
ATOM   241  C C   . TYR A 1 32  ? 12.162  8.001   2.271   1.00 43.62 ? 31   TYR A C   1 
ATOM   242  O O   . TYR A 1 32  ? 11.146  8.297   2.895   1.00 44.14 ? 31   TYR A O   1 
ATOM   243  C CB  . TYR A 1 32  ? 12.191  8.398   -0.230  1.00 42.54 ? 31   TYR A CB  1 
ATOM   244  C CG  . TYR A 1 32  ? 11.516  9.730   0.039   1.00 45.71 ? 31   TYR A CG  1 
ATOM   245  C CD1 . TYR A 1 32  ? 10.117  9.828   0.093   1.00 47.73 ? 31   TYR A CD1 1 
ATOM   246  C CD2 . TYR A 1 32  ? 12.276  10.897  0.261   1.00 47.65 ? 31   TYR A CD2 1 
ATOM   247  C CE1 . TYR A 1 32  ? 9.486   11.066  0.359   1.00 49.07 ? 31   TYR A CE1 1 
ATOM   248  C CE2 . TYR A 1 32  ? 11.662  12.131  0.528   1.00 48.19 ? 31   TYR A CE2 1 
ATOM   249  C CZ  . TYR A 1 32  ? 10.270  12.211  0.572   1.00 49.37 ? 31   TYR A CZ  1 
ATOM   250  O OH  . TYR A 1 32  ? 9.644   13.421  0.828   1.00 51.14 ? 31   TYR A OH  1 
ATOM   251  N N   . ASP A 1 33  ? 13.371  8.172   2.783   1.00 45.27 ? 32   ASP A N   1 
ATOM   252  C CA  . ASP A 1 33  ? 13.489  8.939   3.992   1.00 46.59 ? 32   ASP A CA  1 
ATOM   253  C C   . ASP A 1 33  ? 12.827  8.204   5.137   1.00 47.00 ? 32   ASP A C   1 
ATOM   254  O O   . ASP A 1 33  ? 13.083  7.016   5.342   1.00 48.21 ? 32   ASP A O   1 
ATOM   255  C CB  . ASP A 1 33  ? 12.776  10.267  3.804   1.00 46.87 ? 32   ASP A CB  1 
ATOM   256  C CG  . ASP A 1 33  ? 13.592  11.392  4.243   1.00 49.22 ? 32   ASP A CG  1 
ATOM   257  O OD1 . ASP A 1 33  ? 14.739  11.495  3.739   1.00 54.75 ? 32   ASP A OD1 1 
ATOM   258  O OD2 . ASP A 1 33  ? 13.099  12.153  5.088   1.00 49.78 ? 32   ASP A OD2 1 
ATOM   259  N N   . ARG A 1 34  ? 11.987  8.923   5.881   1.00 46.21 ? 33   ARG A N   1 
ATOM   260  C CA  . ARG A 1 34  ? 11.227  8.338   6.972   1.00 45.44 ? 33   ARG A CA  1 
ATOM   261  C C   . ARG A 1 34  ? 9.754   8.459   6.743   1.00 44.01 ? 33   ARG A C   1 
ATOM   262  O O   . ARG A 1 34  ? 8.980   8.351   7.694   1.00 44.89 ? 33   ARG A O   1 
ATOM   263  C CB  . ARG A 1 34  ? 11.569  9.033   8.261   1.00 46.38 ? 33   ARG A CB  1 
ATOM   264  C CG  . ARG A 1 34  ? 12.982  8.805   8.607   1.00 48.15 ? 33   ARG A CG  1 
ATOM   265  C CD  . ARG A 1 34  ? 13.589  10.075  9.092   1.00 53.06 ? 33   ARG A CD  1 
ATOM   266  N NE  . ARG A 1 34  ? 15.039  10.017  9.011   1.00 54.27 ? 33   ARG A NE  1 
ATOM   267  C CZ  . ARG A 1 34  ? 15.804  11.070  8.766   1.00 55.78 ? 33   ARG A CZ  1 
ATOM   268  N NH1 . ARG A 1 34  ? 15.276  12.285  8.584   1.00 52.95 ? 33   ARG A NH1 1 
ATOM   269  N NH2 . ARG A 1 34  ? 17.110  10.903  8.705   1.00 59.17 ? 33   ARG A NH2 1 
ATOM   270  N N   . TRP A 1 35  ? 9.380   8.711   5.487   1.00 41.95 ? 34   TRP A N   1 
ATOM   271  C CA  . TRP A 1 35  ? 7.999   8.688   5.038   1.00 39.85 ? 34   TRP A CA  1 
ATOM   272  C C   . TRP A 1 35  ? 7.675   7.303   4.533   1.00 38.26 ? 34   TRP A C   1 
ATOM   273  O O   . TRP A 1 35  ? 8.384   6.739   3.667   1.00 37.29 ? 34   TRP A O   1 
ATOM   274  C CB  . TRP A 1 35  ? 7.798   9.597   3.842   1.00 40.43 ? 34   TRP A CB  1 
ATOM   275  C CG  . TRP A 1 35  ? 7.819   10.984  4.148   1.00 40.19 ? 34   TRP A CG  1 
ATOM   276  C CD1 . TRP A 1 35  ? 8.883   11.813  4.050   1.00 40.25 ? 34   TRP A CD1 1 
ATOM   277  C CD2 . TRP A 1 35  ? 6.720   11.764  4.610   1.00 39.96 ? 34   TRP A CD2 1 
ATOM   278  N NE1 . TRP A 1 35  ? 8.520   13.067  4.436   1.00 42.16 ? 34   TRP A NE1 1 
ATOM   279  C CE2 . TRP A 1 35  ? 7.194   13.069  4.786   1.00 39.95 ? 34   TRP A CE2 1 
ATOM   280  C CE3 . TRP A 1 35  ? 5.381   11.477  4.917   1.00 39.20 ? 34   TRP A CE3 1 
ATOM   281  C CZ2 . TRP A 1 35  ? 6.372   14.112  5.233   1.00 40.59 ? 34   TRP A CZ2 1 
ATOM   282  C CZ3 . TRP A 1 35  ? 4.561   12.510  5.390   1.00 41.32 ? 34   TRP A CZ3 1 
ATOM   283  C CH2 . TRP A 1 35  ? 5.059   13.810  5.542   1.00 40.38 ? 34   TRP A CH2 1 
ATOM   284  N N   . ALA A 1 36  ? 6.566   6.805   5.064   1.00 35.97 ? 35   ALA A N   1 
ATOM   285  C CA  . ALA A 1 36  ? 5.937   5.585   4.633   1.00 35.26 ? 35   ALA A CA  1 
ATOM   286  C C   . ALA A 1 36  ? 4.443   5.854   4.368   1.00 34.23 ? 35   ALA A C   1 
ATOM   287  O O   . ALA A 1 36  ? 3.941   6.979   4.548   1.00 33.99 ? 35   ALA A O   1 
ATOM   288  C CB  . ALA A 1 36  ? 6.118   4.528   5.692   1.00 34.82 ? 35   ALA A CB  1 
ATOM   289  N N   . VAL A 1 37  ? 3.745   4.835   3.891   1.00 33.03 ? 36   VAL A N   1 
ATOM   290  C CA  . VAL A 1 37  ? 2.338   4.962   3.569   1.00 29.72 ? 36   VAL A CA  1 
ATOM   291  C C   . VAL A 1 37  ? 1.572   3.798   4.220   1.00 30.63 ? 36   VAL A C   1 
ATOM   292  O O   . VAL A 1 37  ? 2.114   2.692   4.356   1.00 28.93 ? 36   VAL A O   1 
ATOM   293  C CB  . VAL A 1 37  ? 2.226   4.927   2.054   1.00 30.15 ? 36   VAL A CB  1 
ATOM   294  C CG1 . VAL A 1 37  ? 3.045   3.703   1.446   1.00 28.81 ? 36   VAL A CG1 1 
ATOM   295  C CG2 . VAL A 1 37  ? 0.780   4.986   1.545   1.00 25.85 ? 36   VAL A CG2 1 
ATOM   296  N N   . LEU A 1 38  ? 0.309   4.053   4.592   1.00 30.38 ? 37   LEU A N   1 
ATOM   297  C CA  . LEU A 1 38  ? -0.635  3.058   5.060   1.00 30.13 ? 37   LEU A CA  1 
ATOM   298  C C   . LEU A 1 38  ? -1.978  3.277   4.383   1.00 30.22 ? 37   LEU A C   1 
ATOM   299  O O   . LEU A 1 38  ? -2.260  4.392   3.901   1.00 30.93 ? 37   LEU A O   1 
ATOM   300  C CB  . LEU A 1 38  ? -0.805  3.166   6.573   1.00 30.64 ? 37   LEU A CB  1 
ATOM   301  C CG  . LEU A 1 38  ? 0.306   2.571   7.431   1.00 28.78 ? 37   LEU A CG  1 
ATOM   302  C CD1 . LEU A 1 38  ? 0.174   3.126   8.878   1.00 28.29 ? 37   LEU A CD1 1 
ATOM   303  C CD2 . LEU A 1 38  ? 0.208   1.088   7.450   1.00 24.06 ? 37   LEU A CD2 1 
ATOM   304  N N   . PRO A 1 39  ? -2.807  2.231   4.295   1.00 30.19 ? 38   PRO A N   1 
ATOM   305  C CA  . PRO A 1 39  ? -4.180  2.479   3.788   1.00 31.32 ? 38   PRO A CA  1 
ATOM   306  C C   . PRO A 1 39  ? -4.911  3.450   4.748   1.00 33.12 ? 38   PRO A C   1 
ATOM   307  O O   . PRO A 1 39  ? -4.573  3.477   5.950   1.00 32.63 ? 38   PRO A O   1 
ATOM   308  C CB  . PRO A 1 39  ? -4.815  1.103   3.759   1.00 30.51 ? 38   PRO A CB  1 
ATOM   309  C CG  . PRO A 1 39  ? -3.796  0.148   4.320   1.00 30.70 ? 38   PRO A CG  1 
ATOM   310  C CD  . PRO A 1 39  ? -2.620  0.870   4.817   1.00 30.09 ? 38   PRO A CD  1 
ATOM   311  N N   . ARG A 1 40  ? -5.830  4.301   4.262   1.00 35.34 ? 39   ARG A N   1 
ATOM   312  C CA  . ARG A 1 40  ? -6.251  5.438   5.146   1.00 37.03 ? 39   ARG A CA  1 
ATOM   313  C C   . ARG A 1 40  ? -6.832  4.893   6.404   1.00 36.68 ? 39   ARG A C   1 
ATOM   314  O O   . ARG A 1 40  ? -6.484  5.326   7.504   1.00 36.76 ? 39   ARG A O   1 
ATOM   315  C CB  . ARG A 1 40  ? -7.238  6.452   4.530   1.00 37.72 ? 39   ARG A CB  1 
ATOM   316  C CG  . ARG A 1 40  ? -7.339  7.774   5.420   1.00 40.97 ? 39   ARG A CG  1 
ATOM   317  C CD  . ARG A 1 40  ? -8.398  8.789   4.943   1.00 48.35 ? 39   ARG A CD  1 
ATOM   318  N NE  . ARG A 1 40  ? -9.624  8.121   4.480   1.00 51.30 ? 39   ARG A NE  1 
ATOM   319  C CZ  . ARG A 1 40  ? -10.536 7.579   5.284   1.00 52.91 ? 39   ARG A CZ  1 
ATOM   320  N NH1 . ARG A 1 40  ? -10.367 7.642   6.608   1.00 54.36 ? 39   ARG A NH1 1 
ATOM   321  N NH2 . ARG A 1 40  ? -11.617 6.976   4.766   1.00 50.55 ? 39   ARG A NH2 1 
ATOM   322  N N   . HIS A 1 41  ? -7.696  3.908   6.215   1.00 37.57 ? 40   HIS A N   1 
ATOM   323  C CA  . HIS A 1 41  ? -8.376  3.210   7.313   1.00 39.04 ? 40   HIS A CA  1 
ATOM   324  C C   . HIS A 1 41  ? -7.486  2.515   8.369   1.00 39.13 ? 40   HIS A C   1 
ATOM   325  O O   . HIS A 1 41  ? -7.983  1.783   9.255   1.00 38.88 ? 40   HIS A O   1 
ATOM   326  C CB  . HIS A 1 41  ? -9.399  2.244   6.738   1.00 38.87 ? 40   HIS A CB  1 
ATOM   327  C CG  . HIS A 1 41  ? -8.813  1.247   5.800   1.00 42.01 ? 40   HIS A CG  1 
ATOM   328  N ND1 . HIS A 1 41  ? -8.316  0.031   6.224   1.00 44.15 ? 40   HIS A ND1 1 
ATOM   329  C CD2 . HIS A 1 41  ? -8.635  1.287   4.455   1.00 44.35 ? 40   HIS A CD2 1 
ATOM   330  C CE1 . HIS A 1 41  ? -7.877  -0.645  5.176   1.00 45.67 ? 40   HIS A CE1 1 
ATOM   331  N NE2 . HIS A 1 41  ? -8.075  0.088   4.088   1.00 45.45 ? 40   HIS A NE2 1 
ATOM   332  N N   . ALA A 1 42  ? -6.181  2.761   8.295   1.00 39.23 ? 41   ALA A N   1 
ATOM   333  C CA  . ALA A 1 42  ? -5.305  2.303   9.341   1.00 39.65 ? 41   ALA A CA  1 
ATOM   334  C C   . ALA A 1 42  ? -5.458  3.344   10.434  1.00 40.45 ? 41   ALA A C   1 
ATOM   335  O O   . ALA A 1 42  ? -4.932  3.178   11.563  1.00 40.24 ? 41   ALA A O   1 
ATOM   336  C CB  . ALA A 1 42  ? -3.882  2.197   8.882   1.00 38.04 ? 41   ALA A CB  1 
ATOM   337  N N   . LYS A 1 43  ? -6.204  4.402   10.089  1.00 41.20 ? 42   LYS A N   1 
ATOM   338  C CA  . LYS A 1 43  ? -6.236  5.642   10.876  1.00 42.13 ? 42   LYS A CA  1 
ATOM   339  C C   . LYS A 1 43  ? -5.102  5.622   11.918  1.00 42.82 ? 42   LYS A C   1 
ATOM   340  O O   . LYS A 1 43  ? -5.365  5.417   13.110  1.00 43.32 ? 42   LYS A O   1 
ATOM   341  C CB  . LYS A 1 43  ? -7.578  5.901   11.591  1.00 41.47 ? 42   LYS A CB  1 
ATOM   342  C CG  . LYS A 1 43  ? -8.836  5.193   11.065  1.00 42.20 ? 42   LYS A CG  1 
ATOM   343  C CD  . LYS A 1 43  ? -9.776  6.124   10.293  1.00 42.10 ? 42   LYS A CD  1 
ATOM   344  C CE  . LYS A 1 43  ? -11.166 5.492   10.107  1.00 39.99 ? 42   LYS A CE  1 
ATOM   345  N NZ  . LYS A 1 43  ? -11.061 4.016   10.173  1.00 38.49 ? 42   LYS A NZ  1 
ATOM   346  N N   . PRO A 1 44  ? -3.842  5.835   11.484  1.00 43.01 ? 43   PRO A N   1 
ATOM   347  C CA  . PRO A 1 44  ? -2.800  5.786   12.519  1.00 43.31 ? 43   PRO A CA  1 
ATOM   348  C C   . PRO A 1 44  ? -2.969  6.928   13.536  1.00 45.05 ? 43   PRO A C   1 
ATOM   349  O O   . PRO A 1 44  ? -3.107  8.106   13.150  1.00 46.06 ? 43   PRO A O   1 
ATOM   350  C CB  . PRO A 1 44  ? -1.513  6.011   11.741  1.00 42.67 ? 43   PRO A CB  1 
ATOM   351  C CG  . PRO A 1 44  ? -1.939  6.756   10.501  1.00 41.91 ? 43   PRO A CG  1 
ATOM   352  C CD  . PRO A 1 44  ? -3.343  6.332   10.189  1.00 42.32 ? 43   PRO A CD  1 
ATOM   353  N N   . GLY A 1 45  ? -2.914  6.592   14.818  1.00 45.73 ? 44   GLY A N   1 
ATOM   354  C CA  . GLY A 1 45  ? -2.771  7.593   15.851  1.00 46.31 ? 44   GLY A CA  1 
ATOM   355  C C   . GLY A 1 45  ? -1.391  8.229   15.941  1.00 47.02 ? 44   GLY A C   1 
ATOM   356  O O   . GLY A 1 45  ? -0.560  8.092   15.039  1.00 47.12 ? 44   GLY A O   1 
ATOM   357  N N   . PRO A 1 46  ? -1.158  8.959   17.039  1.00 47.60 ? 45   PRO A N   1 
ATOM   358  C CA  . PRO A 1 46  ? 0.077   9.654   17.373  1.00 47.84 ? 45   PRO A CA  1 
ATOM   359  C C   . PRO A 1 46  ? 1.274   8.738   17.612  1.00 47.87 ? 45   PRO A C   1 
ATOM   360  O O   . PRO A 1 46  ? 2.414   9.213   17.569  1.00 47.86 ? 45   PRO A O   1 
ATOM   361  C CB  . PRO A 1 46  ? -0.290  10.390  18.660  1.00 47.83 ? 45   PRO A CB  1 
ATOM   362  C CG  . PRO A 1 46  ? -1.810  10.550  18.560  1.00 48.92 ? 45   PRO A CG  1 
ATOM   363  C CD  . PRO A 1 46  ? -2.239  9.265   17.999  1.00 47.66 ? 45   PRO A CD  1 
ATOM   364  N N   . THR A 1 47  ? 1.043   7.456   17.893  1.00 47.94 ? 46   THR A N   1 
ATOM   365  C CA  . THR A 1 47  ? 2.166   6.483   17.912  1.00 47.95 ? 46   THR A CA  1 
ATOM   366  C C   . THR A 1 47  ? 1.818   5.151   17.242  1.00 47.37 ? 46   THR A C   1 
ATOM   367  O O   . THR A 1 47  ? 0.638   4.744   17.250  1.00 47.75 ? 46   THR A O   1 
ATOM   368  C CB  . THR A 1 47  ? 2.715   6.275   19.333  1.00 48.43 ? 46   THR A CB  1 
ATOM   369  O OG1 . THR A 1 47  ? 4.130   6.048   19.260  1.00 50.03 ? 46   THR A OG1 1 
ATOM   370  C CG2 . THR A 1 47  ? 1.985   5.115   20.080  1.00 48.69 ? 46   THR A CG2 1 
ATOM   371  N N   . ILE A 1 48  ? 2.807   4.501   16.609  1.00 46.48 ? 47   ILE A N   1 
ATOM   372  C CA  . ILE A 1 48  ? 2.555   3.179   16.002  1.00 45.56 ? 47   ILE A CA  1 
ATOM   373  C C   . ILE A 1 48  ? 3.542   2.101   16.419  1.00 45.73 ? 47   ILE A C   1 
ATOM   374  O O   . ILE A 1 48  ? 4.646   2.413   16.860  1.00 44.93 ? 47   ILE A O   1 
ATOM   375  C CB  . ILE A 1 48  ? 2.384   3.188   14.436  1.00 45.23 ? 47   ILE A CB  1 
ATOM   376  C CG1 . ILE A 1 48  ? 3.591   3.800   13.739  1.00 44.07 ? 47   ILE A CG1 1 
ATOM   377  C CG2 . ILE A 1 48  ? 1.076   3.874   14.014  1.00 44.46 ? 47   ILE A CG2 1 
ATOM   378  C CD1 . ILE A 1 48  ? 4.520   2.818   13.144  1.00 41.74 ? 47   ILE A CD1 1 
ATOM   379  N N   . LEU A 1 49  ? 3.120   0.836   16.304  1.00 45.89 ? 48   LEU A N   1 
ATOM   380  C CA  . LEU A 1 49  ? 4.056   -0.292  16.426  1.00 46.71 ? 48   LEU A CA  1 
ATOM   381  C C   . LEU A 1 49  ? 4.589   -0.620  15.059  1.00 46.58 ? 48   LEU A C   1 
ATOM   382  O O   . LEU A 1 49  ? 3.824   -0.809  14.138  1.00 47.62 ? 48   LEU A O   1 
ATOM   383  C CB  . LEU A 1 49  ? 3.414   -1.540  17.047  1.00 46.51 ? 48   LEU A CB  1 
ATOM   384  C CG  . LEU A 1 49  ? 3.832   -1.751  18.487  1.00 47.02 ? 48   LEU A CG  1 
ATOM   385  C CD1 . LEU A 1 49  ? 3.674   -0.436  19.262  1.00 46.97 ? 48   LEU A CD1 1 
ATOM   386  C CD2 . LEU A 1 49  ? 3.039   -2.910  19.128  1.00 46.96 ? 48   LEU A CD2 1 
ATOM   387  N N   . MET A 1 50  ? 5.906   -0.666  14.937  1.00 46.51 ? 49   MET A N   1 
ATOM   388  C CA  . MET A 1 50  ? 6.560   -1.014  13.705  1.00 46.48 ? 49   MET A CA  1 
ATOM   389  C C   . MET A 1 50  ? 7.507   -2.148  14.057  1.00 46.82 ? 49   MET A C   1 
ATOM   390  O O   . MET A 1 50  ? 8.404   -2.001  14.913  1.00 46.31 ? 49   MET A O   1 
ATOM   391  C CB  . MET A 1 50  ? 7.305   0.192   13.149  1.00 46.11 ? 49   MET A CB  1 
ATOM   392  C CG  . MET A 1 50  ? 7.920   -0.034  11.820  1.00 45.05 ? 49   MET A CG  1 
ATOM   393  S SD  . MET A 1 50  ? 8.608   1.513   11.263  1.00 46.94 ? 49   MET A SD  1 
ATOM   394  C CE  . MET A 1 50  ? 9.760   0.946   9.999   1.00 43.47 ? 49   MET A CE  1 
ATOM   395  N N   . ASN A 1 51  ? 7.271   -3.287  13.415  1.00 47.00 ? 50   ASN A N   1 
ATOM   396  C CA  . ASN A 1 51  ? 7.897   -4.558  13.806  1.00 47.86 ? 50   ASN A CA  1 
ATOM   397  C C   . ASN A 1 51  ? 8.053   -4.730  15.314  1.00 48.01 ? 50   ASN A C   1 
ATOM   398  O O   . ASN A 1 51  ? 9.121   -5.038  15.770  1.00 48.79 ? 50   ASN A O   1 
ATOM   399  C CB  . ASN A 1 51  ? 9.241   -4.764  13.082  1.00 47.86 ? 50   ASN A CB  1 
ATOM   400  C CG  . ASN A 1 51  ? 9.135   -4.529  11.570  1.00 47.18 ? 50   ASN A CG  1 
ATOM   401  O OD1 . ASN A 1 51  ? 8.178   -4.959  10.917  1.00 47.09 ? 50   ASN A OD1 1 
ATOM   402  N ND2 . ASN A 1 51  ? 10.103  -3.809  11.024  1.00 44.84 ? 50   ASN A ND2 1 
ATOM   403  N N   . ASP A 1 52  ? 6.975   -4.490  16.057  1.00 49.13 ? 51   ASP A N   1 
ATOM   404  C CA  . ASP A 1 52  ? 6.866   -4.666  17.516  1.00 50.18 ? 51   ASP A CA  1 
ATOM   405  C C   . ASP A 1 52  ? 7.485   -3.563  18.357  1.00 50.53 ? 51   ASP A C   1 
ATOM   406  O O   . ASP A 1 52  ? 7.642   -3.723  19.572  1.00 50.17 ? 51   ASP A O   1 
ATOM   407  C CB  . ASP A 1 52  ? 7.405   -6.020  17.985  1.00 50.74 ? 51   ASP A CB  1 
ATOM   408  C CG  . ASP A 1 52  ? 6.568   -7.167  17.499  1.00 52.93 ? 51   ASP A CG  1 
ATOM   409  O OD1 . ASP A 1 52  ? 5.364   -7.255  17.852  1.00 55.66 ? 51   ASP A OD1 1 
ATOM   410  O OD2 . ASP A 1 52  ? 7.122   -7.989  16.750  1.00 54.34 ? 51   ASP A OD2 1 
ATOM   411  N N   . GLN A 1 53  ? 7.811   -2.441  17.728  1.00 50.66 ? 52   GLN A N   1 
ATOM   412  C CA  . GLN A 1 53  ? 8.489   -1.382  18.433  1.00 51.58 ? 52   GLN A CA  1 
ATOM   413  C C   . GLN A 1 53  ? 7.746   -0.065  18.359  1.00 52.26 ? 52   GLN A C   1 
ATOM   414  O O   . GLN A 1 53  ? 7.379   0.370   17.267  1.00 51.85 ? 52   GLN A O   1 
ATOM   415  C CB  . GLN A 1 53  ? 9.850   -1.225  17.810  1.00 51.36 ? 52   GLN A CB  1 
ATOM   416  C CG  . GLN A 1 53  ? 10.922  -0.980  18.783  1.00 52.17 ? 52   GLN A CG  1 
ATOM   417  C CD  . GLN A 1 53  ? 12.214  -0.730  18.070  1.00 52.83 ? 52   GLN A CD  1 
ATOM   418  O OE1 . GLN A 1 53  ? 12.473  -1.323  17.009  1.00 54.16 ? 52   GLN A OE1 1 
ATOM   419  N NE2 . GLN A 1 53  ? 13.035  0.163   18.621  1.00 51.09 ? 52   GLN A NE2 1 
ATOM   420  N N   . GLU A 1 54  ? 7.523   0.580   19.506  1.00 53.88 ? 53   GLU A N   1 
ATOM   421  C CA  . GLU A 1 54  ? 6.804   1.878   19.514  1.00 55.25 ? 53   GLU A CA  1 
ATOM   422  C C   . GLU A 1 54  ? 7.581   2.975   18.782  1.00 55.05 ? 53   GLU A C   1 
ATOM   423  O O   . GLU A 1 54  ? 8.702   3.324   19.166  1.00 55.89 ? 53   GLU A O   1 
ATOM   424  C CB  . GLU A 1 54  ? 6.355   2.323   20.925  1.00 56.08 ? 53   GLU A CB  1 
ATOM   425  C CG  . GLU A 1 54  ? 5.205   3.400   20.893  1.00 59.22 ? 53   GLU A CG  1 
ATOM   426  C CD  . GLU A 1 54  ? 4.672   3.848   22.278  1.00 62.52 ? 53   GLU A CD  1 
ATOM   427  O OE1 . GLU A 1 54  ? 3.718   3.218   22.804  1.00 64.52 ? 53   GLU A OE1 1 
ATOM   428  O OE2 . GLU A 1 54  ? 5.199   4.852   22.823  1.00 62.67 ? 53   GLU A OE2 1 
ATOM   429  N N   . VAL A 1 55  ? 6.969   3.473   17.702  1.00 54.46 ? 54   VAL A N   1 
ATOM   430  C CA  . VAL A 1 55  ? 7.524   4.520   16.828  1.00 53.44 ? 54   VAL A CA  1 
ATOM   431  C C   . VAL A 1 55  ? 6.592   5.747   16.800  1.00 53.19 ? 54   VAL A C   1 
ATOM   432  O O   . VAL A 1 55  ? 5.355   5.614   16.746  1.00 52.99 ? 54   VAL A O   1 
ATOM   433  C CB  . VAL A 1 55  ? 7.773   3.989   15.351  1.00 53.58 ? 54   VAL A CB  1 
ATOM   434  C CG1 . VAL A 1 55  ? 8.293   5.082   14.457  1.00 52.48 ? 54   VAL A CG1 1 
ATOM   435  C CG2 . VAL A 1 55  ? 8.730   2.820   15.345  1.00 51.46 ? 54   VAL A CG2 1 
ATOM   436  N N   . GLY A 1 56  ? 7.194   6.934   16.851  1.00 52.81 ? 55   GLY A N   1 
ATOM   437  C CA  . GLY A 1 56  ? 6.450   8.174   16.887  1.00 51.90 ? 55   GLY A CA  1 
ATOM   438  C C   . GLY A 1 56  ? 6.137   8.656   15.502  1.00 51.87 ? 55   GLY A C   1 
ATOM   439  O O   . GLY A 1 56  ? 6.990   8.615   14.622  1.00 51.61 ? 55   GLY A O   1 
ATOM   440  N N   . VAL A 1 57  ? 4.898   9.112   15.320  1.00 52.10 ? 56   VAL A N   1 
ATOM   441  C CA  . VAL A 1 57  ? 4.383   9.579   14.029  1.00 52.32 ? 56   VAL A CA  1 
ATOM   442  C C   . VAL A 1 57  ? 4.391   11.110  13.982  1.00 53.46 ? 56   VAL A C   1 
ATOM   443  O O   . VAL A 1 57  ? 3.544   11.765  14.614  1.00 54.02 ? 56   VAL A O   1 
ATOM   444  C CB  . VAL A 1 57  ? 2.939   9.071   13.802  1.00 52.10 ? 56   VAL A CB  1 
ATOM   445  C CG1 . VAL A 1 57  ? 2.316   9.724   12.572  1.00 51.45 ? 56   VAL A CG1 1 
ATOM   446  C CG2 . VAL A 1 57  ? 2.912   7.532   13.694  1.00 51.58 ? 56   VAL A CG2 1 
ATOM   447  N N   . LEU A 1 58  ? 5.338   11.681  13.242  1.00 54.05 ? 57   LEU A N   1 
ATOM   448  C CA  . LEU A 1 58  ? 5.531   13.138  13.215  1.00 55.05 ? 57   LEU A CA  1 
ATOM   449  C C   . LEU A 1 58  ? 4.430   13.896  12.517  1.00 55.87 ? 57   LEU A C   1 
ATOM   450  O O   . LEU A 1 58  ? 4.049   14.988  12.952  1.00 56.59 ? 57   LEU A O   1 
ATOM   451  C CB  . LEU A 1 58  ? 6.873   13.503  12.577  1.00 54.90 ? 57   LEU A CB  1 
ATOM   452  C CG  . LEU A 1 58  ? 8.043   13.059  13.449  1.00 53.82 ? 57   LEU A CG  1 
ATOM   453  C CD1 . LEU A 1 58  ? 9.430   13.481  12.891  1.00 50.96 ? 57   LEU A CD1 1 
ATOM   454  C CD2 . LEU A 1 58  ? 7.789   13.588  14.853  1.00 51.68 ? 57   LEU A CD2 1 
ATOM   455  N N   . ASP A 1 59  ? 3.904   13.298  11.451  1.00 56.46 ? 58   ASP A N   1 
ATOM   456  C CA  . ASP A 1 59  ? 2.976   13.953  10.553  1.00 56.32 ? 58   ASP A CA  1 
ATOM   457  C C   . ASP A 1 59  ? 2.205   12.902  9.756   1.00 56.08 ? 58   ASP A C   1 
ATOM   458  O O   . ASP A 1 59  ? 2.719   11.824  9.485   1.00 55.58 ? 58   ASP A O   1 
ATOM   459  C CB  . ASP A 1 59  ? 3.775   14.861  9.622   1.00 56.57 ? 58   ASP A CB  1 
ATOM   460  C CG  . ASP A 1 59  ? 2.911   15.701  8.744   1.00 57.93 ? 58   ASP A CG  1 
ATOM   461  O OD1 . ASP A 1 59  ? 1.683   15.811  8.998   1.00 60.27 ? 58   ASP A OD1 1 
ATOM   462  O OD2 . ASP A 1 59  ? 3.476   16.262  7.784   1.00 60.20 ? 58   ASP A OD2 1 
ATOM   463  N N   . ALA A 1 60  ? 0.963   13.223  9.394   1.00 56.44 ? 59   ALA A N   1 
ATOM   464  C CA  . ALA A 1 60  ? 0.070   12.263  8.752   1.00 56.41 ? 59   ALA A CA  1 
ATOM   465  C C   . ALA A 1 60  ? -0.862  12.931  7.770   1.00 56.63 ? 59   ALA A C   1 
ATOM   466  O O   . ALA A 1 60  ? -1.716  13.732  8.158   1.00 57.03 ? 59   ALA A O   1 
ATOM   467  C CB  . ALA A 1 60  ? -0.732  11.469  9.787   1.00 56.63 ? 59   ALA A CB  1 
ATOM   468  N N   . LYS A 1 61  ? -0.717  12.553  6.504   1.00 56.18 ? 60   LYS A N   1 
ATOM   469  C CA  . LYS A 1 61  ? -1.374  13.220  5.404   1.00 55.79 ? 60   LYS A CA  1 
ATOM   470  C C   . LYS A 1 61  ? -2.314  12.247  4.721   1.00 55.35 ? 60   LYS A C   1 
ATOM   471  O O   . LYS A 1 61  ? -1.879  11.327  4.033   1.00 54.69 ? 60   LYS A O   1 
ATOM   472  C CB  . LYS A 1 61  ? -0.320  13.769  4.423   1.00 55.98 ? 60   LYS A CB  1 
ATOM   473  C CG  . LYS A 1 61  ? 0.626   14.804  5.072   1.00 57.68 ? 60   LYS A CG  1 
ATOM   474  C CD  . LYS A 1 61  ? 1.723   15.302  4.148   1.00 59.96 ? 60   LYS A CD  1 
ATOM   475  C CE  . LYS A 1 61  ? 2.444   16.535  4.751   1.00 62.85 ? 60   LYS A CE  1 
ATOM   476  N NZ  . LYS A 1 61  ? 3.893   16.702  4.328   1.00 61.82 ? 60   LYS A NZ  1 
ATOM   477  N N   . GLU A 1 62  ? -3.606  12.463  4.936   1.00 54.77 ? 61   GLU A N   1 
ATOM   478  C CA  . GLU A 1 62  ? -4.650  11.644  4.362   1.00 54.30 ? 61   GLU A CA  1 
ATOM   479  C C   . GLU A 1 62  ? -5.051  12.229  3.012   1.00 54.22 ? 61   GLU A C   1 
ATOM   480  O O   . GLU A 1 62  ? -5.760  13.254  2.931   1.00 54.92 ? 61   GLU A O   1 
ATOM   481  C CB  . GLU A 1 62  ? -5.842  11.632  5.290   1.00 54.36 ? 61   GLU A CB  1 
ATOM   482  C CG  . GLU A 1 62  ? -5.475  11.792  6.756   1.00 55.63 ? 61   GLU A CG  1 
ATOM   483  C CD  . GLU A 1 62  ? -6.689  11.735  7.663   1.00 57.17 ? 61   GLU A CD  1 
ATOM   484  O OE1 . GLU A 1 62  ? -7.288  10.624  7.758   1.00 56.32 ? 61   GLU A OE1 1 
ATOM   485  O OE2 . GLU A 1 62  ? -7.049  12.815  8.235   1.00 56.56 ? 61   GLU A OE2 1 
ATOM   486  N N   . LEU A 1 63  ? -4.608  11.569  1.950   1.00 52.72 ? 62   LEU A N   1 
ATOM   487  C CA  . LEU A 1 63  ? -4.616  12.141  0.614   1.00 51.38 ? 62   LEU A CA  1 
ATOM   488  C C   . LEU A 1 63  ? -5.983  12.221  -0.033  1.00 50.83 ? 62   LEU A C   1 
ATOM   489  O O   . LEU A 1 63  ? -6.804  11.305  0.084   1.00 49.70 ? 62   LEU A O   1 
ATOM   490  C CB  . LEU A 1 63  ? -3.657  11.358  -0.295  1.00 51.14 ? 62   LEU A CB  1 
ATOM   491  C CG  . LEU A 1 63  ? -2.156  11.478  -0.028  1.00 50.61 ? 62   LEU A CG  1 
ATOM   492  C CD1 . LEU A 1 63  ? -1.388  10.330  -0.704  1.00 51.40 ? 62   LEU A CD1 1 
ATOM   493  C CD2 . LEU A 1 63  ? -1.616  12.826  -0.498  1.00 51.86 ? 62   LEU A CD2 1 
ATOM   494  N N   . VAL A 1 64  ? -6.185  13.332  -0.743  1.00 50.80 ? 63   VAL A N   1 
ATOM   495  C CA  . VAL A 1 64  ? -7.401  13.591  -1.517  1.00 51.12 ? 63   VAL A CA  1 
ATOM   496  C C   . VAL A 1 64  ? -7.056  14.262  -2.833  1.00 51.65 ? 63   VAL A C   1 
ATOM   497  O O   . VAL A 1 64  ? -6.082  15.021  -2.919  1.00 50.60 ? 63   VAL A O   1 
ATOM   498  C CB  . VAL A 1 64  ? -8.416  14.452  -0.754  1.00 51.02 ? 63   VAL A CB  1 
ATOM   499  C CG1 . VAL A 1 64  ? -9.256  13.570  0.208   1.00 50.69 ? 63   VAL A CG1 1 
ATOM   500  C CG2 . VAL A 1 64  ? -7.699  15.599  -0.009  1.00 50.18 ? 63   VAL A CG2 1 
ATOM   501  N N   . ASP A 1 65  ? -7.856  13.939  -3.854  1.00 52.77 ? 64   ASP A N   1 
ATOM   502  C CA  . ASP A 1 65  ? -7.721  14.494  -5.208  1.00 53.77 ? 64   ASP A CA  1 
ATOM   503  C C   . ASP A 1 65  ? -8.160  15.922  -5.088  1.00 54.43 ? 64   ASP A C   1 
ATOM   504  O O   . ASP A 1 65  ? -8.755  16.299  -4.079  1.00 54.93 ? 64   ASP A O   1 
ATOM   505  C CB  . ASP A 1 65  ? -8.540  13.691  -6.259  1.00 53.99 ? 64   ASP A CB  1 
ATOM   506  C CG  . ASP A 1 65  ? -10.029 14.110  -6.351  1.00 55.35 ? 64   ASP A CG  1 
ATOM   507  O OD1 . ASP A 1 65  ? -10.540 14.841  -5.476  1.00 57.83 ? 64   ASP A OD1 1 
ATOM   508  O OD2 . ASP A 1 65  ? -10.709 13.694  -7.316  1.00 57.16 ? 64   ASP A OD2 1 
ATOM   509  N N   . LYS A 1 66  ? -7.872  16.726  -6.097  1.00 55.45 ? 65   LYS A N   1 
ATOM   510  C CA  . LYS A 1 66  ? -8.055  18.168  -5.955  1.00 56.21 ? 65   LYS A CA  1 
ATOM   511  C C   . LYS A 1 66  ? -9.523  18.580  -5.643  1.00 56.20 ? 65   LYS A C   1 
ATOM   512  O O   . LYS A 1 66  ? -9.781  19.578  -4.952  1.00 56.51 ? 65   LYS A O   1 
ATOM   513  C CB  . LYS A 1 66  ? -7.423  18.876  -7.146  1.00 56.61 ? 65   LYS A CB  1 
ATOM   514  C CG  . LYS A 1 66  ? -5.852  18.779  -7.144  1.00 58.12 ? 65   LYS A CG  1 
ATOM   515  C CD  . LYS A 1 66  ? -5.159  19.890  -6.294  1.00 60.45 ? 65   LYS A CD  1 
ATOM   516  C CE  . LYS A 1 66  ? -3.607  19.921  -6.494  1.00 62.56 ? 65   LYS A CE  1 
ATOM   517  N NZ  . LYS A 1 66  ? -2.858  21.145  -5.941  1.00 60.23 ? 65   LYS A NZ  1 
ATOM   518  N N   . ASP A 1 67  ? -10.458 17.750  -6.089  1.00 55.50 ? 66   ASP A N   1 
ATOM   519  C CA  . ASP A 1 67  ? -11.862 17.874  -5.763  1.00 54.84 ? 66   ASP A CA  1 
ATOM   520  C C   . ASP A 1 67  ? -12.244 17.283  -4.394  1.00 54.34 ? 66   ASP A C   1 
ATOM   521  O O   . ASP A 1 67  ? -13.414 16.938  -4.182  1.00 54.67 ? 66   ASP A O   1 
ATOM   522  C CB  . ASP A 1 67  ? -12.659 17.149  -6.839  1.00 54.87 ? 66   ASP A CB  1 
ATOM   523  C CG  . ASP A 1 67  ? -12.773 17.943  -8.105  1.00 56.27 ? 66   ASP A CG  1 
ATOM   524  O OD1 . ASP A 1 67  ? -12.888 19.182  -8.003  1.00 58.11 ? 66   ASP A OD1 1 
ATOM   525  O OD2 . ASP A 1 67  ? -12.766 17.329  -9.200  1.00 57.47 ? 66   ASP A OD2 1 
ATOM   526  N N   . GLY A 1 68  ? -11.284 17.142  -3.479  1.00 53.55 ? 67   GLY A N   1 
ATOM   527  C CA  . GLY A 1 68  ? -11.536 16.484  -2.182  1.00 52.17 ? 67   GLY A CA  1 
ATOM   528  C C   . GLY A 1 68  ? -11.830 14.969  -2.174  1.00 51.43 ? 67   GLY A C   1 
ATOM   529  O O   . GLY A 1 68  ? -11.806 14.332  -1.118  1.00 51.82 ? 67   GLY A O   1 
ATOM   530  N N   . THR A 1 69  ? -12.114 14.366  -3.316  1.00 49.74 ? 68   THR A N   1 
ATOM   531  C CA  . THR A 1 69  ? -12.449 12.947  -3.306  1.00 49.27 ? 68   THR A CA  1 
ATOM   532  C C   . THR A 1 69  ? -11.369 12.083  -2.668  1.00 48.07 ? 68   THR A C   1 
ATOM   533  O O   . THR A 1 69  ? -10.168 12.331  -2.830  1.00 47.71 ? 68   THR A O   1 
ATOM   534  C CB  . THR A 1 69  ? -12.720 12.445  -4.687  1.00 49.45 ? 68   THR A CB  1 
ATOM   535  O OG1 . THR A 1 69  ? -13.776 13.232  -5.223  1.00 52.75 ? 68   THR A OG1 1 
ATOM   536  C CG2 . THR A 1 69  ? -13.149 10.992  -4.675  1.00 49.53 ? 68   THR A CG2 1 
ATOM   537  N N   . ASN A 1 70  ? -11.830 11.079  -1.915  1.00 46.71 ? 69   ASN A N   1 
ATOM   538  C CA  . ASN A 1 70  ? -10.949 10.220  -1.115  1.00 44.32 ? 69   ASN A CA  1 
ATOM   539  C C   . ASN A 1 70  ? -10.075 9.378   -2.063  1.00 42.96 ? 69   ASN A C   1 
ATOM   540  O O   . ASN A 1 70  ? -10.563 8.896   -3.092  1.00 42.50 ? 69   ASN A O   1 
ATOM   541  C CB  . ASN A 1 70  ? -11.791 9.362   -0.150  1.00 44.07 ? 69   ASN A CB  1 
ATOM   542  C CG  . ASN A 1 70  ? -10.983 8.283   0.553   1.00 41.63 ? 69   ASN A CG  1 
ATOM   543  O OD1 . ASN A 1 70  ? -9.954  8.555   1.187   1.00 39.39 ? 69   ASN A OD1 1 
ATOM   544  N ND2 . ASN A 1 70  ? -11.449 7.046   0.440   1.00 39.42 ? 69   ASN A ND2 1 
ATOM   545  N N   . LEU A 1 71  ? -8.782  9.285   -1.753  1.00 41.22 ? 70   LEU A N   1 
ATOM   546  C CA  . LEU A 1 71  ? -7.860  8.434   -2.526  1.00 39.77 ? 70   LEU A CA  1 
ATOM   547  C C   . LEU A 1 71  ? -7.418  7.255   -1.662  1.00 40.10 ? 70   LEU A C   1 
ATOM   548  O O   . LEU A 1 71  ? -6.883  6.249   -2.185  1.00 40.71 ? 70   LEU A O   1 
ATOM   549  C CB  . LEU A 1 71  ? -6.639  9.243   -3.034  1.00 38.36 ? 70   LEU A CB  1 
ATOM   550  C CG  . LEU A 1 71  ? -6.950  10.269  -4.138  1.00 35.44 ? 70   LEU A CG  1 
ATOM   551  C CD1 . LEU A 1 71  ? -5.801  11.206  -4.282  1.00 33.34 ? 70   LEU A CD1 1 
ATOM   552  C CD2 . LEU A 1 71  ? -7.207  9.618   -5.485  1.00 31.91 ? 70   LEU A CD2 1 
ATOM   553  N N   . GLU A 1 72  ? -7.624  7.407   -0.349  1.00 40.33 ? 71   GLU A N   1 
ATOM   554  C CA  . GLU A 1 72  ? -7.603  6.325   0.637   1.00 39.87 ? 71   GLU A CA  1 
ATOM   555  C C   . GLU A 1 72  ? -6.205  5.977   1.078   1.00 39.94 ? 71   GLU A C   1 
ATOM   556  O O   . GLU A 1 72  ? -5.893  4.810   1.210   1.00 38.94 ? 71   GLU A O   1 
ATOM   557  C CB  . GLU A 1 72  ? -8.265  5.083   0.070   1.00 40.67 ? 71   GLU A CB  1 
ATOM   558  C CG  . GLU A 1 72  ? -8.363  3.900   1.059   1.00 41.89 ? 71   GLU A CG  1 
ATOM   559  C CD  . GLU A 1 72  ? -9.430  4.123   2.082   1.00 43.77 ? 71   GLU A CD  1 
ATOM   560  O OE1 . GLU A 1 72  ? -10.586 4.311   1.679   1.00 41.54 ? 71   GLU A OE1 1 
ATOM   561  O OE2 . GLU A 1 72  ? -9.112  4.135   3.285   1.00 49.67 ? 71   GLU A OE2 1 
ATOM   562  N N   . LEU A 1 73  ? -5.361  6.989   1.298   1.00 39.81 ? 72   LEU A N   1 
ATOM   563  C CA  . LEU A 1 73  ? -3.970  6.754   1.658   1.00 39.58 ? 72   LEU A CA  1 
ATOM   564  C C   . LEU A 1 73  ? -3.550  7.786   2.654   1.00 40.03 ? 72   LEU A C   1 
ATOM   565  O O   . LEU A 1 73  ? -3.880  8.969   2.517   1.00 40.07 ? 72   LEU A O   1 
ATOM   566  C CB  . LEU A 1 73  ? -3.010  6.860   0.449   1.00 39.59 ? 72   LEU A CB  1 
ATOM   567  C CG  . LEU A 1 73  ? -3.140  5.960   -0.792  1.00 38.92 ? 72   LEU A CG  1 
ATOM   568  C CD1 . LEU A 1 73  ? -2.342  6.546   -1.912  1.00 39.33 ? 72   LEU A CD1 1 
ATOM   569  C CD2 . LEU A 1 73  ? -2.700  4.523   -0.538  1.00 34.51 ? 72   LEU A CD2 1 
ATOM   570  N N   . THR A 1 74  ? -2.774  7.331   3.626   1.00 40.03 ? 73   THR A N   1 
ATOM   571  C CA  . THR A 1 74  ? -2.233  8.177   4.647   1.00 40.45 ? 73   THR A CA  1 
ATOM   572  C C   . THR A 1 74  ? -0.726  8.085   4.487   1.00 41.63 ? 73   THR A C   1 
ATOM   573  O O   . THR A 1 74  ? -0.181  6.976   4.320   1.00 41.86 ? 73   THR A O   1 
ATOM   574  C CB  . THR A 1 74  ? -2.660  7.663   6.040   1.00 40.44 ? 73   THR A CB  1 
ATOM   575  O OG1 . THR A 1 74  ? -4.097  7.558   6.082   1.00 40.33 ? 73   THR A OG1 1 
ATOM   576  C CG2 . THR A 1 74  ? -2.166  8.589   7.141   1.00 37.44 ? 73   THR A CG2 1 
ATOM   577  N N   . LEU A 1 75  ? -0.060  9.239   4.494   1.00 41.86 ? 74   LEU A N   1 
ATOM   578  C CA  . LEU A 1 75  ? 1.385   9.285   4.505   1.00 42.67 ? 74   LEU A CA  1 
ATOM   579  C C   . LEU A 1 75  ? 1.838   9.641   5.913   1.00 43.66 ? 74   LEU A C   1 
ATOM   580  O O   . LEU A 1 75  ? 1.290   10.533  6.538   1.00 43.38 ? 74   LEU A O   1 
ATOM   581  C CB  . LEU A 1 75  ? 1.891   10.297  3.480   1.00 43.30 ? 74   LEU A CB  1 
ATOM   582  C CG  . LEU A 1 75  ? 1.389   10.255  2.028   1.00 42.11 ? 74   LEU A CG  1 
ATOM   583  C CD1 . LEU A 1 75  ? 2.392   11.026  1.159   1.00 43.27 ? 74   LEU A CD1 1 
ATOM   584  C CD2 . LEU A 1 75  ? 1.259   8.847   1.499   1.00 41.98 ? 74   LEU A CD2 1 
ATOM   585  N N   . LEU A 1 76  ? 2.828   8.932   6.438   1.00 44.45 ? 75   LEU A N   1 
ATOM   586  C CA  . LEU A 1 76  ? 3.275   9.227   7.780   1.00 44.43 ? 75   LEU A CA  1 
ATOM   587  C C   . LEU A 1 76  ? 4.778   9.405   7.830   1.00 45.88 ? 75   LEU A C   1 
ATOM   588  O O   . LEU A 1 76  ? 5.524   8.591   7.276   1.00 46.40 ? 75   LEU A O   1 
ATOM   589  C CB  . LEU A 1 76  ? 2.774   8.198   8.823   1.00 43.51 ? 75   LEU A CB  1 
ATOM   590  C CG  . LEU A 1 76  ? 2.175   6.820   8.571   1.00 41.91 ? 75   LEU A CG  1 
ATOM   591  C CD1 . LEU A 1 76  ? 2.737   6.212   7.355   1.00 40.34 ? 75   LEU A CD1 1 
ATOM   592  C CD2 . LEU A 1 76  ? 2.400   5.896   9.758   1.00 37.43 ? 75   LEU A CD2 1 
ATOM   593  N N   . LYS A 1 77  ? 5.210   10.510  8.438   1.00 46.95 ? 76   LYS A N   1 
ATOM   594  C CA  . LYS A 1 77  ? 6.620   10.752  8.687   1.00 48.89 ? 76   LYS A CA  1 
ATOM   595  C C   . LYS A 1 77  ? 6.910   10.108  10.021  1.00 49.89 ? 76   LYS A C   1 
ATOM   596  O O   . LYS A 1 77  ? 6.154   10.302  10.977  1.00 50.03 ? 76   LYS A O   1 
ATOM   597  C CB  . LYS A 1 77  ? 6.908   12.259  8.720   1.00 49.12 ? 76   LYS A CB  1 
ATOM   598  C CG  . LYS A 1 77  ? 8.293   12.636  9.262   1.00 50.80 ? 76   LYS A CG  1 
ATOM   599  C CD  . LYS A 1 77  ? 9.050   13.557  8.314   1.00 53.49 ? 76   LYS A CD  1 
ATOM   600  C CE  . LYS A 1 77  ? 10.560  13.451  8.529   1.00 54.26 ? 76   LYS A CE  1 
ATOM   601  N NZ  . LYS A 1 77  ? 11.281  13.239  7.227   1.00 53.42 ? 76   LYS A NZ  1 
ATOM   602  N N   . LEU A 1 78  ? 7.997   9.353   10.098  1.00 51.23 ? 77   LEU A N   1 
ATOM   603  C CA  . LEU A 1 78  ? 8.232   8.494   11.275  1.00 52.82 ? 77   LEU A CA  1 
ATOM   604  C C   . LEU A 1 78  ? 9.377   8.939   12.180  1.00 53.36 ? 77   LEU A C   1 
ATOM   605  O O   . LEU A 1 78  ? 10.529  9.039   11.744  1.00 53.70 ? 77   LEU A O   1 
ATOM   606  C CB  . LEU A 1 78  ? 8.453   7.028   10.846  1.00 52.10 ? 77   LEU A CB  1 
ATOM   607  C CG  . LEU A 1 78  ? 7.241   6.267   10.299  1.00 52.49 ? 77   LEU A CG  1 
ATOM   608  C CD1 . LEU A 1 78  ? 7.697   4.978   9.641   1.00 52.36 ? 77   LEU A CD1 1 
ATOM   609  C CD2 . LEU A 1 78  ? 6.213   5.976   11.406  1.00 52.15 ? 77   LEU A CD2 1 
ATOM   610  N N   . ASN A 1 79  ? 9.074   9.150   13.455  1.00 54.16 ? 78   ASN A N   1 
ATOM   611  C CA  . ASN A 1 79  ? 10.114  9.505   14.414  1.00 54.91 ? 78   ASN A CA  1 
ATOM   612  C C   . ASN A 1 79  ? 11.142  8.375   14.640  1.00 55.45 ? 78   ASN A C   1 
ATOM   613  O O   . ASN A 1 79  ? 11.135  7.703   15.687  1.00 56.22 ? 78   ASN A O   1 
ATOM   614  C CB  . ASN A 1 79  ? 9.477   9.973   15.731  1.00 55.21 ? 78   ASN A CB  1 
ATOM   615  C CG  . ASN A 1 79  ? 10.479  10.690  16.674  1.00 56.62 ? 78   ASN A CG  1 
ATOM   616  O OD1 . ASN A 1 79  ? 11.555  11.141  16.263  1.00 55.64 ? 78   ASN A OD1 1 
ATOM   617  N ND2 . ASN A 1 79  ? 10.101  10.791  17.952  1.00 57.93 ? 78   ASN A ND2 1 
ATOM   618  N N   . ARG A 1 80  ? 12.020  8.159   13.660  1.00 54.98 ? 79   ARG A N   1 
ATOM   619  C CA  . ARG A 1 80  ? 13.156  7.239   13.834  1.00 54.95 ? 79   ARG A CA  1 
ATOM   620  C C   . ARG A 1 80  ? 14.307  7.799   13.017  1.00 55.08 ? 79   ARG A C   1 
ATOM   621  O O   . ARG A 1 80  ? 14.094  8.669   12.167  1.00 55.42 ? 79   ARG A O   1 
ATOM   622  C CB  . ARG A 1 80  ? 12.816  5.803   13.391  1.00 54.82 ? 79   ARG A CB  1 
ATOM   623  C CG  . ARG A 1 80  ? 12.884  5.581   11.897  1.00 54.70 ? 79   ARG A CG  1 
ATOM   624  C CD  . ARG A 1 80  ? 11.867  4.549   11.388  1.00 54.56 ? 79   ARG A CD  1 
ATOM   625  N NE  . ARG A 1 80  ? 12.411  3.194   11.297  1.00 51.31 ? 79   ARG A NE  1 
ATOM   626  C CZ  . ARG A 1 80  ? 12.964  2.658   10.206  1.00 51.19 ? 79   ARG A CZ  1 
ATOM   627  N NH1 . ARG A 1 80  ? 13.087  3.358   9.076   1.00 50.71 ? 79   ARG A NH1 1 
ATOM   628  N NH2 . ARG A 1 80  ? 13.419  1.409   10.255  1.00 49.38 ? 79   ARG A NH2 1 
ATOM   629  N N   . ASN A 1 81  ? 15.523  7.318   13.252  1.00 54.80 ? 80   ASN A N   1 
ATOM   630  C CA  . ASN A 1 81  ? 16.666  7.845   12.517  1.00 54.97 ? 80   ASN A CA  1 
ATOM   631  C C   . ASN A 1 81  ? 17.054  7.096   11.239  1.00 54.87 ? 80   ASN A C   1 
ATOM   632  O O   . ASN A 1 81  ? 17.516  7.718   10.290  1.00 55.41 ? 80   ASN A O   1 
ATOM   633  C CB  . ASN A 1 81  ? 17.871  8.042   13.443  1.00 55.46 ? 80   ASN A CB  1 
ATOM   634  C CG  . ASN A 1 81  ? 17.640  9.141   14.478  1.00 56.13 ? 80   ASN A CG  1 
ATOM   635  O OD1 . ASN A 1 81  ? 17.865  10.326  14.201  1.00 57.56 ? 80   ASN A OD1 1 
ATOM   636  N ND2 . ASN A 1 81  ? 17.206  8.750   15.683  1.00 55.22 ? 80   ASN A ND2 1 
ATOM   637  N N   . GLU A 1 82  ? 16.879  5.778   11.194  1.00 55.05 ? 81   GLU A N   1 
ATOM   638  C CA  . GLU A 1 82  ? 17.144  5.022   9.945   1.00 54.96 ? 81   GLU A CA  1 
ATOM   639  C C   . GLU A 1 82  ? 16.253  5.516   8.802   1.00 54.29 ? 81   GLU A C   1 
ATOM   640  O O   . GLU A 1 82  ? 15.078  5.857   9.021   1.00 53.77 ? 81   GLU A O   1 
ATOM   641  C CB  . GLU A 1 82  ? 16.969  3.502   10.132  1.00 55.52 ? 81   GLU A CB  1 
ATOM   642  C CG  . GLU A 1 82  ? 18.066  2.666   9.424   1.00 58.31 ? 81   GLU A CG  1 
ATOM   643  C CD  . GLU A 1 82  ? 17.663  1.205   9.157   1.00 62.88 ? 81   GLU A CD  1 
ATOM   644  O OE1 . GLU A 1 82  ? 16.915  0.634   9.991   1.00 62.64 ? 81   GLU A OE1 1 
ATOM   645  O OE2 . GLU A 1 82  ? 18.110  0.627   8.120   1.00 62.66 ? 81   GLU A OE2 1 
ATOM   646  N N   . LYS A 1 83  ? 16.825  5.563   7.596   1.00 53.70 ? 82   LYS A N   1 
ATOM   647  C CA  . LYS A 1 83  ? 16.139  6.060   6.417   1.00 52.78 ? 82   LYS A CA  1 
ATOM   648  C C   . LYS A 1 83  ? 15.766  4.913   5.480   1.00 52.02 ? 82   LYS A C   1 
ATOM   649  O O   . LYS A 1 83  ? 16.558  3.969   5.274   1.00 52.10 ? 82   LYS A O   1 
ATOM   650  C CB  . LYS A 1 83  ? 16.997  7.097   5.671   1.00 53.30 ? 82   LYS A CB  1 
ATOM   651  C CG  . LYS A 1 83  ? 17.439  8.256   6.537   1.00 54.82 ? 82   LYS A CG  1 
ATOM   652  C CD  . LYS A 1 83  ? 17.631  9.546   5.740   1.00 58.95 ? 82   LYS A CD  1 
ATOM   653  C CE  . LYS A 1 83  ? 18.717  10.445  6.391   1.00 59.47 ? 82   LYS A CE  1 
ATOM   654  N NZ  . LYS A 1 83  ? 18.867  11.792  5.730   1.00 60.42 ? 82   LYS A NZ  1 
ATOM   655  N N   . PHE A 1 84  ? 14.563  5.017   4.918   1.00 49.84 ? 83   PHE A N   1 
ATOM   656  C CA  . PHE A 1 84  ? 14.020  4.050   3.985   1.00 48.23 ? 83   PHE A CA  1 
ATOM   657  C C   . PHE A 1 84  ? 14.719  4.161   2.629   1.00 47.63 ? 83   PHE A C   1 
ATOM   658  O O   . PHE A 1 84  ? 14.842  5.252   2.065   1.00 47.36 ? 83   PHE A O   1 
ATOM   659  C CB  . PHE A 1 84  ? 12.537  4.366   3.728   1.00 48.21 ? 83   PHE A CB  1 
ATOM   660  C CG  . PHE A 1 84  ? 11.601  4.009   4.844   1.00 44.64 ? 83   PHE A CG  1 
ATOM   661  C CD1 . PHE A 1 84  ? 11.695  2.796   5.514   1.00 43.58 ? 83   PHE A CD1 1 
ATOM   662  C CD2 . PHE A 1 84  ? 10.549  4.862   5.152   1.00 43.10 ? 83   PHE A CD2 1 
ATOM   663  C CE1 . PHE A 1 84  ? 10.775  2.471   6.532   1.00 39.04 ? 83   PHE A CE1 1 
ATOM   664  C CE2 . PHE A 1 84  ? 9.638   4.543   6.146   1.00 40.82 ? 83   PHE A CE2 1 
ATOM   665  C CZ  . PHE A 1 84  ? 9.759   3.342   6.830   1.00 40.34 ? 83   PHE A CZ  1 
ATOM   666  N N   . ARG A 1 85  ? 15.146  3.051   2.065   1.00 46.42 ? 84   ARG A N   1 
ATOM   667  C CA  . ARG A 1 85  ? 15.640  3.130   0.708   1.00 46.21 ? 84   ARG A CA  1 
ATOM   668  C C   . ARG A 1 85  ? 14.636  3.934   -0.162  1.00 45.80 ? 84   ARG A C   1 
ATOM   669  O O   . ARG A 1 85  ? 13.426  3.761   -0.044  1.00 44.59 ? 84   ARG A O   1 
ATOM   670  C CB  . ARG A 1 85  ? 15.847  1.721   0.178   1.00 46.54 ? 84   ARG A CB  1 
ATOM   671  C CG  . ARG A 1 85  ? 16.731  1.609   -1.048  1.00 46.65 ? 84   ARG A CG  1 
ATOM   672  C CD  . ARG A 1 85  ? 15.957  1.138   -2.253  1.00 47.57 ? 84   ARG A CD  1 
ATOM   673  N NE  . ARG A 1 85  ? 15.007  0.068   -1.956  1.00 45.88 ? 84   ARG A NE  1 
ATOM   674  C CZ  . ARG A 1 85  ? 14.709  -0.922  -2.796  1.00 47.34 ? 84   ARG A CZ  1 
ATOM   675  N NH1 . ARG A 1 85  ? 15.310  -1.000  -3.980  1.00 48.72 ? 84   ARG A NH1 1 
ATOM   676  N NH2 . ARG A 1 85  ? 13.823  -1.845  -2.458  1.00 46.67 ? 84   ARG A NH2 1 
ATOM   677  N N   . ASP A 1 86  ? 15.124  4.828   -1.019  1.00 45.30 ? 85   ASP A N   1 
ATOM   678  C CA  . ASP A 1 86  ? 14.211  5.606   -1.869  1.00 44.71 ? 85   ASP A CA  1 
ATOM   679  C C   . ASP A 1 86  ? 13.706  4.778   -3.040  1.00 44.27 ? 85   ASP A C   1 
ATOM   680  O O   . ASP A 1 86  ? 14.487  4.392   -3.918  1.00 44.74 ? 85   ASP A O   1 
ATOM   681  C CB  . ASP A 1 86  ? 14.811  6.950   -2.332  1.00 44.64 ? 85   ASP A CB  1 
ATOM   682  C CG  . ASP A 1 86  ? 13.885  7.719   -3.282  1.00 45.72 ? 85   ASP A CG  1 
ATOM   683  O OD1 . ASP A 1 86  ? 12.695  7.368   -3.427  1.00 46.62 ? 85   ASP A OD1 1 
ATOM   684  O OD2 . ASP A 1 86  ? 14.347  8.681   -3.926  1.00 48.89 ? 85   ASP A OD2 1 
ATOM   685  N N   . ILE A 1 87  ? 12.392  4.505   -3.058  1.00 42.99 ? 86   ILE A N   1 
ATOM   686  C CA  . ILE A 1 87  ? 11.802  3.685   -4.130  1.00 41.59 ? 86   ILE A CA  1 
ATOM   687  C C   . ILE A 1 87  ? 10.887  4.486   -5.061  1.00 40.77 ? 86   ILE A C   1 
ATOM   688  O O   . ILE A 1 87  ? 10.169  3.900   -5.889  1.00 40.89 ? 86   ILE A O   1 
ATOM   689  C CB  . ILE A 1 87  ? 11.102  2.384   -3.602  1.00 41.29 ? 86   ILE A CB  1 
ATOM   690  C CG1 . ILE A 1 87  ? 10.007  2.714   -2.585  1.00 41.86 ? 86   ILE A CG1 1 
ATOM   691  C CG2 . ILE A 1 87  ? 12.100  1.472   -2.939  1.00 40.86 ? 86   ILE A CG2 1 
ATOM   692  C CD1 . ILE A 1 87  ? 8.936   1.670   -2.478  1.00 36.65 ? 86   ILE A CD1 1 
ATOM   693  N N   . ARG A 1 88  ? 10.941  5.816   -4.953  1.00 39.47 ? 87   ARG A N   1 
ATOM   694  C CA  . ARG A 1 88  ? 10.113  6.712   -5.794  1.00 38.15 ? 87   ARG A CA  1 
ATOM   695  C C   . ARG A 1 88  ? 10.231  6.520   -7.288  1.00 36.88 ? 87   ARG A C   1 
ATOM   696  O O   . ARG A 1 88  ? 9.258   6.722   -8.005  1.00 37.48 ? 87   ARG A O   1 
ATOM   697  C CB  . ARG A 1 88  ? 10.278  8.180   -5.403  1.00 37.97 ? 87   ARG A CB  1 
ATOM   698  C CG  . ARG A 1 88  ? 9.602   8.495   -4.061  1.00 39.42 ? 87   ARG A CG  1 
ATOM   699  C CD  . ARG A 1 88  ? 9.937   9.862   -3.569  1.00 38.34 ? 87   ARG A CD  1 
ATOM   700  N NE  . ARG A 1 88  ? 11.368  10.053  -3.412  1.00 38.72 ? 87   ARG A NE  1 
ATOM   701  C CZ  . ARG A 1 88  ? 11.922  11.224  -3.114  1.00 41.13 ? 87   ARG A CZ  1 
ATOM   702  N NH1 . ARG A 1 88  ? 11.155  12.311  -2.939  1.00 39.66 ? 87   ARG A NH1 1 
ATOM   703  N NH2 . ARG A 1 88  ? 13.238  11.316  -2.963  1.00 40.35 ? 87   ARG A NH2 1 
ATOM   704  N N   . GLY A 1 89  ? 11.400  6.093   -7.773  1.00 36.18 ? 88   GLY A N   1 
ATOM   705  C CA  . GLY A 1 89  ? 11.554  5.731   -9.177  1.00 34.18 ? 88   GLY A CA  1 
ATOM   706  C C   . GLY A 1 89  ? 10.864  4.451   -9.562  1.00 33.81 ? 88   GLY A C   1 
ATOM   707  O O   . GLY A 1 89  ? 10.747  4.136   -10.752 1.00 33.67 ? 88   GLY A O   1 
ATOM   708  N N   . PHE A 1 90  ? 10.418  3.694   -8.554  1.00 33.12 ? 89   PHE A N   1 
ATOM   709  C CA  . PHE A 1 90  ? 9.549   2.558   -8.772  1.00 32.12 ? 89   PHE A CA  1 
ATOM   710  C C   . PHE A 1 90  ? 8.040   2.931   -8.880  1.00 32.27 ? 89   PHE A C   1 
ATOM   711  O O   . PHE A 1 90  ? 7.238   2.141   -9.416  1.00 32.44 ? 89   PHE A O   1 
ATOM   712  C CB  . PHE A 1 90  ? 9.812   1.483   -7.698  1.00 31.00 ? 89   PHE A CB  1 
ATOM   713  C CG  . PHE A 1 90  ? 11.129  0.744   -7.875  1.00 27.19 ? 89   PHE A CG  1 
ATOM   714  C CD1 . PHE A 1 90  ? 11.335  -0.087  -8.950  1.00 26.00 ? 89   PHE A CD1 1 
ATOM   715  C CD2 . PHE A 1 90  ? 12.160  0.927   -6.979  1.00 25.24 ? 89   PHE A CD2 1 
ATOM   716  C CE1 . PHE A 1 90  ? 12.579  -0.766  -9.113  1.00 27.96 ? 89   PHE A CE1 1 
ATOM   717  C CE2 . PHE A 1 90  ? 13.395  0.282   -7.110  1.00 25.44 ? 89   PHE A CE2 1 
ATOM   718  C CZ  . PHE A 1 90  ? 13.617  -0.567  -8.171  1.00 26.35 ? 89   PHE A CZ  1 
ATOM   719  N N   . LEU A 1 91  ? 7.675   4.109   -8.370  1.00 31.21 ? 90   LEU A N   1 
ATOM   720  C CA  . LEU A 1 91  ? 6.309   4.648   -8.447  1.00 32.15 ? 90   LEU A CA  1 
ATOM   721  C C   . LEU A 1 91  ? 5.998   5.461   -9.703  1.00 33.22 ? 90   LEU A C   1 
ATOM   722  O O   . LEU A 1 91  ? 6.749   6.394   -10.066 1.00 34.08 ? 90   LEU A O   1 
ATOM   723  C CB  . LEU A 1 91  ? 6.025   5.548   -7.254  1.00 31.53 ? 90   LEU A CB  1 
ATOM   724  C CG  . LEU A 1 91  ? 6.399   5.114   -5.867  1.00 32.41 ? 90   LEU A CG  1 
ATOM   725  C CD1 . LEU A 1 91  ? 6.114   6.292   -4.868  1.00 31.95 ? 90   LEU A CD1 1 
ATOM   726  C CD2 . LEU A 1 91  ? 5.598   3.836   -5.555  1.00 33.94 ? 90   LEU A CD2 1 
ATOM   727  N N   . ALA A 1 92  ? 4.878   5.156   -10.347 1.00 33.96 ? 91   ALA A N   1 
ATOM   728  C CA  . ALA A 1 92  ? 4.494   5.866   -11.594 1.00 34.24 ? 91   ALA A CA  1 
ATOM   729  C C   . ALA A 1 92  ? 3.765   7.191   -11.385 1.00 35.35 ? 91   ALA A C   1 
ATOM   730  O O   . ALA A 1 92  ? 3.240   7.486   -10.301 1.00 34.72 ? 91   ALA A O   1 
ATOM   731  C CB  . ALA A 1 92  ? 3.704   4.977   -12.524 1.00 33.17 ? 91   ALA A CB  1 
ATOM   732  N N   . LYS A 1 93  ? 3.777   7.990   -12.456 1.00 36.75 ? 92   LYS A N   1 
ATOM   733  C CA  . LYS A 1 93  ? 3.097   9.275   -12.544 1.00 38.23 ? 92   LYS A CA  1 
ATOM   734  C C   . LYS A 1 93  ? 1.596   9.063   -12.704 1.00 38.49 ? 92   LYS A C   1 
ATOM   735  O O   . LYS A 1 93  ? 0.778   9.936   -12.409 1.00 38.16 ? 92   LYS A O   1 
ATOM   736  C CB  . LYS A 1 93  ? 3.630   10.058  -13.767 1.00 38.13 ? 92   LYS A CB  1 
ATOM   737  C CG  . LYS A 1 93  ? 5.002   10.697  -13.531 1.00 40.95 ? 92   LYS A CG  1 
ATOM   738  C CD  . LYS A 1 93  ? 5.436   11.576  -14.757 1.00 45.30 ? 92   LYS A CD  1 
ATOM   739  C CE  . LYS A 1 93  ? 6.665   12.451  -14.401 1.00 48.24 ? 92   LYS A CE  1 
ATOM   740  N NZ  . LYS A 1 93  ? 7.081   13.257  -15.581 1.00 48.60 ? 92   LYS A NZ  1 
ATOM   741  N N   . GLU A 1 94  ? 1.228   7.913   -13.223 1.00 39.12 ? 93   GLU A N   1 
ATOM   742  C CA  . GLU A 1 94  ? -0.171  7.629   -13.305 1.00 40.38 ? 93   GLU A CA  1 
ATOM   743  C C   . GLU A 1 94  ? -0.504  6.138   -13.151 1.00 41.01 ? 93   GLU A C   1 
ATOM   744  O O   . GLU A 1 94  ? 0.353   5.259   -13.313 1.00 40.71 ? 93   GLU A O   1 
ATOM   745  C CB  . GLU A 1 94  ? -0.748  8.181   -14.597 1.00 40.58 ? 93   GLU A CB  1 
ATOM   746  C CG  . GLU A 1 94  ? -0.177  7.514   -15.831 1.00 40.07 ? 93   GLU A CG  1 
ATOM   747  C CD  . GLU A 1 94  ? -0.679  8.162   -17.076 1.00 43.14 ? 93   GLU A CD  1 
ATOM   748  O OE1 . GLU A 1 94  ? -0.946  9.402   -17.027 1.00 38.40 ? 93   GLU A OE1 1 
ATOM   749  O OE2 . GLU A 1 94  ? -0.819  7.422   -18.086 1.00 44.98 ? 93   GLU A OE2 1 
ATOM   750  N N   . GLU A 1 95  ? -1.773  5.897   -12.838 1.00 41.92 ? 94   GLU A N   1 
ATOM   751  C CA  . GLU A 1 95  ? -2.348  4.564   -12.679 1.00 41.92 ? 94   GLU A CA  1 
ATOM   752  C C   . GLU A 1 95  ? -1.793  3.579   -13.698 1.00 42.45 ? 94   GLU A C   1 
ATOM   753  O O   . GLU A 1 95  ? -2.089  3.652   -14.912 1.00 42.66 ? 94   GLU A O   1 
ATOM   754  C CB  . GLU A 1 95  ? -3.876  4.653   -12.722 1.00 41.70 ? 94   GLU A CB  1 
ATOM   755  C CG  . GLU A 1 95  ? -4.502  5.490   -11.598 1.00 40.73 ? 94   GLU A CG  1 
ATOM   756  C CD  . GLU A 1 95  ? -4.694  6.971   -11.957 1.00 44.81 ? 94   GLU A CD  1 
ATOM   757  O OE1 . GLU A 1 95  ? -3.974  7.444   -12.873 1.00 45.26 ? 94   GLU A OE1 1 
ATOM   758  O OE2 . GLU A 1 95  ? -5.555  7.670   -11.319 1.00 43.44 ? 94   GLU A OE2 1 
ATOM   759  N N   . VAL A 1 96  ? -0.939  2.691   -13.187 1.00 43.06 ? 95   VAL A N   1 
ATOM   760  C CA  . VAL A 1 96  ? -0.344  1.618   -13.967 1.00 43.80 ? 95   VAL A CA  1 
ATOM   761  C C   . VAL A 1 96  ? -1.381  0.523   -14.198 1.00 44.84 ? 95   VAL A C   1 
ATOM   762  O O   . VAL A 1 96  ? -2.119  0.155   -13.274 1.00 44.95 ? 95   VAL A O   1 
ATOM   763  C CB  . VAL A 1 96  ? 0.886   1.027   -13.223 1.00 43.52 ? 95   VAL A CB  1 
ATOM   764  C CG1 . VAL A 1 96  ? 1.472   -0.163  -13.983 1.00 44.19 ? 95   VAL A CG1 1 
ATOM   765  C CG2 . VAL A 1 96  ? 1.944   2.082   -13.037 1.00 43.07 ? 95   VAL A CG2 1 
ATOM   766  N N   . GLU A 1 97  ? -1.456  0.014   -15.425 1.00 45.96 ? 96   GLU A N   1 
ATOM   767  C CA  . GLU A 1 97  ? -2.209  -1.214  -15.693 1.00 47.58 ? 96   GLU A CA  1 
ATOM   768  C C   . GLU A 1 97  ? -1.272  -2.391  -16.019 1.00 48.45 ? 96   GLU A C   1 
ATOM   769  O O   . GLU A 1 97  ? -0.125  -2.187  -16.440 1.00 49.28 ? 96   GLU A O   1 
ATOM   770  C CB  . GLU A 1 97  ? -3.216  -1.011  -16.806 1.00 47.86 ? 96   GLU A CB  1 
ATOM   771  C CG  . GLU A 1 97  ? -4.388  -0.148  -16.426 1.00 48.70 ? 96   GLU A CG  1 
ATOM   772  C CD  . GLU A 1 97  ? -5.578  -0.411  -17.316 1.00 50.89 ? 96   GLU A CD  1 
ATOM   773  O OE1 . GLU A 1 97  ? -5.683  -1.533  -17.832 1.00 53.30 ? 96   GLU A OE1 1 
ATOM   774  O OE2 . GLU A 1 97  ? -6.424  0.487   -17.491 1.00 53.28 ? 96   GLU A OE2 1 
ATOM   775  N N   . VAL A 1 98  ? -1.729  -3.621  -15.791 1.00 48.69 ? 97   VAL A N   1 
ATOM   776  C CA  . VAL A 1 98  ? -0.862  -4.769  -16.076 1.00 49.20 ? 97   VAL A CA  1 
ATOM   777  C C   . VAL A 1 98  ? -1.617  -6.090  -16.221 1.00 48.69 ? 97   VAL A C   1 
ATOM   778  O O   . VAL A 1 98  ? -2.758  -6.221  -15.762 1.00 49.39 ? 97   VAL A O   1 
ATOM   779  C CB  . VAL A 1 98  ? 0.296   -4.872  -15.031 1.00 49.07 ? 97   VAL A CB  1 
ATOM   780  C CG1 . VAL A 1 98  ? -0.224  -5.401  -13.707 1.00 49.54 ? 97   VAL A CG1 1 
ATOM   781  C CG2 . VAL A 1 98  ? 1.420   -5.744  -15.551 1.00 49.68 ? 97   VAL A CG2 1 
ATOM   782  N N   . ASN A 1 99  ? -0.970  -7.063  -16.859 1.00 48.98 ? 98   ASN A N   1 
ATOM   783  C CA  . ASN A 1 99  ? -1.541  -8.414  -17.002 1.00 48.54 ? 98   ASN A CA  1 
ATOM   784  C C   . ASN A 1 99  ? -1.065  -9.462  -15.976 1.00 47.16 ? 98   ASN A C   1 
ATOM   785  O O   . ASN A 1 99  ? -1.803  -10.403 -15.669 1.00 47.89 ? 98   ASN A O   1 
ATOM   786  C CB  . ASN A 1 99  ? -1.341  -8.929  -18.425 1.00 49.94 ? 98   ASN A CB  1 
ATOM   787  C CG  . ASN A 1 99  ? -1.903  -7.965  -19.487 1.00 51.09 ? 98   ASN A CG  1 
ATOM   788  O OD1 . ASN A 1 99  ? -1.176  -7.132  -20.039 1.00 50.20 ? 98   ASN A OD1 1 
ATOM   789  N ND2 . ASN A 1 99  ? -3.195  -8.082  -19.764 1.00 51.64 ? 98   ASN A ND2 1 
ATOM   790  N N   . GLU A 1 100 ? 0.142   -9.307  -15.441 1.00 44.72 ? 99   GLU A N   1 
ATOM   791  C CA  . GLU A 1 100 ? 0.605   -10.219 -14.366 1.00 43.05 ? 99   GLU A CA  1 
ATOM   792  C C   . GLU A 1 100 ? 1.118   -9.424  -13.186 1.00 40.07 ? 99   GLU A C   1 
ATOM   793  O O   . GLU A 1 100 ? 2.226   -8.890  -13.261 1.00 41.09 ? 99   GLU A O   1 
ATOM   794  C CB  . GLU A 1 100 ? 1.699   -11.219 -14.845 1.00 43.05 ? 99   GLU A CB  1 
ATOM   795  C CG  . GLU A 1 100 ? 1.212   -12.340 -15.779 1.00 46.37 ? 99   GLU A CG  1 
ATOM   796  C CD  . GLU A 1 100 ? -0.204  -12.856 -15.454 1.00 50.83 ? 99   GLU A CD  1 
ATOM   797  O OE1 . GLU A 1 100 ? -0.519  -13.188 -14.284 1.00 54.82 ? 99   GLU A OE1 1 
ATOM   798  O OE2 . GLU A 1 100 ? -1.031  -12.921 -16.389 1.00 52.94 ? 99   GLU A OE2 1 
ATOM   799  N N   . ALA A 1 101 ? 0.321   -9.341  -12.119 1.00 36.61 ? 100  ALA A N   1 
ATOM   800  C CA  . ALA A 1 101 ? 0.705   -8.611  -10.912 1.00 33.00 ? 100  ALA A CA  1 
ATOM   801  C C   . ALA A 1 101 ? 0.719   -9.524  -9.704  1.00 30.95 ? 100  ALA A C   1 
ATOM   802  O O   . ALA A 1 101 ? 0.057   -10.592 -9.680  1.00 29.35 ? 100  ALA A O   1 
ATOM   803  C CB  . ALA A 1 101 ? -0.247  -7.484  -10.661 1.00 33.70 ? 100  ALA A CB  1 
ATOM   804  N N   . VAL A 1 102 ? 1.471   -9.075  -8.701  1.00 28.12 ? 101  VAL A N   1 
ATOM   805  C CA  . VAL A 1 102 ? 1.654   -9.795  -7.436  1.00 26.39 ? 101  VAL A CA  1 
ATOM   806  C C   . VAL A 1 102 ? 1.323   -8.866  -6.275  1.00 25.17 ? 101  VAL A C   1 
ATOM   807  O O   . VAL A 1 102 ? 1.702   -7.699  -6.295  1.00 25.56 ? 101  VAL A O   1 
ATOM   808  C CB  . VAL A 1 102 ? 3.078   -10.320 -7.299  1.00 27.12 ? 101  VAL A CB  1 
ATOM   809  C CG1 . VAL A 1 102 ? 3.352   -10.827 -5.896  1.00 24.17 ? 101  VAL A CG1 1 
ATOM   810  C CG2 . VAL A 1 102 ? 3.308   -11.461 -8.346  1.00 27.96 ? 101  VAL A CG2 1 
ATOM   811  N N   . LEU A 1 103 ? 0.580   -9.383  -5.300  1.00 22.93 ? 102  LEU A N   1 
ATOM   812  C CA  . LEU A 1 103 ? 0.214   -8.646  -4.095  1.00 22.25 ? 102  LEU A CA  1 
ATOM   813  C C   . LEU A 1 103 ? 0.937   -9.274  -2.936  1.00 21.76 ? 102  LEU A C   1 
ATOM   814  O O   . LEU A 1 103 ? 0.671   -10.456 -2.630  1.00 22.49 ? 102  LEU A O   1 
ATOM   815  C CB  . LEU A 1 103 ? -1.285  -8.787  -3.829  1.00 22.13 ? 102  LEU A CB  1 
ATOM   816  C CG  . LEU A 1 103 ? -1.653  -7.951  -2.617  1.00 20.62 ? 102  LEU A CG  1 
ATOM   817  C CD1 . LEU A 1 103 ? -1.706  -6.482  -3.044  1.00 10.95 ? 102  LEU A CD1 1 
ATOM   818  C CD2 . LEU A 1 103 ? -2.983  -8.442  -2.083  1.00 19.63 ? 102  LEU A CD2 1 
ATOM   819  N N   . ALA A 1 104 ? 1.807   -8.488  -2.306  1.00 20.04 ? 103  ALA A N   1 
ATOM   820  C CA  . ALA A 1 104 ? 2.657   -8.876  -1.212  1.00 20.97 ? 103  ALA A CA  1 
ATOM   821  C C   . ALA A 1 104 ? 2.145   -8.405  0.150   1.00 21.62 ? 103  ALA A C   1 
ATOM   822  O O   . ALA A 1 104 ? 1.921   -7.223  0.357   1.00 22.09 ? 103  ALA A O   1 
ATOM   823  C CB  . ALA A 1 104 ? 4.052   -8.345  -1.455  1.00 19.61 ? 103  ALA A CB  1 
ATOM   824  N N   . ILE A 1 105 ? 1.971   -9.335  1.083   1.00 22.98 ? 104  ILE A N   1 
ATOM   825  C CA  . ILE A 1 105 ? 1.446   -9.019  2.416   1.00 22.83 ? 104  ILE A CA  1 
ATOM   826  C C   . ILE A 1 105 ? 2.477   -9.404  3.459   1.00 24.25 ? 104  ILE A C   1 
ATOM   827  O O   . ILE A 1 105 ? 3.215   -10.347 3.261   1.00 25.18 ? 104  ILE A O   1 
ATOM   828  C CB  . ILE A 1 105 ? 0.175   -9.767  2.715   1.00 22.32 ? 104  ILE A CB  1 
ATOM   829  C CG1 . ILE A 1 105 ? -0.930  -9.355  1.750   1.00 21.24 ? 104  ILE A CG1 1 
ATOM   830  C CG2 . ILE A 1 105 ? -0.319  -9.446  4.135   1.00 21.70 ? 104  ILE A CG2 1 
ATOM   831  C CD1 . ILE A 1 105 ? -1.533  -10.463 1.232   1.00 18.42 ? 104  ILE A CD1 1 
ATOM   832  N N   . ASN A 1 106 ? 2.554   -8.689  4.575   1.00 24.79 ? 105  ASN A N   1 
ATOM   833  C CA  . ASN A 1 106 ? 3.595   -9.004  5.542   1.00 26.61 ? 105  ASN A CA  1 
ATOM   834  C C   . ASN A 1 106 ? 3.158   -8.554  6.926   1.00 27.78 ? 105  ASN A C   1 
ATOM   835  O O   . ASN A 1 106 ? 3.575   -7.490  7.417   1.00 27.60 ? 105  ASN A O   1 
ATOM   836  C CB  . ASN A 1 106 ? 4.925   -8.402  5.095   1.00 26.80 ? 105  ASN A CB  1 
ATOM   837  C CG  . ASN A 1 106 ? 6.035   -8.543  6.134   1.00 30.42 ? 105  ASN A CG  1 
ATOM   838  O OD1 . ASN A 1 106 ? 6.046   -9.507  6.922   1.00 32.43 ? 105  ASN A OD1 1 
ATOM   839  N ND2 . ASN A 1 106 ? 6.991   -7.584  6.127   1.00 29.25 ? 105  ASN A ND2 1 
ATOM   840  N N   . THR A 1 107 ? 2.288   -9.371  7.516   1.00 29.52 ? 106  THR A N   1 
ATOM   841  C CA  . THR A 1 107 ? 1.813   -9.221  8.901   1.00 32.45 ? 106  THR A CA  1 
ATOM   842  C C   . THR A 1 107 ? 2.017   -10.501 9.757   1.00 34.84 ? 106  THR A C   1 
ATOM   843  O O   . THR A 1 107 ? 2.540   -11.516 9.260   1.00 34.93 ? 106  THR A O   1 
ATOM   844  C CB  . THR A 1 107 ? 0.301   -8.931  8.895   1.00 32.10 ? 106  THR A CB  1 
ATOM   845  O OG1 . THR A 1 107 ? -0.405  -10.080 8.421   1.00 33.41 ? 106  THR A OG1 1 
ATOM   846  C CG2 . THR A 1 107 ? -0.057  -7.732  8.022   1.00 29.30 ? 106  THR A CG2 1 
ATOM   847  N N   . SER A 1 108 ? 1.566   -10.478 11.026  1.00 36.68 ? 107  SER A N   1 
ATOM   848  C CA  . SER A 1 108 ? 1.467   -11.716 11.863  1.00 37.87 ? 107  SER A CA  1 
ATOM   849  C C   . SER A 1 108 ? 0.466   -12.728 11.314  1.00 38.48 ? 107  SER A C   1 
ATOM   850  O O   . SER A 1 108 ? 0.627   -13.909 11.496  1.00 38.96 ? 107  SER A O   1 
ATOM   851  C CB  . SER A 1 108 ? 1.071   -11.400 13.325  1.00 38.30 ? 107  SER A CB  1 
ATOM   852  O OG  . SER A 1 108 ? 2.000   -10.496 13.928  1.00 38.74 ? 107  SER A OG  1 
ATOM   853  N N   . LYS A 1 109 ? -0.601  -12.271 10.673  1.00 39.53 ? 108  LYS A N   1 
ATOM   854  C CA  . LYS A 1 109 ? -1.573  -13.176 10.067  1.00 40.00 ? 108  LYS A CA  1 
ATOM   855  C C   . LYS A 1 109 ? -1.130  -13.766 8.704   1.00 39.57 ? 108  LYS A C   1 
ATOM   856  O O   . LYS A 1 109 ? -1.339  -14.973 8.450   1.00 40.32 ? 108  LYS A O   1 
ATOM   857  C CB  . LYS A 1 109 ? -2.951  -12.485 9.972   1.00 40.73 ? 108  LYS A CB  1 
ATOM   858  C CG  . LYS A 1 109 ? -4.053  -13.306 9.278   1.00 44.66 ? 108  LYS A CG  1 
ATOM   859  C CD  . LYS A 1 109 ? -5.453  -12.825 9.666   1.00 51.36 ? 108  LYS A CD  1 
ATOM   860  C CE  . LYS A 1 109 ? -6.451  -14.002 9.881   1.00 55.40 ? 108  LYS A CE  1 
ATOM   861  N NZ  . LYS A 1 109 ? -7.051  -14.624 8.619   1.00 58.19 ? 108  LYS A NZ  1 
ATOM   862  N N   . PHE A 1 110 ? -0.577  -12.912 7.819   1.00 37.75 ? 109  PHE A N   1 
ATOM   863  C CA  . PHE A 1 110 ? 0.046   -13.330 6.533   1.00 35.61 ? 109  PHE A CA  1 
ATOM   864  C C   . PHE A 1 110 ? 1.548   -12.898 6.555   1.00 34.78 ? 109  PHE A C   1 
ATOM   865  O O   . PHE A 1 110 ? 1.927   -11.849 6.009   1.00 32.88 ? 109  PHE A O   1 
ATOM   866  C CB  . PHE A 1 110 ? -0.718  -12.743 5.314   1.00 35.21 ? 109  PHE A CB  1 
ATOM   867  C CG  . PHE A 1 110 ? -2.235  -12.900 5.424   1.00 34.83 ? 109  PHE A CG  1 
ATOM   868  C CD1 . PHE A 1 110 ? -2.859  -14.087 5.049   1.00 32.53 ? 109  PHE A CD1 1 
ATOM   869  C CD2 . PHE A 1 110 ? -3.021  -11.882 5.980   1.00 35.21 ? 109  PHE A CD2 1 
ATOM   870  C CE1 . PHE A 1 110 ? -4.253  -14.241 5.186   1.00 34.03 ? 109  PHE A CE1 1 
ATOM   871  C CE2 . PHE A 1 110 ? -4.401  -12.026 6.152   1.00 32.13 ? 109  PHE A CE2 1 
ATOM   872  C CZ  . PHE A 1 110 ? -5.022  -13.202 5.734   1.00 33.92 ? 109  PHE A CZ  1 
ATOM   873  N N   . PRO A 1 111 ? 2.403   -13.695 7.211   1.00 32.99 ? 110  PRO A N   1 
ATOM   874  C CA  . PRO A 1 111 ? 3.783   -13.274 7.156   1.00 33.09 ? 110  PRO A CA  1 
ATOM   875  C C   . PRO A 1 111 ? 4.383   -13.616 5.783   1.00 32.30 ? 110  PRO A C   1 
ATOM   876  O O   . PRO A 1 111 ? 4.105   -14.685 5.260   1.00 32.47 ? 110  PRO A O   1 
ATOM   877  C CB  . PRO A 1 111 ? 4.446   -14.074 8.284   1.00 32.72 ? 110  PRO A CB  1 
ATOM   878  C CG  . PRO A 1 111 ? 3.403   -15.028 8.767   1.00 33.58 ? 110  PRO A CG  1 
ATOM   879  C CD  . PRO A 1 111 ? 2.239   -14.992 7.878   1.00 32.96 ? 110  PRO A CD  1 
ATOM   880  N N   . ASN A 1 112 ? 5.163   -12.699 5.234   1.00 31.38 ? 111  ASN A N   1 
ATOM   881  C CA  . ASN A 1 112 ? 5.701   -12.785 3.900   1.00 31.13 ? 111  ASN A CA  1 
ATOM   882  C C   . ASN A 1 112 ? 4.936   -13.686 2.962   1.00 29.80 ? 111  ASN A C   1 
ATOM   883  O O   . ASN A 1 112 ? 5.505   -14.665 2.484   1.00 29.27 ? 111  ASN A O   1 
ATOM   884  C CB  . ASN A 1 112 ? 7.184   -13.244 3.942   1.00 32.89 ? 111  ASN A CB  1 
ATOM   885  C CG  . ASN A 1 112 ? 8.095   -12.412 2.990   1.00 37.60 ? 111  ASN A CG  1 
ATOM   886  O OD1 . ASN A 1 112 ? 7.936   -11.165 2.865   1.00 44.53 ? 111  ASN A OD1 1 
ATOM   887  N ND2 . ASN A 1 112 ? 9.050   -13.084 2.331   1.00 39.29 ? 111  ASN A ND2 1 
ATOM   888  N N   . MET A 1 113 ? 3.667   -13.374 2.692   1.00 27.66 ? 112  MET A N   1 
ATOM   889  C CA  . MET A 1 113 ? 2.904   -14.097 1.655   1.00 27.79 ? 112  MET A CA  1 
ATOM   890  C C   . MET A 1 113 ? 2.706   -13.287 0.348   1.00 26.93 ? 112  MET A C   1 
ATOM   891  O O   . MET A 1 113 ? 2.716   -12.060 0.403   1.00 28.65 ? 112  MET A O   1 
ATOM   892  C CB  . MET A 1 113 ? 1.600   -14.605 2.235   1.00 27.01 ? 112  MET A CB  1 
ATOM   893  C CG  . MET A 1 113 ? 1.839   -15.288 3.609   1.00 30.81 ? 112  MET A CG  1 
ATOM   894  S SD  . MET A 1 113 ? 0.356   -16.158 4.166   1.00 39.77 ? 112  MET A SD  1 
ATOM   895  C CE  . MET A 1 113 ? 0.220   -17.400 2.845   1.00 40.52 ? 112  MET A CE  1 
ATOM   896  N N   . TYR A 1 114 ? 2.575   -13.970 -0.796  1.00 25.17 ? 113  TYR A N   1 
ATOM   897  C CA  . TYR A 1 114 ? 2.519   -13.343 -2.132  1.00 25.53 ? 113  TYR A CA  1 
ATOM   898  C C   . TYR A 1 114 ? 1.369   -14.001 -2.841  1.00 26.41 ? 113  TYR A C   1 
ATOM   899  O O   . TYR A 1 114 ? 1.183   -15.196 -2.693  1.00 27.42 ? 113  TYR A O   1 
ATOM   900  C CB  . TYR A 1 114 ? 3.840   -13.533 -2.922  1.00 22.60 ? 113  TYR A CB  1 
ATOM   901  C CG  . TYR A 1 114 ? 4.981   -12.872 -2.158  1.00 23.38 ? 113  TYR A CG  1 
ATOM   902  C CD1 . TYR A 1 114 ? 5.574   -13.510 -1.091  1.00 21.06 ? 113  TYR A CD1 1 
ATOM   903  C CD2 . TYR A 1 114 ? 5.448   -11.583 -2.485  1.00 19.50 ? 113  TYR A CD2 1 
ATOM   904  C CE1 . TYR A 1 114 ? 6.586   -12.907 -0.345  1.00 19.08 ? 113  TYR A CE1 1 
ATOM   905  C CE2 . TYR A 1 114 ? 6.453   -10.975 -1.723  1.00 15.59 ? 113  TYR A CE2 1 
ATOM   906  C CZ  . TYR A 1 114 ? 6.983   -11.648 -0.651  1.00 16.78 ? 113  TYR A CZ  1 
ATOM   907  O OH  . TYR A 1 114 ? 7.968   -11.109 0.136   1.00 22.41 ? 113  TYR A OH  1 
ATOM   908  N N   . ILE A 1 115 ? 0.614   -13.221 -3.597  1.00 26.99 ? 114  ILE A N   1 
ATOM   909  C CA  . ILE A 1 115 ? -0.547  -13.702 -4.310  1.00 28.62 ? 114  ILE A CA  1 
ATOM   910  C C   . ILE A 1 115 ? -0.469  -13.273 -5.747  1.00 29.93 ? 114  ILE A C   1 
ATOM   911  O O   . ILE A 1 115 ? -0.362  -12.070 -6.021  1.00 29.77 ? 114  ILE A O   1 
ATOM   912  C CB  . ILE A 1 115 ? -1.827  -13.057 -3.777  1.00 28.89 ? 114  ILE A CB  1 
ATOM   913  C CG1 . ILE A 1 115 ? -2.051  -13.427 -2.296  1.00 32.89 ? 114  ILE A CG1 1 
ATOM   914  C CG2 . ILE A 1 115 ? -2.986  -13.485 -4.608  1.00 28.53 ? 114  ILE A CG2 1 
ATOM   915  C CD1 . ILE A 1 115 ? -3.235  -12.683 -1.588  1.00 37.65 ? 114  ILE A CD1 1 
ATOM   916  N N   . PRO A 1 116 ? -0.552  -14.236 -6.682  1.00 30.32 ? 115  PRO A N   1 
ATOM   917  C CA  . PRO A 1 116 ? -0.629  -13.816 -8.062  1.00 31.82 ? 115  PRO A CA  1 
ATOM   918  C C   . PRO A 1 116 ? -2.089  -13.404 -8.401  1.00 33.65 ? 115  PRO A C   1 
ATOM   919  O O   . PRO A 1 116 ? -2.934  -14.272 -8.707  1.00 33.85 ? 115  PRO A O   1 
ATOM   920  C CB  . PRO A 1 116 ? -0.165  -15.058 -8.827  1.00 31.64 ? 115  PRO A CB  1 
ATOM   921  C CG  . PRO A 1 116 ? -0.316  -16.203 -7.890  1.00 30.79 ? 115  PRO A CG  1 
ATOM   922  C CD  . PRO A 1 116 ? -0.515  -15.698 -6.522  1.00 29.97 ? 115  PRO A CD  1 
ATOM   923  N N   . VAL A 1 117 ? -2.385  -12.101 -8.310  1.00 34.40 ? 116  VAL A N   1 
ATOM   924  C CA  . VAL A 1 117 ? -3.733  -11.605 -8.542  1.00 35.69 ? 116  VAL A CA  1 
ATOM   925  C C   . VAL A 1 117 ? -4.036  -11.478 -10.029 1.00 37.68 ? 116  VAL A C   1 
ATOM   926  O O   . VAL A 1 117 ? -5.203  -11.290 -10.401 1.00 39.15 ? 116  VAL A O   1 
ATOM   927  C CB  . VAL A 1 117 ? -4.015  -10.255 -7.816  1.00 35.76 ? 116  VAL A CB  1 
ATOM   928  C CG1 . VAL A 1 117 ? -3.600  -10.342 -6.341  1.00 35.50 ? 116  VAL A CG1 1 
ATOM   929  C CG2 . VAL A 1 117 ? -3.235  -9.113  -8.484  1.00 34.84 ? 116  VAL A CG2 1 
ATOM   930  N N   . GLY A 1 118 ? -3.011  -11.556 -10.881 1.00 39.21 ? 117  GLY A N   1 
ATOM   931  C CA  . GLY A 1 118 ? -3.213  -11.491 -12.338 1.00 40.88 ? 117  GLY A CA  1 
ATOM   932  C C   . GLY A 1 118 ? -3.521  -10.079 -12.837 1.00 42.28 ? 117  GLY A C   1 
ATOM   933  O O   . GLY A 1 118 ? -2.724  -9.145  -12.603 1.00 41.61 ? 117  GLY A O   1 
ATOM   934  N N   . GLN A 1 119 ? -4.673  -9.895  -13.497 1.00 42.84 ? 118  GLN A N   1 
ATOM   935  C CA  . GLN A 1 119 ? -4.901  -8.620  -14.208 1.00 43.84 ? 118  GLN A CA  1 
ATOM   936  C C   . GLN A 1 119 ? -5.374  -7.424  -13.389 1.00 43.25 ? 118  GLN A C   1 
ATOM   937  O O   . GLN A 1 119 ? -6.412  -7.481  -12.700 1.00 43.45 ? 118  GLN A O   1 
ATOM   938  C CB  . GLN A 1 119 ? -5.741  -8.781  -15.466 1.00 43.96 ? 118  GLN A CB  1 
ATOM   939  C CG  . GLN A 1 119 ? -5.105  -7.990  -16.597 1.00 47.21 ? 118  GLN A CG  1 
ATOM   940  C CD  . GLN A 1 119 ? -5.970  -7.886  -17.839 1.00 50.76 ? 118  GLN A CD  1 
ATOM   941  O OE1 . GLN A 1 119 ? -5.512  -8.186  -18.955 1.00 48.27 ? 118  GLN A OE1 1 
ATOM   942  N NE2 . GLN A 1 119 ? -7.235  -7.450  -17.654 1.00 51.11 ? 118  GLN A NE2 1 
ATOM   943  N N   . VAL A 1 120 ? -4.592  -6.351  -13.503 1.00 43.12 ? 119  VAL A N   1 
ATOM   944  C CA  . VAL A 1 120 ? -4.834  -5.101  -12.792 1.00 43.50 ? 119  VAL A CA  1 
ATOM   945  C C   . VAL A 1 120 ? -5.207  -3.987  -13.767 1.00 45.51 ? 119  VAL A C   1 
ATOM   946  O O   . VAL A 1 120 ? -4.389  -3.556  -14.592 1.00 45.71 ? 119  VAL A O   1 
ATOM   947  C CB  . VAL A 1 120 ? -3.610  -4.606  -11.993 1.00 42.94 ? 119  VAL A CB  1 
ATOM   948  C CG1 . VAL A 1 120 ? -3.920  -3.221  -11.368 1.00 41.58 ? 119  VAL A CG1 1 
ATOM   949  C CG2 . VAL A 1 120 ? -3.201  -5.615  -10.930 1.00 39.49 ? 119  VAL A CG2 1 
ATOM   950  N N   . THR A 1 121 ? -6.434  -3.511  -13.647 1.00 46.93 ? 120  THR A N   1 
ATOM   951  C CA  . THR A 1 121 ? -6.954  -2.543  -14.581 1.00 49.27 ? 120  THR A CA  1 
ATOM   952  C C   . THR A 1 121 ? -7.344  -1.325  -13.779 1.00 50.02 ? 120  THR A C   1 
ATOM   953  O O   . THR A 1 121 ? -7.991  -1.447  -12.731 1.00 48.94 ? 120  THR A O   1 
ATOM   954  C CB  . THR A 1 121 ? -8.196  -3.062  -15.331 1.00 48.72 ? 120  THR A CB  1 
ATOM   955  O OG1 . THR A 1 121 ? -9.076  -3.717  -14.408 1.00 51.66 ? 120  THR A OG1 1 
ATOM   956  C CG2 . THR A 1 121 ? -7.822  -4.044  -16.435 1.00 50.42 ? 120  THR A CG2 1 
ATOM   957  N N   . GLU A 1 122 ? -6.926  -0.156  -14.268 1.00 51.35 ? 121  GLU A N   1 
ATOM   958  C CA  . GLU A 1 122 ? -7.351  1.098   -13.677 1.00 52.72 ? 121  GLU A CA  1 
ATOM   959  C C   . GLU A 1 122 ? -8.851  1.005   -13.544 1.00 53.71 ? 121  GLU A C   1 
ATOM   960  O O   . GLU A 1 122 ? -9.539  0.660   -14.484 1.00 53.83 ? 121  GLU A O   1 
ATOM   961  C CB  . GLU A 1 122 ? -6.988  2.299   -14.541 1.00 52.84 ? 121  GLU A CB  1 
ATOM   962  C CG  . GLU A 1 122 ? -7.450  3.632   -13.907 1.00 54.14 ? 121  GLU A CG  1 
ATOM   963  C CD  . GLU A 1 122 ? -7.514  4.788   -14.882 1.00 55.33 ? 121  GLU A CD  1 
ATOM   964  O OE1 . GLU A 1 122 ? -6.695  4.817   -15.832 1.00 54.89 ? 121  GLU A OE1 1 
ATOM   965  O OE2 . GLU A 1 122 ? -8.402  5.662   -14.703 1.00 57.48 ? 121  GLU A OE2 1 
ATOM   966  N N   . TYR A 1 123 ? -9.348  1.282   -12.353 1.00 55.30 ? 122  TYR A N   1 
ATOM   967  C CA  . TYR A 1 123 ? -10.763 1.176   -12.080 1.00 56.60 ? 122  TYR A CA  1 
ATOM   968  C C   . TYR A 1 123 ? -11.318 2.556   -11.841 1.00 57.30 ? 122  TYR A C   1 
ATOM   969  O O   . TYR A 1 123 ? -12.462 2.866   -12.217 1.00 57.15 ? 122  TYR A O   1 
ATOM   970  C CB  . TYR A 1 123 ? -10.999 0.331   -10.833 1.00 56.78 ? 122  TYR A CB  1 
ATOM   971  C CG  . TYR A 1 123 ? -12.270 -0.425  -10.917 1.00 56.68 ? 122  TYR A CG  1 
ATOM   972  C CD1 . TYR A 1 123 ? -12.427 -1.415  -11.891 1.00 58.99 ? 122  TYR A CD1 1 
ATOM   973  C CD2 . TYR A 1 123 ? -13.325 -0.151  -10.057 1.00 57.20 ? 122  TYR A CD2 1 
ATOM   974  C CE1 . TYR A 1 123 ? -13.597 -2.130  -12.012 1.00 60.26 ? 122  TYR A CE1 1 
ATOM   975  C CE2 . TYR A 1 123 ? -14.522 -0.878  -10.154 1.00 60.41 ? 122  TYR A CE2 1 
ATOM   976  C CZ  . TYR A 1 123 ? -14.646 -1.868  -11.143 1.00 60.66 ? 122  TYR A CZ  1 
ATOM   977  O OH  . TYR A 1 123 ? -15.817 -2.602  -11.285 1.00 64.91 ? 122  TYR A OH  1 
ATOM   978  N N   . GLY A 1 124 ? -10.485 3.377   -11.208 1.00 57.85 ? 123  GLY A N   1 
ATOM   979  C CA  . GLY A 1 124 ? -10.828 4.747   -10.944 1.00 58.44 ? 123  GLY A CA  1 
ATOM   980  C C   . GLY A 1 124 ? -11.881 4.749   -9.876  1.00 58.90 ? 123  GLY A C   1 
ATOM   981  O O   . GLY A 1 124 ? -11.609 4.316   -8.755  1.00 58.81 ? 123  GLY A O   1 
ATOM   982  N N   . PHE A 1 125 ? -13.084 5.215   -10.232 1.00 59.58 ? 124  PHE A N   1 
ATOM   983  C CA  . PHE A 1 125 ? -14.130 5.490   -9.233  1.00 60.19 ? 124  PHE A CA  1 
ATOM   984  C C   . PHE A 1 125 ? -14.755 4.239   -8.604  1.00 59.94 ? 124  PHE A C   1 
ATOM   985  O O   . PHE A 1 125 ? -15.137 3.297   -9.306  1.00 59.99 ? 124  PHE A O   1 
ATOM   986  C CB  . PHE A 1 125 ? -15.231 6.430   -9.754  1.00 60.83 ? 124  PHE A CB  1 
ATOM   987  C CG  . PHE A 1 125 ? -16.376 6.577   -8.790  1.00 61.56 ? 124  PHE A CG  1 
ATOM   988  C CD1 . PHE A 1 125 ? -16.162 7.133   -7.518  1.00 61.99 ? 124  PHE A CD1 1 
ATOM   989  C CD2 . PHE A 1 125 ? -17.645 6.108   -9.122  1.00 63.61 ? 124  PHE A CD2 1 
ATOM   990  C CE1 . PHE A 1 125 ? -17.190 7.240   -6.584  1.00 62.54 ? 124  PHE A CE1 1 
ATOM   991  C CE2 . PHE A 1 125 ? -18.699 6.211   -8.195  1.00 66.39 ? 124  PHE A CE2 1 
ATOM   992  C CZ  . PHE A 1 125 ? -18.454 6.785   -6.904  1.00 64.99 ? 124  PHE A CZ  1 
ATOM   993  N N   . LEU A 1 126 ? -14.831 4.260   -7.275  1.00 59.60 ? 125  LEU A N   1 
ATOM   994  C CA  . LEU A 1 126 ? -15.453 3.197   -6.491  1.00 59.91 ? 125  LEU A CA  1 
ATOM   995  C C   . LEU A 1 126 ? -16.045 3.755   -5.219  1.00 59.73 ? 125  LEU A C   1 
ATOM   996  O O   . LEU A 1 126 ? -15.445 4.596   -4.534  1.00 59.10 ? 125  LEU A O   1 
ATOM   997  C CB  . LEU A 1 126 ? -14.444 2.111   -6.095  1.00 60.34 ? 125  LEU A CB  1 
ATOM   998  C CG  . LEU A 1 126 ? -14.920 1.136   -4.999  1.00 60.24 ? 125  LEU A CG  1 
ATOM   999  C CD1 . LEU A 1 126 ? -15.662 -0.074  -5.588  1.00 60.34 ? 125  LEU A CD1 1 
ATOM   1000 C CD2 . LEU A 1 126 ? -13.756 0.692   -4.146  1.00 61.14 ? 125  LEU A CD2 1 
ATOM   1001 N N   . ASN A 1 127 ? -17.221 3.244   -4.895  1.00 59.83 ? 126  ASN A N   1 
ATOM   1002 C CA  . ASN A 1 127 ? -17.873 3.589   -3.654  1.00 60.46 ? 126  ASN A CA  1 
ATOM   1003 C C   . ASN A 1 127 ? -17.318 2.725   -2.514  1.00 60.40 ? 126  ASN A C   1 
ATOM   1004 O O   . ASN A 1 127 ? -17.902 1.695   -2.166  1.00 60.62 ? 126  ASN A O   1 
ATOM   1005 C CB  . ASN A 1 127 ? -19.395 3.424   -3.816  1.00 60.41 ? 126  ASN A CB  1 
ATOM   1006 C CG  . ASN A 1 127 ? -20.164 4.061   -2.697  1.00 60.43 ? 126  ASN A CG  1 
ATOM   1007 O OD1 . ASN A 1 127 ? -19.930 3.760   -1.524  1.00 60.14 ? 126  ASN A OD1 1 
ATOM   1008 N ND2 . ASN A 1 127 ? -21.094 4.956   -3.046  1.00 60.26 ? 126  ASN A ND2 1 
ATOM   1009 N N   . LEU A 1 128 ? -16.207 3.167   -1.925  1.00 60.41 ? 127  LEU A N   1 
ATOM   1010 C CA  . LEU A 1 128 ? -15.415 2.339   -1.005  1.00 60.82 ? 127  LEU A CA  1 
ATOM   1011 C C   . LEU A 1 128 ? -16.010 2.237   0.406   1.00 61.06 ? 127  LEU A C   1 
ATOM   1012 O O   . LEU A 1 128 ? -15.536 2.889   1.369   1.00 60.68 ? 127  LEU A O   1 
ATOM   1013 C CB  . LEU A 1 128 ? -13.955 2.808   -0.955  1.00 60.86 ? 127  LEU A CB  1 
ATOM   1014 C CG  . LEU A 1 128 ? -12.792 1.810   -0.834  1.00 60.93 ? 127  LEU A CG  1 
ATOM   1015 C CD1 . LEU A 1 128 ? -11.491 2.584   -0.735  1.00 59.55 ? 127  LEU A CD1 1 
ATOM   1016 C CD2 . LEU A 1 128 ? -12.939 0.877   0.360   1.00 60.40 ? 127  LEU A CD2 1 
ATOM   1017 N N   . GLY A 1 129 ? -17.025 1.368   0.506   1.00 61.41 ? 128  GLY A N   1 
ATOM   1018 C CA  . GLY A 1 129 ? -17.826 1.199   1.717   1.00 61.35 ? 128  GLY A CA  1 
ATOM   1019 C C   . GLY A 1 129 ? -18.422 2.542   2.098   1.00 61.23 ? 128  GLY A C   1 
ATOM   1020 O O   . GLY A 1 129 ? -18.040 3.137   3.125   1.00 61.37 ? 128  GLY A O   1 
ATOM   1021 N N   . GLY A 1 130 ? -19.324 3.028   1.238   1.00 60.83 ? 129  GLY A N   1 
ATOM   1022 C CA  . GLY A 1 130 ? -19.994 4.324   1.410   1.00 59.66 ? 129  GLY A CA  1 
ATOM   1023 C C   . GLY A 1 130 ? -19.137 5.540   1.088   1.00 58.89 ? 129  GLY A C   1 
ATOM   1024 O O   . GLY A 1 130 ? -19.636 6.677   1.124   1.00 59.05 ? 129  GLY A O   1 
ATOM   1025 N N   . THR A 1 131 ? -17.849 5.332   0.799   1.00 57.60 ? 130  THR A N   1 
ATOM   1026 C CA  . THR A 1 131 ? -16.959 6.474   0.490   1.00 56.11 ? 130  THR A CA  1 
ATOM   1027 C C   . THR A 1 131 ? -16.497 6.479   -0.971  1.00 55.29 ? 130  THR A C   1 
ATOM   1028 O O   . THR A 1 131 ? -15.746 5.602   -1.389  1.00 54.11 ? 130  THR A O   1 
ATOM   1029 C CB  . THR A 1 131 ? -15.761 6.574   1.460   1.00 56.17 ? 130  THR A CB  1 
ATOM   1030 O OG1 . THR A 1 131 ? -16.147 6.064   2.747   1.00 56.24 ? 130  THR A OG1 1 
ATOM   1031 C CG2 . THR A 1 131 ? -15.299 8.026   1.594   1.00 54.96 ? 130  THR A CG2 1 
ATOM   1032 N N   . PRO A 1 132 ? -16.984 7.464   -1.759  1.00 54.91 ? 131  PRO A N   1 
ATOM   1033 C CA  . PRO A 1 132 ? -16.573 7.627   -3.152  1.00 53.59 ? 131  PRO A CA  1 
ATOM   1034 C C   . PRO A 1 132 ? -15.080 7.831   -3.154  1.00 52.10 ? 131  PRO A C   1 
ATOM   1035 O O   . PRO A 1 132 ? -14.576 8.775   -2.510  1.00 51.81 ? 131  PRO A O   1 
ATOM   1036 C CB  . PRO A 1 132 ? -17.268 8.930   -3.590  1.00 53.52 ? 131  PRO A CB  1 
ATOM   1037 C CG  . PRO A 1 132 ? -18.392 9.116   -2.632  1.00 54.53 ? 131  PRO A CG  1 
ATOM   1038 C CD  . PRO A 1 132 ? -17.873 8.566   -1.327  1.00 55.59 ? 131  PRO A CD  1 
ATOM   1039 N N   . THR A 1 133 ? -14.364 6.908   -3.792  1.00 50.65 ? 132  THR A N   1 
ATOM   1040 C CA  . THR A 1 133 ? -12.906 7.028   -3.845  1.00 48.83 ? 132  THR A CA  1 
ATOM   1041 C C   . THR A 1 133 ? -12.464 6.879   -5.259  1.00 48.12 ? 132  THR A C   1 
ATOM   1042 O O   . THR A 1 133 ? -13.091 6.162   -6.053  1.00 48.23 ? 132  THR A O   1 
ATOM   1043 C CB  . THR A 1 133 ? -12.079 6.124   -2.799  1.00 49.02 ? 132  THR A CB  1 
ATOM   1044 O OG1 . THR A 1 133 ? -11.867 4.779   -3.277  1.00 49.32 ? 132  THR A OG1 1 
ATOM   1045 C CG2 . THR A 1 133 ? -12.706 6.109   -1.443  1.00 46.57 ? 132  THR A CG2 1 
ATOM   1046 N N   . LYS A 1 134 ? -11.408 7.607   -5.587  1.00 46.99 ? 133  LYS A N   1 
ATOM   1047 C CA  . LYS A 1 134 ? -10.878 7.590   -6.943  1.00 46.21 ? 133  LYS A CA  1 
ATOM   1048 C C   . LYS A 1 134 ? -9.468  6.968   -7.018  1.00 45.00 ? 133  LYS A C   1 
ATOM   1049 O O   . LYS A 1 134 ? -8.842  6.620   -5.999  1.00 44.68 ? 133  LYS A O   1 
ATOM   1050 C CB  . LYS A 1 134 ? -10.934 9.005   -7.569  1.00 46.60 ? 133  LYS A CB  1 
ATOM   1051 C CG  . LYS A 1 134 ? -12.387 9.514   -7.908  1.00 47.32 ? 133  LYS A CG  1 
ATOM   1052 C CD  . LYS A 1 134 ? -12.427 10.620  -9.015  1.00 48.72 ? 133  LYS A CD  1 
ATOM   1053 C CE  . LYS A 1 134 ? -13.452 11.786  -8.757  1.00 48.54 ? 133  LYS A CE  1 
ATOM   1054 N NZ  . LYS A 1 134 ? -12.862 13.101  -8.200  1.00 44.21 ? 133  LYS A NZ  1 
ATOM   1055 N N   . ARG A 1 135 ? -9.008  6.812   -8.256  1.00 43.96 ? 134  ARG A N   1 
ATOM   1056 C CA  . ARG A 1 135 ? -7.689  6.289   -8.584  1.00 42.96 ? 134  ARG A CA  1 
ATOM   1057 C C   . ARG A 1 135 ? -7.484  4.868   -8.031  1.00 42.27 ? 134  ARG A C   1 
ATOM   1058 O O   . ARG A 1 135 ? -6.425  4.558   -7.455  1.00 42.37 ? 134  ARG A O   1 
ATOM   1059 C CB  . ARG A 1 135 ? -6.610  7.254   -8.105  1.00 41.78 ? 134  ARG A CB  1 
ATOM   1060 C CG  . ARG A 1 135 ? -6.693  8.605   -8.793  1.00 43.55 ? 134  ARG A CG  1 
ATOM   1061 C CD  . ARG A 1 135 ? -5.469  9.448   -8.516  1.00 44.04 ? 134  ARG A CD  1 
ATOM   1062 N NE  . ARG A 1 135 ? -5.717  10.864  -8.728  1.00 46.09 ? 134  ARG A NE  1 
ATOM   1063 C CZ  . ARG A 1 135 ? -5.070  11.843  -8.097  1.00 46.05 ? 134  ARG A CZ  1 
ATOM   1064 N NH1 . ARG A 1 135 ? -4.120  11.569  -7.206  1.00 40.66 ? 134  ARG A NH1 1 
ATOM   1065 N NH2 . ARG A 1 135 ? -5.377  13.111  -8.371  1.00 47.36 ? 134  ARG A NH2 1 
ATOM   1066 N N   . MET A 1 136 ? -8.516  4.037   -8.185  1.00 40.61 ? 135  MET A N   1 
ATOM   1067 C CA  . MET A 1 136 ? -8.462  2.647   -7.762  1.00 39.52 ? 135  MET A CA  1 
ATOM   1068 C C   . MET A 1 136 ? -7.949  1.750   -8.887  1.00 38.65 ? 135  MET A C   1 
ATOM   1069 O O   . MET A 1 136 ? -8.234  2.008   -10.052 1.00 38.66 ? 135  MET A O   1 
ATOM   1070 C CB  . MET A 1 136 ? -9.839  2.157   -7.264  1.00 39.32 ? 135  MET A CB  1 
ATOM   1071 C CG  . MET A 1 136 ? -10.379 2.821   -5.971  1.00 39.27 ? 135  MET A CG  1 
ATOM   1072 S SD  . MET A 1 136 ? -9.652  2.278   -4.418  1.00 39.06 ? 135  MET A SD  1 
ATOM   1073 C CE  . MET A 1 136 ? -8.592  3.640   -4.006  1.00 36.60 ? 135  MET A CE  1 
ATOM   1074 N N   . LEU A 1 137 ? -7.152  0.739   -8.527  1.00 37.59 ? 136  LEU A N   1 
ATOM   1075 C CA  . LEU A 1 137 ? -6.827  -0.392  -9.412  1.00 36.90 ? 136  LEU A CA  1 
ATOM   1076 C C   . LEU A 1 137 ? -7.655  -1.590  -8.949  1.00 36.67 ? 136  LEU A C   1 
ATOM   1077 O O   . LEU A 1 137 ? -7.956  -1.739  -7.765  1.00 37.50 ? 136  LEU A O   1 
ATOM   1078 C CB  . LEU A 1 137 ? -5.324  -0.715  -9.361  1.00 36.02 ? 136  LEU A CB  1 
ATOM   1079 C CG  . LEU A 1 137 ? -4.475  0.559   -9.380  1.00 36.98 ? 136  LEU A CG  1 
ATOM   1080 C CD1 . LEU A 1 137 ? -3.131  0.511   -8.675  1.00 31.72 ? 136  LEU A CD1 1 
ATOM   1081 C CD2 . LEU A 1 137 ? -4.309  1.046   -10.818 1.00 37.83 ? 136  LEU A CD2 1 
ATOM   1082 N N   . MET A 1 138 ? -8.053  -2.419  -9.890  1.00 36.58 ? 137  MET A N   1 
ATOM   1083 C CA  . MET A 1 138 ? -8.791  -3.610  -9.589  1.00 36.88 ? 137  MET A CA  1 
ATOM   1084 C C   . MET A 1 138 ? -8.106  -4.826  -10.167 1.00 36.87 ? 137  MET A C   1 
ATOM   1085 O O   . MET A 1 138 ? -7.447  -4.755  -11.208 1.00 34.75 ? 137  MET A O   1 
ATOM   1086 C CB  . MET A 1 138 ? -10.187 -3.525  -10.157 1.00 37.94 ? 137  MET A CB  1 
ATOM   1087 C CG  . MET A 1 138 ? -11.101 -4.493  -9.477  1.00 39.32 ? 137  MET A CG  1 
ATOM   1088 S SD  . MET A 1 138 ? -11.872 -5.474  -10.739 1.00 49.46 ? 137  MET A SD  1 
ATOM   1089 C CE  . MET A 1 138 ? -10.511 -6.055  -11.778 1.00 43.15 ? 137  MET A CE  1 
ATOM   1090 N N   . TYR A 1 139 ? -8.285  -5.937  -9.464  1.00 36.76 ? 138  TYR A N   1 
ATOM   1091 C CA  . TYR A 1 139 ? -7.769  -7.227  -9.860  1.00 37.26 ? 138  TYR A CA  1 
ATOM   1092 C C   . TYR A 1 139 ? -8.846  -8.178  -9.420  1.00 39.71 ? 138  TYR A C   1 
ATOM   1093 O O   . TYR A 1 139 ? -9.700  -7.845  -8.550  1.00 39.31 ? 138  TYR A O   1 
ATOM   1094 C CB  . TYR A 1 139 ? -6.421  -7.571  -9.169  1.00 36.95 ? 138  TYR A CB  1 
ATOM   1095 C CG  . TYR A 1 139 ? -6.125  -6.791  -7.889  1.00 32.70 ? 138  TYR A CG  1 
ATOM   1096 C CD1 . TYR A 1 139 ? -5.561  -5.511  -7.939  1.00 29.14 ? 138  TYR A CD1 1 
ATOM   1097 C CD2 . TYR A 1 139 ? -6.453  -7.306  -6.638  1.00 30.94 ? 138  TYR A CD2 1 
ATOM   1098 C CE1 . TYR A 1 139 ? -5.294  -4.780  -6.765  1.00 24.99 ? 138  TYR A CE1 1 
ATOM   1099 C CE2 . TYR A 1 139 ? -6.221  -6.580  -5.483  1.00 26.90 ? 138  TYR A CE2 1 
ATOM   1100 C CZ  . TYR A 1 139 ? -5.632  -5.319  -5.568  1.00 25.75 ? 138  TYR A CZ  1 
ATOM   1101 O OH  . TYR A 1 139 ? -5.382  -4.600  -4.421  1.00 24.08 ? 138  TYR A OH  1 
ATOM   1102 N N   . ASN A 1 140 ? -8.855  -9.341  -10.063 1.00 42.45 ? 139  ASN A N   1 
ATOM   1103 C CA  . ASN A 1 140 ? -9.779  -10.400 -9.674  1.00 45.47 ? 139  ASN A CA  1 
ATOM   1104 C C   . ASN A 1 140 ? -9.030  -11.311 -8.759  1.00 47.18 ? 139  ASN A C   1 
ATOM   1105 O O   . ASN A 1 140 ? -8.092  -12.041 -9.177  1.00 47.90 ? 139  ASN A O   1 
ATOM   1106 C CB  . ASN A 1 140 ? -10.319 -11.139 -10.896 1.00 45.03 ? 139  ASN A CB  1 
ATOM   1107 C CG  . ASN A 1 140 ? -11.043 -10.201 -11.833 1.00 46.35 ? 139  ASN A CG  1 
ATOM   1108 O OD1 . ASN A 1 140 ? -12.146 -9.742  -11.514 1.00 44.56 ? 139  ASN A OD1 1 
ATOM   1109 N ND2 . ASN A 1 140 ? -10.399 -9.854  -12.965 1.00 43.00 ? 139  ASN A ND2 1 
ATOM   1110 N N   . PHE A 1 141 ? -9.384  -11.176 -7.488  1.00 48.93 ? 140  PHE A N   1 
ATOM   1111 C CA  . PHE A 1 141 ? -8.892  -12.058 -6.453  1.00 50.83 ? 140  PHE A CA  1 
ATOM   1112 C C   . PHE A 1 141 ? -9.749  -12.046 -5.180  1.00 51.34 ? 140  PHE A C   1 
ATOM   1113 O O   . PHE A 1 141 ? -10.047 -10.970 -4.621  1.00 50.99 ? 140  PHE A O   1 
ATOM   1114 C CB  . PHE A 1 141 ? -7.392  -11.859 -6.139  1.00 51.40 ? 140  PHE A CB  1 
ATOM   1115 C CG  . PHE A 1 141 ? -6.854  -12.931 -5.245  1.00 54.50 ? 140  PHE A CG  1 
ATOM   1116 C CD1 . PHE A 1 141 ? -6.998  -12.828 -3.842  1.00 56.18 ? 140  PHE A CD1 1 
ATOM   1117 C CD2 . PHE A 1 141 ? -6.305  -14.100 -5.790  1.00 55.35 ? 140  PHE A CD2 1 
ATOM   1118 C CE1 . PHE A 1 141 ? -6.569  -13.844 -3.007  1.00 56.08 ? 140  PHE A CE1 1 
ATOM   1119 C CE2 . PHE A 1 141 ? -5.866  -15.124 -4.959  1.00 55.16 ? 140  PHE A CE2 1 
ATOM   1120 C CZ  . PHE A 1 141 ? -5.997  -14.994 -3.569  1.00 57.15 ? 140  PHE A CZ  1 
ATOM   1121 N N   . PRO A 1 142 ? -10.152 -13.270 -4.730  1.00 52.52 ? 141  PRO A N   1 
ATOM   1122 C CA  . PRO A 1 142 ? -10.913 -13.528 -3.522  1.00 53.28 ? 141  PRO A CA  1 
ATOM   1123 C C   . PRO A 1 142 ? -10.185 -13.009 -2.290  1.00 54.62 ? 141  PRO A C   1 
ATOM   1124 O O   . PRO A 1 142 ? -9.827  -13.807 -1.423  1.00 55.02 ? 141  PRO A O   1 
ATOM   1125 C CB  . PRO A 1 142 ? -10.982 -15.069 -3.474  1.00 53.10 ? 141  PRO A CB  1 
ATOM   1126 C CG  . PRO A 1 142 ? -9.929  -15.553 -4.341  1.00 52.00 ? 141  PRO A CG  1 
ATOM   1127 C CD  . PRO A 1 142 ? -9.844  -14.536 -5.430  1.00 52.37 ? 141  PRO A CD  1 
ATOM   1128 N N   . THR A 1 143 ? -9.967  -11.688 -2.220  1.00 55.21 ? 142  THR A N   1 
ATOM   1129 C CA  . THR A 1 143 ? -9.187  -11.096 -1.127  1.00 55.57 ? 142  THR A CA  1 
ATOM   1130 C C   . THR A 1 143 ? -9.856  -11.331 0.220   1.00 55.08 ? 142  THR A C   1 
ATOM   1131 O O   . THR A 1 143 ? -11.038 -11.671 0.272   1.00 55.39 ? 142  THR A O   1 
ATOM   1132 C CB  . THR A 1 143 ? -8.857  -9.584  -1.356  1.00 55.99 ? 142  THR A CB  1 
ATOM   1133 O OG1 . THR A 1 143 ? -9.961  -8.933  -2.024  1.00 58.82 ? 142  THR A OG1 1 
ATOM   1134 C CG2 . THR A 1 143 ? -7.551  -9.440  -2.173  1.00 54.84 ? 142  THR A CG2 1 
ATOM   1135 N N   . ARG A 1 144 ? -9.071  -11.210 1.295   1.00 54.75 ? 143  ARG A N   1 
ATOM   1136 C CA  . ARG A 1 144 ? -9.535  -11.422 2.682   1.00 54.13 ? 143  ARG A CA  1 
ATOM   1137 C C   . ARG A 1 144 ? -9.027  -10.300 3.600   1.00 52.77 ? 143  ARG A C   1 
ATOM   1138 O O   . ARG A 1 144 ? -7.979  -9.682  3.329   1.00 53.01 ? 143  ARG A O   1 
ATOM   1139 C CB  . ARG A 1 144 ? -9.081  -12.799 3.210   1.00 54.77 ? 143  ARG A CB  1 
ATOM   1140 C CG  . ARG A 1 144 ? -10.121 -13.939 3.148   1.00 56.59 ? 143  ARG A CG  1 
ATOM   1141 C CD  . ARG A 1 144 ? -10.328 -14.435 1.704   1.00 60.73 ? 143  ARG A CD  1 
ATOM   1142 N NE  . ARG A 1 144 ? -10.564 -15.883 1.565   1.00 61.44 ? 143  ARG A NE  1 
ATOM   1143 C CZ  . ARG A 1 144 ? -11.254 -16.452 0.570   1.00 62.91 ? 143  ARG A CZ  1 
ATOM   1144 N NH1 . ARG A 1 144 ? -11.803 -15.698 -0.379  1.00 62.68 ? 143  ARG A NH1 1 
ATOM   1145 N NH2 . ARG A 1 144 ? -11.409 -17.779 0.520   1.00 63.32 ? 143  ARG A NH2 1 
ATOM   1146 N N   . ALA A 1 145 ? -9.779  -10.033 4.671   1.00 50.95 ? 144  ALA A N   1 
ATOM   1147 C CA  . ALA A 1 145 ? -9.379  -9.085  5.692   1.00 49.51 ? 144  ALA A CA  1 
ATOM   1148 C C   . ALA A 1 145 ? -8.014  -9.499  6.250   1.00 48.20 ? 144  ALA A C   1 
ATOM   1149 O O   . ALA A 1 145 ? -7.661  -10.668 6.177   1.00 48.95 ? 144  ALA A O   1 
ATOM   1150 C CB  . ALA A 1 145 ? -10.411 -9.046  6.783   1.00 49.28 ? 144  ALA A CB  1 
ATOM   1151 N N   . GLY A 1 146 ? -7.254  -8.551  6.802   1.00 46.47 ? 145  GLY A N   1 
ATOM   1152 C CA  . GLY A 1 146 ? -5.853  -8.789  7.214   1.00 44.11 ? 145  GLY A CA  1 
ATOM   1153 C C   . GLY A 1 146 ? -4.857  -8.400  6.118   1.00 42.18 ? 145  GLY A C   1 
ATOM   1154 O O   . GLY A 1 146 ? -3.678  -8.181  6.384   1.00 41.77 ? 145  GLY A O   1 
ATOM   1155 N N   . GLN A 1 147 ? -5.361  -8.278  4.888   1.00 40.79 ? 146  GLN A N   1 
ATOM   1156 C CA  . GLN A 1 147 ? -4.556  -7.955  3.716   1.00 39.00 ? 146  GLN A CA  1 
ATOM   1157 C C   . GLN A 1 147 ? -4.297  -6.446  3.369   1.00 38.29 ? 146  GLN A C   1 
ATOM   1158 O O   . GLN A 1 147 ? -3.447  -6.128  2.510   1.00 37.39 ? 146  GLN A O   1 
ATOM   1159 C CB  . GLN A 1 147 ? -5.098  -8.731  2.530   1.00 39.04 ? 146  GLN A CB  1 
ATOM   1160 C CG  . GLN A 1 147 ? -4.945  -10.247 2.739   1.00 41.04 ? 146  GLN A CG  1 
ATOM   1161 C CD  . GLN A 1 147 ? -5.765  -11.024 1.764   1.00 41.84 ? 146  GLN A CD  1 
ATOM   1162 O OE1 . GLN A 1 147 ? -6.701  -10.487 1.211   1.00 44.26 ? 146  GLN A OE1 1 
ATOM   1163 N NE2 . GLN A 1 147 ? -5.439  -12.303 1.556   1.00 41.45 ? 146  GLN A NE2 1 
ATOM   1164 N N   . CYS A 1 148 ? -4.972  -5.521  4.048   1.00 36.10 ? 147  CYS A N   1 
ATOM   1165 C CA  . CYS A 1 148 ? -4.800  -4.110  3.747   1.00 34.84 ? 147  CYS A CA  1 
ATOM   1166 C C   . CYS A 1 148 ? -3.447  -3.515  4.057   1.00 33.18 ? 147  CYS A C   1 
ATOM   1167 O O   . CYS A 1 148 ? -2.834  -3.780  5.076   1.00 33.08 ? 147  CYS A O   1 
ATOM   1168 C CB  . CYS A 1 148 ? -5.908  -3.267  4.395   1.00 35.40 ? 147  CYS A CB  1 
ATOM   1169 S SG  . CYS A 1 148 ? -7.352  -3.349  3.379   1.00 42.72 ? 147  CYS A SG  1 
ATOM   1170 N N   . GLY A 1 149 ? -3.006  -2.635  3.181   1.00 31.86 ? 148  GLY A N   1 
ATOM   1171 C CA  . GLY A 1 149 ? -1.627  -2.232  3.216   1.00 29.69 ? 148  GLY A CA  1 
ATOM   1172 C C   . GLY A 1 149 ? -0.822  -3.110  2.276   1.00 28.01 ? 148  GLY A C   1 
ATOM   1173 O O   . GLY A 1 149 ? 0.281   -2.731  1.893   1.00 28.06 ? 148  GLY A O   1 
ATOM   1174 N N   . GLY A 1 150 ? -1.351  -4.288  1.922   1.00 26.12 ? 149  GLY A N   1 
ATOM   1175 C CA  . GLY A 1 150 ? -0.600  -5.181  1.021   1.00 23.06 ? 149  GLY A CA  1 
ATOM   1176 C C   . GLY A 1 150 ? -0.023  -4.317  -0.118  1.00 21.80 ? 149  GLY A C   1 
ATOM   1177 O O   . GLY A 1 150 ? -0.666  -3.360  -0.586  1.00 20.28 ? 149  GLY A O   1 
ATOM   1178 N N   . VAL A 1 151 ? 1.192   -4.648  -0.554  1.00 21.34 ? 150  VAL A N   1 
ATOM   1179 C CA  . VAL A 1 151 ? 1.853   -3.940  -1.671  1.00 19.37 ? 150  VAL A CA  1 
ATOM   1180 C C   . VAL A 1 151 ? 1.639   -4.592  -3.012  1.00 19.95 ? 150  VAL A C   1 
ATOM   1181 O O   . VAL A 1 151 ? 2.013   -5.741  -3.197  1.00 21.74 ? 150  VAL A O   1 
ATOM   1182 C CB  . VAL A 1 151 ? 3.347   -3.807  -1.416  1.00 18.68 ? 150  VAL A CB  1 
ATOM   1183 C CG1 . VAL A 1 151 ? 3.937   -2.870  -2.474  1.00 16.71 ? 150  VAL A CG1 1 
ATOM   1184 C CG2 . VAL A 1 151 ? 3.536   -3.269  -0.049  1.00 11.98 ? 150  VAL A CG2 1 
ATOM   1185 N N   . LEU A 1 152 ? 1.040   -3.867  -3.951  1.00 21.05 ? 151  LEU A N   1 
ATOM   1186 C CA  . LEU A 1 152 ? 0.774   -4.374  -5.297  1.00 22.22 ? 151  LEU A CA  1 
ATOM   1187 C C   . LEU A 1 152 ? 1.894   -4.034  -6.274  1.00 23.90 ? 151  LEU A C   1 
ATOM   1188 O O   . LEU A 1 152 ? 2.218   -2.851  -6.437  1.00 24.25 ? 151  LEU A O   1 
ATOM   1189 C CB  . LEU A 1 152 ? -0.534  -3.774  -5.816  1.00 22.63 ? 151  LEU A CB  1 
ATOM   1190 C CG  . LEU A 1 152 ? -1.105  -4.252  -7.136  1.00 20.40 ? 151  LEU A CG  1 
ATOM   1191 C CD1 . LEU A 1 152 ? -1.672  -5.678  -7.003  1.00 21.80 ? 151  LEU A CD1 1 
ATOM   1192 C CD2 . LEU A 1 152 ? -2.183  -3.223  -7.578  1.00 19.86 ? 151  LEU A CD2 1 
ATOM   1193 N N   . MET A 1 153 ? 2.405   -5.054  -6.971  1.00 24.49 ? 152  MET A N   1 
ATOM   1194 C CA  . MET A 1 153 ? 3.639   -4.977  -7.768  1.00 25.24 ? 152  MET A CA  1 
ATOM   1195 C C   . MET A 1 153 ? 3.629   -5.783  -9.086  1.00 26.44 ? 152  MET A C   1 
ATOM   1196 O O   . MET A 1 153 ? 2.881   -6.738  -9.209  1.00 26.15 ? 152  MET A O   1 
ATOM   1197 C CB  . MET A 1 153 ? 4.828   -5.420  -6.927  1.00 24.29 ? 152  MET A CB  1 
ATOM   1198 C CG  . MET A 1 153 ? 5.197   -4.384  -5.876  1.00 23.30 ? 152  MET A CG  1 
ATOM   1199 S SD  . MET A 1 153 ? 6.445   -4.936  -4.748  1.00 25.57 ? 152  MET A SD  1 
ATOM   1200 C CE  . MET A 1 153 ? 5.519   -6.034  -3.675  1.00 26.51 ? 152  MET A CE  1 
ATOM   1201 N N   . SER A 1 154 ? 4.444   -5.360  -10.071 1.00 27.53 ? 153  SER A N   1 
ATOM   1202 C CA  . SER A 1 154 ? 4.867   -6.226  -11.199 1.00 29.24 ? 153  SER A CA  1 
ATOM   1203 C C   . SER A 1 154 ? 6.324   -5.994  -11.304 1.00 30.16 ? 153  SER A C   1 
ATOM   1204 O O   . SER A 1 154 ? 6.852   -5.208  -10.482 1.00 32.40 ? 153  SER A O   1 
ATOM   1205 C CB  . SER A 1 154 ? 4.188   -5.912  -12.503 1.00 28.02 ? 153  SER A CB  1 
ATOM   1206 O OG  . SER A 1 154 ? 4.069   -4.509  -12.674 1.00 32.28 ? 153  SER A OG  1 
ATOM   1207 N N   . THR A 1 155 ? 6.992   -6.687  -12.244 1.00 30.74 ? 154  THR A N   1 
ATOM   1208 C CA  . THR A 1 155 ? 8.443   -6.532  -12.455 1.00 31.00 ? 154  THR A CA  1 
ATOM   1209 C C   . THR A 1 155 ? 8.719   -5.069  -12.616 1.00 29.78 ? 154  THR A C   1 
ATOM   1210 O O   . THR A 1 155 ? 8.087   -4.411  -13.425 1.00 28.86 ? 154  THR A O   1 
ATOM   1211 C CB  . THR A 1 155 ? 9.006   -7.155  -13.769 1.00 32.09 ? 154  THR A CB  1 
ATOM   1212 O OG1 . THR A 1 155 ? 8.293   -8.339  -14.102 1.00 36.14 ? 154  THR A OG1 1 
ATOM   1213 C CG2 . THR A 1 155 ? 10.475  -7.513  -13.580 1.00 31.29 ? 154  THR A CG2 1 
ATOM   1214 N N   . GLY A 1 156 ? 9.647   -4.568  -11.829 1.00 28.22 ? 155  GLY A N   1 
ATOM   1215 C CA  . GLY A 1 156 ? 10.008  -3.204  -11.945 1.00 28.74 ? 155  GLY A CA  1 
ATOM   1216 C C   . GLY A 1 156 ? 9.031   -2.175  -11.388 1.00 29.24 ? 155  GLY A C   1 
ATOM   1217 O O   . GLY A 1 156 ? 9.397   -1.024  -11.308 1.00 29.21 ? 155  GLY A O   1 
ATOM   1218 N N   . LYS A 1 157 ? 7.822   -2.560  -10.967 1.00 28.98 ? 156  LYS A N   1 
ATOM   1219 C CA  . LYS A 1 157 ? 6.831   -1.519  -10.630 1.00 28.49 ? 156  LYS A CA  1 
ATOM   1220 C C   . LYS A 1 157 ? 6.128   -1.738  -9.332  1.00 28.40 ? 156  LYS A C   1 
ATOM   1221 O O   . LYS A 1 157 ? 5.694   -2.887  -9.024  1.00 29.64 ? 156  LYS A O   1 
ATOM   1222 C CB  . LYS A 1 157 ? 5.766   -1.439  -11.721 1.00 29.36 ? 156  LYS A CB  1 
ATOM   1223 C CG  . LYS A 1 157 ? 6.298   -1.212  -13.145 1.00 26.34 ? 156  LYS A CG  1 
ATOM   1224 C CD  . LYS A 1 157 ? 5.179   -1.528  -14.119 1.00 26.68 ? 156  LYS A CD  1 
ATOM   1225 C CE  . LYS A 1 157 ? 5.607   -1.483  -15.603 1.00 27.82 ? 156  LYS A CE  1 
ATOM   1226 N NZ  . LYS A 1 157 ? 4.485   -2.130  -16.428 1.00 33.32 ? 156  LYS A NZ  1 
ATOM   1227 N N   . VAL A 1 158 ? 5.993   -0.655  -8.554  1.00 27.73 ? 157  VAL A N   1 
ATOM   1228 C CA  . VAL A 1 158 ? 5.098   -0.636  -7.380  1.00 25.14 ? 157  VAL A CA  1 
ATOM   1229 C C   . VAL A 1 158 ? 3.796   0.074   -7.777  1.00 26.47 ? 157  VAL A C   1 
ATOM   1230 O O   . VAL A 1 158 ? 3.767   1.286   -7.877  1.00 26.90 ? 157  VAL A O   1 
ATOM   1231 C CB  . VAL A 1 158 ? 5.726   0.045   -6.184  1.00 24.83 ? 157  VAL A CB  1 
ATOM   1232 C CG1 . VAL A 1 158 ? 4.694   0.177   -5.020  1.00 23.44 ? 157  VAL A CG1 1 
ATOM   1233 C CG2 . VAL A 1 158 ? 6.928   -0.740  -5.710  1.00 22.41 ? 157  VAL A CG2 1 
ATOM   1234 N N   . LEU A 1 159 ? 2.729   -0.676  -8.037  1.00 26.95 ? 158  LEU A N   1 
ATOM   1235 C CA  . LEU A 1 159 ? 1.495   -0.065  -8.540  1.00 27.69 ? 158  LEU A CA  1 
ATOM   1236 C C   . LEU A 1 159 ? 0.701   0.686   -7.480  1.00 27.47 ? 158  LEU A C   1 
ATOM   1237 O O   . LEU A 1 159 ? 0.280   1.824   -7.701  1.00 28.22 ? 158  LEU A O   1 
ATOM   1238 C CB  . LEU A 1 159 ? 0.616   -1.076  -9.229  1.00 26.87 ? 158  LEU A CB  1 
ATOM   1239 C CG  . LEU A 1 159 ? 1.006   -1.691  -10.575 1.00 30.13 ? 158  LEU A CG  1 
ATOM   1240 C CD1 . LEU A 1 159 ? 1.956   -2.880  -10.513 1.00 30.44 ? 158  LEU A CD1 1 
ATOM   1241 C CD2 . LEU A 1 159 ? -0.289  -2.121  -11.252 1.00 32.69 ? 158  LEU A CD2 1 
ATOM   1242 N N   . GLY A 1 160 ? 0.558   0.084   -6.309  1.00 27.13 ? 159  GLY A N   1 
ATOM   1243 C CA  . GLY A 1 160 ? -0.342  0.594   -5.303  1.00 26.19 ? 159  GLY A CA  1 
ATOM   1244 C C   . GLY A 1 160 ? -0.349  -0.208  -4.009  1.00 26.87 ? 159  GLY A C   1 
ATOM   1245 O O   . GLY A 1 160 ? 0.354   -1.228  -3.874  1.00 23.50 ? 159  GLY A O   1 
ATOM   1246 N N   . ILE A 1 161 ? -1.159  0.310   -3.055  1.00 28.10 ? 160  ILE A N   1 
ATOM   1247 C CA  . ILE A 1 161 ? -1.365  -0.215  -1.699  1.00 27.10 ? 160  ILE A CA  1 
ATOM   1248 C C   . ILE A 1 161 ? -2.771  -0.788  -1.670  1.00 28.19 ? 160  ILE A C   1 
ATOM   1249 O O   . ILE A 1 161 ? -3.715  -0.132  -2.074  1.00 29.98 ? 160  ILE A O   1 
ATOM   1250 C CB  . ILE A 1 161 ? -1.283  0.907   -0.669  1.00 27.17 ? 160  ILE A CB  1 
ATOM   1251 C CG1 . ILE A 1 161 ? 0.129   1.516   -0.586  1.00 26.60 ? 160  ILE A CG1 1 
ATOM   1252 C CG2 . ILE A 1 161 ? -1.673  0.434   0.686   1.00 26.02 ? 160  ILE A CG2 1 
ATOM   1253 C CD1 . ILE A 1 161 ? 1.300   0.528   -0.458  1.00 24.99 ? 160  ILE A CD1 1 
ATOM   1254 N N   . HIS A 1 162 ? -2.919  -2.015  -1.197  1.00 28.97 ? 161  HIS A N   1 
ATOM   1255 C CA  . HIS A 1 162 ? -4.221  -2.685  -1.191  1.00 29.18 ? 161  HIS A CA  1 
ATOM   1256 C C   . HIS A 1 162 ? -5.165  -2.074  -0.136  1.00 30.81 ? 161  HIS A C   1 
ATOM   1257 O O   . HIS A 1 162 ? -4.800  -2.006  1.020   1.00 29.65 ? 161  HIS A O   1 
ATOM   1258 C CB  . HIS A 1 162 ? -4.042  -4.149  -0.875  1.00 27.91 ? 161  HIS A CB  1 
ATOM   1259 C CG  . HIS A 1 162 ? -5.334  -4.877  -0.767  1.00 26.81 ? 161  HIS A CG  1 
ATOM   1260 N ND1 . HIS A 1 162 ? -6.041  -5.306  -1.865  1.00 26.79 ? 161  HIS A ND1 1 
ATOM   1261 C CD2 . HIS A 1 162 ? -6.074  -5.214  0.312   1.00 24.51 ? 161  HIS A CD2 1 
ATOM   1262 C CE1 . HIS A 1 162 ? -7.147  -5.911  -1.466  1.00 24.82 ? 161  HIS A CE1 1 
ATOM   1263 N NE2 . HIS A 1 162 ? -7.177  -5.881  -0.146  1.00 21.81 ? 161  HIS A NE2 1 
ATOM   1264 N N   . VAL A 1 163 ? -6.376  -1.666  -0.536  1.00 32.48 ? 162  VAL A N   1 
ATOM   1265 C CA  . VAL A 1 163 ? -7.259  -0.935  0.380   1.00 34.87 ? 162  VAL A CA  1 
ATOM   1266 C C   . VAL A 1 163 ? -8.640  -1.541  0.573   1.00 36.43 ? 162  VAL A C   1 
ATOM   1267 O O   . VAL A 1 163 ? -9.280  -1.342  1.603   1.00 37.71 ? 162  VAL A O   1 
ATOM   1268 C CB  . VAL A 1 163 ? -7.458  0.551   -0.038  1.00 34.64 ? 162  VAL A CB  1 
ATOM   1269 C CG1 . VAL A 1 163 ? -6.148  1.275   0.011   1.00 34.86 ? 162  VAL A CG1 1 
ATOM   1270 C CG2 . VAL A 1 163 ? -8.103  0.670   -1.404  1.00 32.37 ? 162  VAL A CG2 1 
ATOM   1271 N N   . GLY A 1 164 ? -9.115  -2.271  -0.410  1.00 38.87 ? 163  GLY A N   1 
ATOM   1272 C CA  . GLY A 1 164 ? -10.497 -2.681  -0.381  1.00 41.09 ? 163  GLY A CA  1 
ATOM   1273 C C   . GLY A 1 164 ? -10.684 -4.008  -1.019  1.00 43.28 ? 163  GLY A C   1 
ATOM   1274 O O   . GLY A 1 164 ? -9.783  -4.522  -1.651  1.00 43.65 ? 163  GLY A O   1 
ATOM   1275 N N   . GLY A 1 165 ? -11.878 -4.570  -0.852  1.00 45.45 ? 164  GLY A N   1 
ATOM   1276 C CA  . GLY A 1 165 ? -12.204 -5.861  -1.425  1.00 47.11 ? 164  GLY A CA  1 
ATOM   1277 C C   . GLY A 1 165 ? -13.647 -6.236  -1.147  1.00 48.63 ? 164  GLY A C   1 
ATOM   1278 O O   . GLY A 1 165 ? -14.283 -5.747  -0.189  1.00 48.02 ? 164  GLY A O   1 
ATOM   1279 N N   . ASN A 1 166 ? -14.148 -7.093  -2.033  1.00 49.65 ? 165  ASN A N   1 
ATOM   1280 C CA  . ASN A 1 166 ? -15.382 -7.850  -1.870  1.00 50.15 ? 165  ASN A CA  1 
ATOM   1281 C C   . ASN A 1 166 ? -15.178 -9.181  -2.627  1.00 50.54 ? 165  ASN A C   1 
ATOM   1282 O O   . ASN A 1 166 ? -14.829 -9.182  -3.821  1.00 50.69 ? 165  ASN A O   1 
ATOM   1283 C CB  . ASN A 1 166 ? -16.560 -7.041  -2.432  1.00 50.42 ? 165  ASN A CB  1 
ATOM   1284 C CG  . ASN A 1 166 ? -16.346 -6.607  -3.882  1.00 50.78 ? 165  ASN A CG  1 
ATOM   1285 O OD1 . ASN A 1 166 ? -16.182 -7.445  -4.767  1.00 52.98 ? 165  ASN A OD1 1 
ATOM   1286 N ND2 . ASN A 1 166 ? -16.364 -5.290  -4.132  1.00 50.62 ? 165  ASN A ND2 1 
ATOM   1287 N N   . GLY A 1 167 ? -15.294 -10.297 -1.914  1.00 50.26 ? 166  GLY A N   1 
ATOM   1288 C CA  . GLY A 1 167 ? -15.387 -11.624 -2.525  1.00 50.18 ? 166  GLY A CA  1 
ATOM   1289 C C   . GLY A 1 167 ? -14.319 -12.110 -3.490  1.00 50.78 ? 166  GLY A C   1 
ATOM   1290 O O   . GLY A 1 167 ? -13.449 -12.919 -3.102  1.00 51.15 ? 166  GLY A O   1 
ATOM   1291 N N   . HIS A 1 168 ? -14.407 -11.684 -4.758  1.00 50.74 ? 167  HIS A N   1 
ATOM   1292 C CA  . HIS A 1 168 ? -13.392 -12.042 -5.774  1.00 50.32 ? 167  HIS A CA  1 
ATOM   1293 C C   . HIS A 1 168 ? -12.833 -10.800 -6.455  1.00 50.29 ? 167  HIS A C   1 
ATOM   1294 O O   . HIS A 1 168 ? -12.268 -10.891 -7.576  1.00 51.59 ? 167  HIS A O   1 
ATOM   1295 C CB  . HIS A 1 168 ? -13.903 -13.003 -6.858  1.00 50.44 ? 167  HIS A CB  1 
ATOM   1296 C CG  . HIS A 1 168 ? -15.182 -13.694 -6.516  1.00 51.60 ? 167  HIS A CG  1 
ATOM   1297 N ND1 . HIS A 1 168 ? -15.537 -14.897 -7.084  1.00 52.29 ? 167  HIS A ND1 1 
ATOM   1298 C CD2 . HIS A 1 168 ? -16.197 -13.354 -5.680  1.00 53.90 ? 167  HIS A CD2 1 
ATOM   1299 C CE1 . HIS A 1 168 ? -16.713 -15.273 -6.607  1.00 56.99 ? 167  HIS A CE1 1 
ATOM   1300 N NE2 . HIS A 1 168 ? -17.136 -14.356 -5.752  1.00 56.96 ? 167  HIS A NE2 1 
ATOM   1301 N N   . GLN A 1 169 ? -12.997 -9.648  -5.807  1.00 49.04 ? 168  GLN A N   1 
ATOM   1302 C CA  . GLN A 1 169 ? -12.344 -8.431  -6.276  1.00 48.41 ? 168  GLN A CA  1 
ATOM   1303 C C   . GLN A 1 169 ? -11.615 -7.689  -5.170  1.00 46.54 ? 168  GLN A C   1 
ATOM   1304 O O   . GLN A 1 169 ? -12.195 -7.403  -4.109  1.00 47.19 ? 168  GLN A O   1 
ATOM   1305 C CB  . GLN A 1 169 ? -13.349 -7.494  -6.969  1.00 48.60 ? 168  GLN A CB  1 
ATOM   1306 C CG  . GLN A 1 169 ? -13.416 -7.671  -8.479  1.00 49.94 ? 168  GLN A CG  1 
ATOM   1307 C CD  . GLN A 1 169 ? -14.511 -6.807  -9.078  1.00 53.23 ? 168  GLN A CD  1 
ATOM   1308 O OE1 . GLN A 1 169 ? -15.271 -6.170  -8.334  1.00 52.57 ? 168  GLN A OE1 1 
ATOM   1309 N NE2 . GLN A 1 169 ? -14.604 -6.777  -10.423 1.00 53.28 ? 168  GLN A NE2 1 
ATOM   1310 N N   . GLY A 1 170 ? -10.351 -7.369  -5.417  1.00 44.52 ? 169  GLY A N   1 
ATOM   1311 C CA  . GLY A 1 170 ? -9.631  -6.478  -4.512  1.00 41.17 ? 169  GLY A CA  1 
ATOM   1312 C C   . GLY A 1 170 ? -9.323  -5.161  -5.197  1.00 39.20 ? 169  GLY A C   1 
ATOM   1313 O O   . GLY A 1 170 ? -9.275  -5.100  -6.418  1.00 38.77 ? 169  GLY A O   1 
ATOM   1314 N N   . PHE A 1 171 ? -9.088  -4.121  -4.405  1.00 37.17 ? 170  PHE A N   1 
ATOM   1315 C CA  . PHE A 1 171 ? -8.764  -2.798  -4.919  1.00 35.41 ? 170  PHE A CA  1 
ATOM   1316 C C   . PHE A 1 171 ? -7.592  -2.155  -4.189  1.00 34.30 ? 170  PHE A C   1 
ATOM   1317 O O   . PHE A 1 171 ? -7.527  -2.189  -2.942  1.00 33.75 ? 170  PHE A O   1 
ATOM   1318 C CB  . PHE A 1 171 ? -9.961  -1.889  -4.755  1.00 35.43 ? 170  PHE A CB  1 
ATOM   1319 C CG  . PHE A 1 171 ? -11.156 -2.288  -5.592  1.00 37.66 ? 170  PHE A CG  1 
ATOM   1320 C CD1 . PHE A 1 171 ? -11.795 -3.522  -5.403  1.00 37.24 ? 170  PHE A CD1 1 
ATOM   1321 C CD2 . PHE A 1 171 ? -11.655 -1.415  -6.555  1.00 37.14 ? 170  PHE A CD2 1 
ATOM   1322 C CE1 . PHE A 1 171 ? -12.891 -3.883  -6.164  1.00 35.72 ? 170  PHE A CE1 1 
ATOM   1323 C CE2 . PHE A 1 171 ? -12.764 -1.753  -7.293  1.00 35.74 ? 170  PHE A CE2 1 
ATOM   1324 C CZ  . PHE A 1 171 ? -13.378 -2.995  -7.111  1.00 36.90 ? 170  PHE A CZ  1 
ATOM   1325 N N   . SER A 1 172 ? -6.699  -1.560  -4.977  1.00 32.33 ? 171  SER A N   1 
ATOM   1326 C CA  . SER A 1 172 ? -5.506  -0.841  -4.487  1.00 31.70 ? 171  SER A CA  1 
ATOM   1327 C C   . SER A 1 172 ? -5.619  0.621   -4.813  1.00 30.76 ? 171  SER A C   1 
ATOM   1328 O O   . SER A 1 172 ? -6.137  1.001   -5.876  1.00 31.35 ? 171  SER A O   1 
ATOM   1329 C CB  . SER A 1 172 ? -4.210  -1.353  -5.162  1.00 31.25 ? 171  SER A CB  1 
ATOM   1330 O OG  . SER A 1 172 ? -3.755  -2.603  -4.629  1.00 30.28 ? 171  SER A OG  1 
ATOM   1331 N N   . ALA A 1 173 ? -5.129  1.434   -3.907  1.00 29.44 ? 172  ALA A N   1 
ATOM   1332 C CA  . ALA A 1 173 ? -4.982  2.843   -4.162  1.00 29.69 ? 172  ALA A CA  1 
ATOM   1333 C C   . ALA A 1 173 ? -3.657  2.976   -4.875  1.00 30.05 ? 172  ALA A C   1 
ATOM   1334 O O   . ALA A 1 173 ? -2.614  2.520   -4.365  1.00 29.12 ? 172  ALA A O   1 
ATOM   1335 C CB  . ALA A 1 173 ? -4.967  3.605   -2.846  1.00 27.63 ? 172  ALA A CB  1 
ATOM   1336 N N   . ALA A 1 174 ? -3.708  3.547   -6.072  1.00 31.41 ? 173  ALA A N   1 
ATOM   1337 C CA  . ALA A 1 174 ? -2.531  3.733   -6.920  1.00 31.97 ? 173  ALA A CA  1 
ATOM   1338 C C   . ALA A 1 174 ? -1.494  4.595   -6.235  1.00 31.75 ? 173  ALA A C   1 
ATOM   1339 O O   . ALA A 1 174 ? -1.819  5.609   -5.722  1.00 32.59 ? 173  ALA A O   1 
ATOM   1340 C CB  . ALA A 1 174 ? -2.946  4.382   -8.209  1.00 32.75 ? 173  ALA A CB  1 
ATOM   1341 N N   . LEU A 1 175 ? -0.236  4.189   -6.264  1.00 32.01 ? 174  LEU A N   1 
ATOM   1342 C CA  . LEU A 1 175 ? 0.809   4.841   -5.490  1.00 31.95 ? 174  LEU A CA  1 
ATOM   1343 C C   . LEU A 1 175 ? 1.695   5.670   -6.443  1.00 32.37 ? 174  LEU A C   1 
ATOM   1344 O O   . LEU A 1 175 ? 2.609   5.139   -7.111  1.00 32.76 ? 174  LEU A O   1 
ATOM   1345 C CB  . LEU A 1 175 ? 1.596   3.764   -4.745  1.00 31.14 ? 174  LEU A CB  1 
ATOM   1346 C CG  . LEU A 1 175 ? 2.429   4.227   -3.579  1.00 31.70 ? 174  LEU A CG  1 
ATOM   1347 C CD1 . LEU A 1 175 ? 1.638   5.013   -2.484  1.00 27.74 ? 174  LEU A CD1 1 
ATOM   1348 C CD2 . LEU A 1 175 ? 3.213   3.026   -3.012  1.00 34.24 ? 174  LEU A CD2 1 
ATOM   1349 N N   . LEU A 1 176 ? 1.393   6.970   -6.530  1.00 33.27 ? 175  LEU A N   1 
ATOM   1350 C CA  . LEU A 1 176 ? 1.923   7.836   -7.602  1.00 33.15 ? 175  LEU A CA  1 
ATOM   1351 C C   . LEU A 1 176 ? 3.047   8.719   -7.132  1.00 34.87 ? 175  LEU A C   1 
ATOM   1352 O O   . LEU A 1 176 ? 3.139   9.063   -5.947  1.00 34.33 ? 175  LEU A O   1 
ATOM   1353 C CB  . LEU A 1 176 ? 0.836   8.684   -8.277  1.00 32.56 ? 175  LEU A CB  1 
ATOM   1354 C CG  . LEU A 1 176 ? -0.438  7.983   -8.734  1.00 27.67 ? 175  LEU A CG  1 
ATOM   1355 C CD1 . LEU A 1 176 ? -1.424  8.996   -9.251  1.00 29.28 ? 175  LEU A CD1 1 
ATOM   1356 C CD2 . LEU A 1 176 ? -0.098  6.948   -9.762  1.00 29.28 ? 175  LEU A CD2 1 
ATOM   1357 N N   . LYS A 1 177 ? 3.915   9.069   -8.091  1.00 36.63 ? 176  LYS A N   1 
ATOM   1358 C CA  . LYS A 1 177 ? 5.221   9.597   -7.763  1.00 37.70 ? 176  LYS A CA  1 
ATOM   1359 C C   . LYS A 1 177 ? 5.057   10.873  -7.006  1.00 38.87 ? 176  LYS A C   1 
ATOM   1360 O O   . LYS A 1 177 ? 5.828   11.159  -6.071  1.00 39.74 ? 176  LYS A O   1 
ATOM   1361 C CB  . LYS A 1 177 ? 6.090   9.834   -9.018  1.00 38.48 ? 176  LYS A CB  1 
ATOM   1362 C CG  . LYS A 1 177 ? 7.600   9.847   -8.701  1.00 38.92 ? 176  LYS A CG  1 
ATOM   1363 C CD  . LYS A 1 177 ? 8.511   9.981   -9.914  1.00 42.97 ? 176  LYS A CD  1 
ATOM   1364 C CE  . LYS A 1 177 ? 8.782   8.624   -10.578 1.00 42.04 ? 176  LYS A CE  1 
ATOM   1365 N NZ  . LYS A 1 177 ? 7.653   8.369   -11.507 1.00 43.03 ? 176  LYS A NZ  1 
ATOM   1366 N N   . HIS A 1 178 ? 4.047   11.644  -7.396  1.00 39.69 ? 177  HIS A N   1 
ATOM   1367 C CA  . HIS A 1 178 ? 4.001   13.039  -6.959  1.00 40.18 ? 177  HIS A CA  1 
ATOM   1368 C C   . HIS A 1 178 ? 3.456   13.212  -5.557  1.00 40.21 ? 177  HIS A C   1 
ATOM   1369 O O   . HIS A 1 178 ? 3.540   14.301  -4.976  1.00 40.45 ? 177  HIS A O   1 
ATOM   1370 C CB  . HIS A 1 178 ? 3.250   13.927  -7.963  1.00 40.66 ? 177  HIS A CB  1 
ATOM   1371 C CG  . HIS A 1 178 ? 1.776   13.689  -8.003  1.00 39.32 ? 177  HIS A CG  1 
ATOM   1372 N ND1 . HIS A 1 178 ? 1.182   12.935  -8.987  1.00 39.51 ? 177  HIS A ND1 1 
ATOM   1373 C CD2 . HIS A 1 178 ? 0.775   14.146  -7.216  1.00 40.32 ? 177  HIS A CD2 1 
ATOM   1374 C CE1 . HIS A 1 178 ? -0.126  12.910  -8.785  1.00 40.56 ? 177  HIS A CE1 1 
ATOM   1375 N NE2 . HIS A 1 178 ? -0.399  13.641  -7.719  1.00 39.89 ? 177  HIS A NE2 1 
ATOM   1376 N N   . TYR A 1 179 ? 2.931   12.136  -4.983  1.00 39.77 ? 178  TYR A N   1 
ATOM   1377 C CA  . TYR A 1 179 ? 2.492   12.222  -3.611  1.00 38.66 ? 178  TYR A CA  1 
ATOM   1378 C C   . TYR A 1 179 ? 3.732   12.435  -2.808  1.00 38.79 ? 178  TYR A C   1 
ATOM   1379 O O   . TYR A 1 179 ? 3.649   12.786  -1.644  1.00 38.60 ? 178  TYR A O   1 
ATOM   1380 C CB  . TYR A 1 179 ? 1.718   10.963  -3.148  1.00 38.49 ? 178  TYR A CB  1 
ATOM   1381 C CG  . TYR A 1 179 ? 0.438   10.645  -3.909  1.00 33.60 ? 178  TYR A CG  1 
ATOM   1382 C CD1 . TYR A 1 179 ? -0.339  11.637  -4.495  1.00 30.42 ? 178  TYR A CD1 1 
ATOM   1383 C CD2 . TYR A 1 179 ? -0.021  9.348   -3.968  1.00 29.65 ? 178  TYR A CD2 1 
ATOM   1384 C CE1 . TYR A 1 179 ? -1.520  11.318  -5.162  1.00 26.92 ? 178  TYR A CE1 1 
ATOM   1385 C CE2 . TYR A 1 179 ? -1.168  9.020   -4.636  1.00 24.75 ? 178  TYR A CE2 1 
ATOM   1386 C CZ  . TYR A 1 179 ? -1.915  9.999   -5.222  1.00 24.30 ? 178  TYR A CZ  1 
ATOM   1387 O OH  . TYR A 1 179 ? -3.039  9.618   -5.904  1.00 25.92 ? 178  TYR A OH  1 
ATOM   1388 N N   . PHE A 1 180 ? 4.888   12.245  -3.432  1.00 40.23 ? 179  PHE A N   1 
ATOM   1389 C CA  . PHE A 1 180 ? 6.161   12.297  -2.697  1.00 42.54 ? 179  PHE A CA  1 
ATOM   1390 C C   . PHE A 1 180 ? 7.160   13.304  -3.284  1.00 44.82 ? 179  PHE A C   1 
ATOM   1391 O O   . PHE A 1 180 ? 7.402   13.349  -4.505  1.00 44.55 ? 179  PHE A O   1 
ATOM   1392 C CB  . PHE A 1 180 ? 6.785   10.896  -2.582  1.00 42.33 ? 179  PHE A CB  1 
ATOM   1393 C CG  . PHE A 1 180 ? 5.868   9.859   -1.946  1.00 41.08 ? 179  PHE A CG  1 
ATOM   1394 C CD1 . PHE A 1 180 ? 5.783   9.743   -0.565  1.00 41.87 ? 179  PHE A CD1 1 
ATOM   1395 C CD2 . PHE A 1 180 ? 5.091   9.004   -2.747  1.00 39.75 ? 179  PHE A CD2 1 
ATOM   1396 C CE1 . PHE A 1 180 ? 4.940   8.786   0.012   1.00 41.12 ? 179  PHE A CE1 1 
ATOM   1397 C CE2 . PHE A 1 180 ? 4.244   8.047   -2.188  1.00 38.22 ? 179  PHE A CE2 1 
ATOM   1398 C CZ  . PHE A 1 180 ? 4.168   7.946   -0.812  1.00 40.39 ? 179  PHE A CZ  1 
ATOM   1399 N N   . ASN A 1 181 ? 7.791   14.048  -2.381  1.00 47.88 ? 180  ASN A N   1 
ATOM   1400 C CA  . ASN A 1 181 ? 8.211   15.447  -2.622  1.00 50.52 ? 180  ASN A CA  1 
ATOM   1401 C C   . ASN A 1 181 ? 8.015   15.953  -4.040  1.00 51.21 ? 180  ASN A C   1 
ATOM   1402 O O   . ASN A 1 181 ? 6.871   16.095  -4.477  1.00 53.24 ? 180  ASN A O   1 
ATOM   1403 C CB  . ASN A 1 181 ? 9.627   15.755  -2.125  1.00 51.29 ? 180  ASN A CB  1 
ATOM   1404 C CG  . ASN A 1 181 ? 9.810   17.235  -1.846  1.00 54.55 ? 180  ASN A CG  1 
ATOM   1405 O OD1 . ASN A 1 181 ? 8.997   17.836  -1.139  1.00 58.09 ? 180  ASN A OD1 1 
ATOM   1406 N ND2 . ASN A 1 181 ? 10.858  17.840  -2.421  1.00 58.70 ? 180  ASN A ND2 1 
HETATM 1407 O O88 . G74 B 2 .   ? -7.785  -6.082  5.703   1.00 70.16 ? 1181 G74 A O88 1 
HETATM 1408 C C84 . G74 B 2 .   ? -8.088  -5.056  6.303   1.00 67.81 ? 1181 G74 A C84 1 
HETATM 1409 O O86 . G74 B 2 .   ? -8.060  -5.003  7.777   1.00 68.30 ? 1181 G74 A O86 1 
HETATM 1410 C C3  . G74 B 2 .   ? -6.838  -5.105  8.547   1.00 67.79 ? 1181 G74 A C3  1 
HETATM 1411 C C5  . G74 B 2 .   ? -5.582  -5.236  7.685   1.00 65.78 ? 1181 G74 A C5  1 
HETATM 1412 C C82 . G74 B 2 .   ? -8.475  -3.853  5.485   1.00 65.21 ? 1181 G74 A C82 1 
HETATM 1413 C C63 . G74 B 2 .   ? -8.796  -4.252  4.031   1.00 59.93 ? 1181 G74 A C63 1 
HETATM 1414 C C57 . G74 B 2 .   ? -10.307 -4.496  3.920   1.00 63.76 ? 1181 G74 A C57 1 
HETATM 1415 C C59 . G74 B 2 .   ? -10.703 -5.050  2.560   1.00 64.13 ? 1181 G74 A C59 1 
HETATM 1416 C C61 . G74 B 2 .   ? -10.790 -6.560  2.702   1.00 64.69 ? 1181 G74 A C61 1 
HETATM 1417 C C73 . G74 B 2 .   ? -12.216 -7.077  2.908   1.00 64.39 ? 1181 G74 A C73 1 
HETATM 1418 C C71 . G74 B 2 .   ? -12.542 -7.985  1.715   1.00 66.13 ? 1181 G74 A C71 1 
HETATM 1419 N N69 . G74 B 2 .   ? -11.323 -7.847  0.924   1.00 67.06 ? 1181 G74 A N69 1 
HETATM 1420 C C65 . G74 B 2 .   ? -10.368 -7.199  1.430   1.00 65.40 ? 1181 G74 A C65 1 
HETATM 1421 O O66 . G74 B 2 .   ? -9.237  -7.109  1.007   1.00 64.46 ? 1181 G74 A O66 1 
HETATM 1422 N N49 . G74 B 2 .   ? -10.920 -3.174  4.007   1.00 66.03 ? 1181 G74 A N49 1 
HETATM 1423 C C39 . G74 B 2 .   ? -11.498 -2.701  5.133   1.00 67.49 ? 1181 G74 A C39 1 
HETATM 1424 O O47 . G74 B 2 .   ? -11.560 -3.360  6.167   1.00 67.13 ? 1181 G74 A O47 1 
HETATM 1425 O O37 . G74 B 2 .   ? -12.063 -1.347  5.175   1.00 66.70 ? 1181 G74 A O37 1 
HETATM 1426 C C1  . G74 B 2 .   ? -12.862 -0.759  4.136   1.00 67.70 ? 1181 G74 A C1  1 
HETATM 1427 C C2  . G74 B 2 .   ? -12.540 0.741   4.072   1.00 67.30 ? 1181 G74 A C2  1 
HETATM 1428 C C4  . G74 B 2 .   ? -12.567 -1.399  2.778   1.00 67.29 ? 1181 G74 A C4  1 
HETATM 1429 C C6  . G74 B 2 .   ? -14.333 -0.973  4.491   1.00 67.64 ? 1181 G74 A C6  1 
HETATM 1430 O O   . HOH C 3 .   ? 14.206  -11.583 -5.107  1.00 26.09 ? 2001 HOH A O   1 
HETATM 1431 O O   . HOH C 3 .   ? 13.323  -4.905  -5.206  1.00 33.78 ? 2002 HOH A O   1 
HETATM 1432 O O   . HOH C 3 .   ? 8.252   -0.039  6.327   1.00 32.01 ? 2003 HOH A O   1 
HETATM 1433 O O   . HOH C 3 .   ? -1.584  -6.466  5.423   1.00 27.69 ? 2004 HOH A O   1 
HETATM 1434 O O   . HOH C 3 .   ? 1.475   -0.007  3.129   1.00 39.51 ? 2005 HOH A O   1 
HETATM 1435 O O   . HOH C 3 .   ? -14.809 7.056   5.130   1.00 44.35 ? 2006 HOH A O   1 
HETATM 1436 O O   . HOH C 3 .   ? 0.104   2.310   18.483  1.00 41.36 ? 2007 HOH A O   1 
HETATM 1437 O O   . HOH C 3 .   ? 3.522   -7.316  19.728  1.00 45.08 ? 2008 HOH A O   1 
HETATM 1438 O O   . HOH C 3 .   ? 4.793   -10.300 17.504  1.00 32.66 ? 2009 HOH A O   1 
HETATM 1439 O O   . HOH C 3 .   ? 2.318   18.024  11.392  1.00 45.31 ? 2010 HOH A O   1 
HETATM 1440 O O   . HOH C 3 .   ? 18.221  5.132   -0.823  1.00 43.37 ? 2011 HOH A O   1 
HETATM 1441 O O   . HOH C 3 .   ? 14.761  8.903   -6.379  1.00 36.38 ? 2012 HOH A O   1 
HETATM 1442 O O   . HOH C 3 .   ? 15.345  13.571  -1.392  1.00 41.96 ? 2013 HOH A O   1 
HETATM 1443 O O   . HOH C 3 .   ? 2.504   3.597   -9.428  1.00 42.30 ? 2014 HOH A O   1 
HETATM 1444 O O   . HOH C 3 .   ? -3.646  6.106   -16.762 1.00 49.61 ? 2015 HOH A O   1 
HETATM 1445 O O   . HOH C 3 .   ? -2.869  3.526   -17.728 1.00 56.34 ? 2016 HOH A O   1 
HETATM 1446 O O   . HOH C 3 .   ? -3.564  -1.919  -20.083 1.00 39.87 ? 2017 HOH A O   1 
HETATM 1447 O O   . HOH C 3 .   ? -9.267  -13.184 7.168   1.00 34.60 ? 2018 HOH A O   1 
HETATM 1448 O O   . HOH C 3 .   ? -11.322 6.197   -14.706 1.00 43.25 ? 2019 HOH A O   1 
HETATM 1449 O O   . HOH C 3 .   ? -3.466  14.667  -7.059  1.00 31.08 ? 2020 HOH A O   1 
HETATM 1450 O O   . HOH C 3 .   ? -13.452 -11.474 1.267   1.00 43.60 ? 2021 HOH A O   1 
HETATM 1451 O O   . HOH C 3 .   ? 6.257   -5.016  -14.893 1.00 28.75 ? 2022 HOH A O   1 
# 
